data_2O2V
# 
_entry.id   2O2V 
# 
_audit_conform.dict_name       mmcif_pdbx.dic 
_audit_conform.dict_version    5.377 
_audit_conform.dict_location   http://mmcif.pdb.org/dictionaries/ascii/mmcif_pdbx.dic 
# 
loop_
_database_2.database_id 
_database_2.database_code 
_database_2.pdbx_database_accession 
_database_2.pdbx_DOI 
PDB   2O2V         pdb_00002o2v 10.2210/pdb2o2v/pdb 
RCSB  RCSB040617   ?            ?                   
WWPDB D_1000040617 ?            ?                   
# 
_pdbx_database_status.entry_id                        2O2V 
_pdbx_database_status.deposit_site                    RCSB 
_pdbx_database_status.process_site                    RCSB 
_pdbx_database_status.recvd_initial_deposition_date   2006-11-30 
_pdbx_database_status.status_code                     REL 
_pdbx_database_status.status_code_sf                  REL 
_pdbx_database_status.status_code_mr                  ? 
_pdbx_database_status.SG_entry                        Y 
_pdbx_database_status.pdb_format_compatible           Y 
_pdbx_database_status.status_code_cs                  ? 
_pdbx_database_status.methods_development_category    ? 
_pdbx_database_status.status_code_nmr_data            ? 
# 
loop_
_audit_author.name 
_audit_author.pdbx_ordinal 
'Filippakopoulos, P.'                  1 
'Savitsky, P.'                         2 
'Ugochukwu, E.'                        3 
'Edwards, A.'                          4 
'Arrowsmith, C.'                       5 
'Sundstrom, M.'                        6 
'von Delft, F.'                        7 
'Knapp, S.'                            8 
'Structural Genomics Consortium (SGC)' 9 
# 
_citation.id                        primary 
_citation.title                     
;Crystal Structure of the Complex of Human Mitogen Activated Protein Kinase Kinase 5 Phox Domain (MAP2K5-phox) with Human Mitogen Activated Protein Kinase Kinase Kinase 3 (MAP3K3B-phox)
;
_citation.journal_abbrev            'To be Published' 
_citation.journal_volume            ? 
_citation.page_first                ? 
_citation.page_last                 ? 
_citation.year                      ? 
_citation.journal_id_ASTM           ? 
_citation.country                   ? 
_citation.journal_id_ISSN           ? 
_citation.journal_id_CSD            0353 
_citation.book_publisher            ? 
_citation.pdbx_database_id_PubMed   ? 
_citation.pdbx_database_id_DOI      ? 
# 
loop_
_citation_author.citation_id 
_citation_author.name 
_citation_author.ordinal 
_citation_author.identifier_ORCID 
primary 'Filippakopoulos, P.' 1 ? 
primary 'Savitsky, P.'        2 ? 
primary 'Ugochukwu, E.'       3 ? 
primary 'Edwards, A.'         4 ? 
primary 'Arrowsmith, C.'      5 ? 
primary 'Sundstrom, M.'       6 ? 
primary 'von Delft, F.'       7 ? 
primary 'Knapp, S.'           8 ? 
# 
_cell.length_a           87.654 
_cell.length_b           87.654 
_cell.length_c           55.408 
_cell.angle_alpha        90.000 
_cell.angle_beta         90.000 
_cell.angle_gamma        90.000 
_cell.entry_id           2O2V 
_cell.pdbx_unique_axis   ? 
_cell.Z_PDB              8 
_cell.length_a_esd       ? 
_cell.length_b_esd       ? 
_cell.length_c_esd       ? 
_cell.angle_alpha_esd    ? 
_cell.angle_beta_esd     ? 
_cell.angle_gamma_esd    ? 
# 
_symmetry.space_group_name_H-M             'P 41 21 2' 
_symmetry.entry_id                         2O2V 
_symmetry.Int_Tables_number                92 
_symmetry.pdbx_full_space_group_name_H-M   ? 
_symmetry.cell_setting                     ? 
_symmetry.space_group_name_Hall            ? 
# 
loop_
_entity.id 
_entity.type 
_entity.src_method 
_entity.pdbx_description 
_entity.formula_weight 
_entity.pdbx_number_of_molecules 
_entity.pdbx_ec 
_entity.pdbx_mutation 
_entity.pdbx_fragment 
_entity.details 
1 polymer man 'Dual specificity mitogen-activated protein kinase kinase 5' 11941.498 1   2.7.12.2  ? MAP2K5-phox  ? 
2 polymer man 'Mitogen-activated protein kinase kinase kinase 3'           10484.896 1   2.7.11.25 ? MAP3K3B-phox ? 
3 water   nat water                                                        18.015    141 ?         ? ?            ? 
# 
loop_
_entity_name_com.entity_id 
_entity_name_com.name 
1 'MAP kinase kinase 5, MAPKK 5, MAPK/ERK kinase 5' 
2 'MAPK/ERK kinase kinase 3, MEK kinase 3, MEKK 3'  
# 
loop_
_entity_poly.entity_id 
_entity_poly.type 
_entity_poly.nstd_linkage 
_entity_poly.nstd_monomer 
_entity_poly.pdbx_seq_one_letter_code 
_entity_poly.pdbx_seq_one_letter_code_can 
_entity_poly.pdbx_strand_id 
_entity_poly.pdbx_target_identifier 
1 'polypeptide(L)' no no 
;SMALGPFPAMENQVLVIRIKIPNSGAVDWTVHSGPQLLFRDVLDVIGQVLPEATTTAFEYEDEDGDRITVRSDEEMKAML
SYYYSTVMEQQVNGQLIEPLQIFPRA
;
;SMALGPFPAMENQVLVIRIKIPNSGAVDWTVHSGPQLLFRDVLDVIGQVLPEATTTAFEYEDEDGDRITVRSDEEMKAML
SYYYSTVMEQQVNGQLIEPLQIFPRA
;
A ? 
2 'polypeptide(L)' no no 
;SMGHSNRQSDVRIKFEHNGERRIIAFSRPVKYEDVEHKVTTVFGQPLDLHYMNNELSILLKNQDDLDKAIDILDRSSSMK
SLRILLLSQD
;
;SMGHSNRQSDVRIKFEHNGERRIIAFSRPVKYEDVEHKVTTVFGQPLDLHYMNNELSILLKNQDDLDKAIDILDRSSSMK
SLRILLLSQD
;
B ? 
# 
loop_
_entity_poly_seq.entity_id 
_entity_poly_seq.num 
_entity_poly_seq.mon_id 
_entity_poly_seq.hetero 
1 1   SER n 
1 2   MET n 
1 3   ALA n 
1 4   LEU n 
1 5   GLY n 
1 6   PRO n 
1 7   PHE n 
1 8   PRO n 
1 9   ALA n 
1 10  MET n 
1 11  GLU n 
1 12  ASN n 
1 13  GLN n 
1 14  VAL n 
1 15  LEU n 
1 16  VAL n 
1 17  ILE n 
1 18  ARG n 
1 19  ILE n 
1 20  LYS n 
1 21  ILE n 
1 22  PRO n 
1 23  ASN n 
1 24  SER n 
1 25  GLY n 
1 26  ALA n 
1 27  VAL n 
1 28  ASP n 
1 29  TRP n 
1 30  THR n 
1 31  VAL n 
1 32  HIS n 
1 33  SER n 
1 34  GLY n 
1 35  PRO n 
1 36  GLN n 
1 37  LEU n 
1 38  LEU n 
1 39  PHE n 
1 40  ARG n 
1 41  ASP n 
1 42  VAL n 
1 43  LEU n 
1 44  ASP n 
1 45  VAL n 
1 46  ILE n 
1 47  GLY n 
1 48  GLN n 
1 49  VAL n 
1 50  LEU n 
1 51  PRO n 
1 52  GLU n 
1 53  ALA n 
1 54  THR n 
1 55  THR n 
1 56  THR n 
1 57  ALA n 
1 58  PHE n 
1 59  GLU n 
1 60  TYR n 
1 61  GLU n 
1 62  ASP n 
1 63  GLU n 
1 64  ASP n 
1 65  GLY n 
1 66  ASP n 
1 67  ARG n 
1 68  ILE n 
1 69  THR n 
1 70  VAL n 
1 71  ARG n 
1 72  SER n 
1 73  ASP n 
1 74  GLU n 
1 75  GLU n 
1 76  MET n 
1 77  LYS n 
1 78  ALA n 
1 79  MET n 
1 80  LEU n 
1 81  SER n 
1 82  TYR n 
1 83  TYR n 
1 84  TYR n 
1 85  SER n 
1 86  THR n 
1 87  VAL n 
1 88  MET n 
1 89  GLU n 
1 90  GLN n 
1 91  GLN n 
1 92  VAL n 
1 93  ASN n 
1 94  GLY n 
1 95  GLN n 
1 96  LEU n 
1 97  ILE n 
1 98  GLU n 
1 99  PRO n 
1 100 LEU n 
1 101 GLN n 
1 102 ILE n 
1 103 PHE n 
1 104 PRO n 
1 105 ARG n 
1 106 ALA n 
2 1   SER n 
2 2   MET n 
2 3   GLY n 
2 4   HIS n 
2 5   SER n 
2 6   ASN n 
2 7   ARG n 
2 8   GLN n 
2 9   SER n 
2 10  ASP n 
2 11  VAL n 
2 12  ARG n 
2 13  ILE n 
2 14  LYS n 
2 15  PHE n 
2 16  GLU n 
2 17  HIS n 
2 18  ASN n 
2 19  GLY n 
2 20  GLU n 
2 21  ARG n 
2 22  ARG n 
2 23  ILE n 
2 24  ILE n 
2 25  ALA n 
2 26  PHE n 
2 27  SER n 
2 28  ARG n 
2 29  PRO n 
2 30  VAL n 
2 31  LYS n 
2 32  TYR n 
2 33  GLU n 
2 34  ASP n 
2 35  VAL n 
2 36  GLU n 
2 37  HIS n 
2 38  LYS n 
2 39  VAL n 
2 40  THR n 
2 41  THR n 
2 42  VAL n 
2 43  PHE n 
2 44  GLY n 
2 45  GLN n 
2 46  PRO n 
2 47  LEU n 
2 48  ASP n 
2 49  LEU n 
2 50  HIS n 
2 51  TYR n 
2 52  MET n 
2 53  ASN n 
2 54  ASN n 
2 55  GLU n 
2 56  LEU n 
2 57  SER n 
2 58  ILE n 
2 59  LEU n 
2 60  LEU n 
2 61  LYS n 
2 62  ASN n 
2 63  GLN n 
2 64  ASP n 
2 65  ASP n 
2 66  LEU n 
2 67  ASP n 
2 68  LYS n 
2 69  ALA n 
2 70  ILE n 
2 71  ASP n 
2 72  ILE n 
2 73  LEU n 
2 74  ASP n 
2 75  ARG n 
2 76  SER n 
2 77  SER n 
2 78  SER n 
2 79  MET n 
2 80  LYS n 
2 81  SER n 
2 82  LEU n 
2 83  ARG n 
2 84  ILE n 
2 85  LEU n 
2 86  LEU n 
2 87  LEU n 
2 88  SER n 
2 89  GLN n 
2 90  ASP n 
# 
loop_
_entity_src_gen.entity_id 
_entity_src_gen.pdbx_src_id 
_entity_src_gen.pdbx_alt_source_flag 
_entity_src_gen.pdbx_seq_type 
_entity_src_gen.pdbx_beg_seq_num 
_entity_src_gen.pdbx_end_seq_num 
_entity_src_gen.gene_src_common_name 
_entity_src_gen.gene_src_genus 
_entity_src_gen.pdbx_gene_src_gene 
_entity_src_gen.gene_src_species 
_entity_src_gen.gene_src_strain 
_entity_src_gen.gene_src_tissue 
_entity_src_gen.gene_src_tissue_fraction 
_entity_src_gen.gene_src_details 
_entity_src_gen.pdbx_gene_src_fragment 
_entity_src_gen.pdbx_gene_src_scientific_name 
_entity_src_gen.pdbx_gene_src_ncbi_taxonomy_id 
_entity_src_gen.pdbx_gene_src_variant 
_entity_src_gen.pdbx_gene_src_cell_line 
_entity_src_gen.pdbx_gene_src_atcc 
_entity_src_gen.pdbx_gene_src_organ 
_entity_src_gen.pdbx_gene_src_organelle 
_entity_src_gen.pdbx_gene_src_cell 
_entity_src_gen.pdbx_gene_src_cellular_location 
_entity_src_gen.host_org_common_name 
_entity_src_gen.pdbx_host_org_scientific_name 
_entity_src_gen.pdbx_host_org_ncbi_taxonomy_id 
_entity_src_gen.host_org_genus 
_entity_src_gen.pdbx_host_org_gene 
_entity_src_gen.pdbx_host_org_organ 
_entity_src_gen.host_org_species 
_entity_src_gen.pdbx_host_org_tissue 
_entity_src_gen.pdbx_host_org_tissue_fraction 
_entity_src_gen.pdbx_host_org_strain 
_entity_src_gen.pdbx_host_org_variant 
_entity_src_gen.pdbx_host_org_cell_line 
_entity_src_gen.pdbx_host_org_atcc 
_entity_src_gen.pdbx_host_org_culture_collection 
_entity_src_gen.pdbx_host_org_cell 
_entity_src_gen.pdbx_host_org_organelle 
_entity_src_gen.pdbx_host_org_cellular_location 
_entity_src_gen.pdbx_host_org_vector_type 
_entity_src_gen.pdbx_host_org_vector 
_entity_src_gen.host_org_details 
_entity_src_gen.expression_system_id 
_entity_src_gen.plasmid_name 
_entity_src_gen.plasmid_details 
_entity_src_gen.pdbx_description 
1 1 sample ? ? ? human Homo 'MAP2K5, MEK5, MKK5, PRKMK5' ? ? ? ? ? ? 'Homo sapiens' 9606 ? ? ? ? ? ? ? ? 'Escherichia coli' 562 
Escherichia ? ? ? ? ? 'BL21(DE3)-R3' ? ? ? ? ? ? ? PLASMID ? ? ? pNIC28-Bsa4 ? ? 
2 1 sample ? ? ? human Homo 'MAP3K3, MAPKKK3, MEKK3'     ? ? ? ? ? ? 'Homo sapiens' 9606 ? ? ? ? ? ? ? ? 'Escherichia coli' 562 
Escherichia ? ? ? ? ? 'BL21(DE3)-R3' ? ? ? ? ? ? ? PLASMID ? ? ? pNIC28-Bsa4 ? ? 
# 
loop_
_struct_ref.id 
_struct_ref.db_name 
_struct_ref.db_code 
_struct_ref.pdbx_db_accession 
_struct_ref.entity_id 
_struct_ref.pdbx_align_begin 
_struct_ref.pdbx_db_isoform 
_struct_ref.pdbx_seq_one_letter_code 
1 UNP MP2K5_HUMAN Q13163 1 5  ? ? 
2 UNP M3K3_HUMAN  Q99759 2 37 ? ? 
# 
loop_
_struct_ref_seq.align_id 
_struct_ref_seq.ref_id 
_struct_ref_seq.pdbx_PDB_id_code 
_struct_ref_seq.pdbx_strand_id 
_struct_ref_seq.seq_align_beg 
_struct_ref_seq.pdbx_seq_align_beg_ins_code 
_struct_ref_seq.seq_align_end 
_struct_ref_seq.pdbx_seq_align_end_ins_code 
_struct_ref_seq.pdbx_db_accession 
_struct_ref_seq.db_align_beg 
_struct_ref_seq.pdbx_db_align_beg_ins_code 
_struct_ref_seq.db_align_end 
_struct_ref_seq.pdbx_db_align_end_ins_code 
_struct_ref_seq.pdbx_auth_seq_align_beg 
_struct_ref_seq.pdbx_auth_seq_align_end 
1 1 2O2V A 3 ? 106 ? Q13163 5  ? 108 ? 5  108 
2 2 2O2V B 3 ? 90  ? Q99759 37 ? 124 ? 37 124 
# 
loop_
_struct_ref_seq_dif.align_id 
_struct_ref_seq_dif.pdbx_pdb_id_code 
_struct_ref_seq_dif.mon_id 
_struct_ref_seq_dif.pdbx_pdb_strand_id 
_struct_ref_seq_dif.seq_num 
_struct_ref_seq_dif.pdbx_pdb_ins_code 
_struct_ref_seq_dif.pdbx_seq_db_name 
_struct_ref_seq_dif.pdbx_seq_db_accession_code 
_struct_ref_seq_dif.db_mon_id 
_struct_ref_seq_dif.pdbx_seq_db_seq_num 
_struct_ref_seq_dif.details 
_struct_ref_seq_dif.pdbx_auth_seq_num 
_struct_ref_seq_dif.pdbx_ordinal 
1 2O2V SER A 1 ? UNP Q13163 ? ? 'cloning artifact' 3  1 
1 2O2V MET A 2 ? UNP Q13163 ? ? 'cloning artifact' 4  2 
2 2O2V SER B 1 ? UNP Q99759 ? ? 'cloning artifact' 35 3 
2 2O2V MET B 2 ? UNP Q99759 ? ? 'cloning artifact' 36 4 
# 
loop_
_chem_comp.id 
_chem_comp.type 
_chem_comp.mon_nstd_flag 
_chem_comp.name 
_chem_comp.pdbx_synonyms 
_chem_comp.formula 
_chem_comp.formula_weight 
ALA 'L-peptide linking' y ALANINE         ? 'C3 H7 N O2'     89.093  
ARG 'L-peptide linking' y ARGININE        ? 'C6 H15 N4 O2 1' 175.209 
ASN 'L-peptide linking' y ASPARAGINE      ? 'C4 H8 N2 O3'    132.118 
ASP 'L-peptide linking' y 'ASPARTIC ACID' ? 'C4 H7 N O4'     133.103 
GLN 'L-peptide linking' y GLUTAMINE       ? 'C5 H10 N2 O3'   146.144 
GLU 'L-peptide linking' y 'GLUTAMIC ACID' ? 'C5 H9 N O4'     147.129 
GLY 'peptide linking'   y GLYCINE         ? 'C2 H5 N O2'     75.067  
HIS 'L-peptide linking' y HISTIDINE       ? 'C6 H10 N3 O2 1' 156.162 
HOH non-polymer         . WATER           ? 'H2 O'           18.015  
ILE 'L-peptide linking' y ISOLEUCINE      ? 'C6 H13 N O2'    131.173 
LEU 'L-peptide linking' y LEUCINE         ? 'C6 H13 N O2'    131.173 
LYS 'L-peptide linking' y LYSINE          ? 'C6 H15 N2 O2 1' 147.195 
MET 'L-peptide linking' y METHIONINE      ? 'C5 H11 N O2 S'  149.211 
PHE 'L-peptide linking' y PHENYLALANINE   ? 'C9 H11 N O2'    165.189 
PRO 'L-peptide linking' y PROLINE         ? 'C5 H9 N O2'     115.130 
SER 'L-peptide linking' y SERINE          ? 'C3 H7 N O3'     105.093 
THR 'L-peptide linking' y THREONINE       ? 'C4 H9 N O3'     119.119 
TRP 'L-peptide linking' y TRYPTOPHAN      ? 'C11 H12 N2 O2'  204.225 
TYR 'L-peptide linking' y TYROSINE        ? 'C9 H11 N O3'    181.189 
VAL 'L-peptide linking' y VALINE          ? 'C5 H11 N O2'    117.146 
# 
_exptl.crystals_number   1 
_exptl.entry_id          2O2V 
_exptl.method            'X-RAY DIFFRACTION' 
# 
_exptl_crystal.id                    1 
_exptl_crystal.density_Matthews      2.37 
_exptl_crystal.density_meas          ? 
_exptl_crystal.density_percent_sol   48.14 
_exptl_crystal.description           ? 
_exptl_crystal.F_000                 ? 
_exptl_crystal.preparation           ? 
# 
_exptl_crystal_grow.crystal_id      1 
_exptl_crystal_grow.method          'VAPOR DIFFUSION, SITTING DROP' 
_exptl_crystal_grow.pH              4.6 
_exptl_crystal_grow.temp            277 
_exptl_crystal_grow.temp_details    ? 
_exptl_crystal_grow.pdbx_details    
'0.02M CaCl2, 0.1M Na(CH3COO), 30% MPD, pH 4.6, VAPOR DIFFUSION, SITTING DROP, temperature 277K' 
_exptl_crystal_grow.pdbx_pH_range   . 
# 
_diffrn.id                     1 
_diffrn.ambient_temp           100 
_diffrn.ambient_temp_details   ? 
_diffrn.crystal_id             1 
# 
_diffrn_detector.diffrn_id              1 
_diffrn_detector.detector               'IMAGE PLATE' 
_diffrn_detector.type                   'RIGAKU RAXIS' 
_diffrn_detector.pdbx_collection_date   2006-11-08 
_diffrn_detector.details                ? 
# 
_diffrn_radiation.diffrn_id                        1 
_diffrn_radiation.wavelength_id                    1 
_diffrn_radiation.pdbx_diffrn_protocol             'SINGLE WAVELENGTH' 
_diffrn_radiation.monochromator                    ? 
_diffrn_radiation.pdbx_monochromatic_or_laue_m_l   M 
_diffrn_radiation.pdbx_scattering_type             x-ray 
# 
_diffrn_radiation_wavelength.id           1 
_diffrn_radiation_wavelength.wavelength   1.54 
_diffrn_radiation_wavelength.wt           1.0 
# 
_diffrn_source.diffrn_id                   1 
_diffrn_source.source                      'ROTATING ANODE' 
_diffrn_source.type                        RIGAKU 
_diffrn_source.pdbx_wavelength             1.54 
_diffrn_source.pdbx_wavelength_list        ? 
_diffrn_source.pdbx_synchrotron_site       ? 
_diffrn_source.pdbx_synchrotron_beamline   ? 
# 
_reflns.entry_id                     2O2V 
_reflns.d_resolution_high            1.830 
_reflns.d_resolution_low             50.000 
_reflns.number_obs                   19523 
_reflns.pdbx_Rmerge_I_obs            0.075 
_reflns.pdbx_netI_over_sigmaI        12.100 
_reflns.pdbx_chi_squared             1.027 
_reflns.pdbx_redundancy              6.100 
_reflns.percent_possible_obs         99.300 
_reflns.observed_criterion_sigma_F   ? 
_reflns.observed_criterion_sigma_I   ? 
_reflns.number_all                   19661 
_reflns.pdbx_Rsym_value              0.075 
_reflns.B_iso_Wilson_estimate        ? 
_reflns.R_free_details               ? 
_reflns.limit_h_max                  ? 
_reflns.limit_h_min                  ? 
_reflns.limit_k_max                  ? 
_reflns.limit_k_min                  ? 
_reflns.limit_l_max                  ? 
_reflns.limit_l_min                  ? 
_reflns.observed_criterion_F_max     ? 
_reflns.observed_criterion_F_min     ? 
_reflns.pdbx_scaling_rejects         ? 
_reflns.pdbx_ordinal                 1 
_reflns.pdbx_diffrn_id               1 
# 
_reflns_shell.d_res_high             1.83 
_reflns_shell.d_res_low              1.90 
_reflns_shell.number_measured_obs    ? 
_reflns_shell.number_measured_all    ? 
_reflns_shell.number_unique_obs      ? 
_reflns_shell.Rmerge_I_obs           0.578 
_reflns_shell.meanI_over_sigI_obs    ? 
_reflns_shell.pdbx_Rsym_value        0.578 
_reflns_shell.pdbx_chi_squared       0.869 
_reflns_shell.pdbx_redundancy        3.70 
_reflns_shell.percent_possible_obs   ? 
_reflns_shell.number_unique_all      1836 
_reflns_shell.percent_possible_all   96.50 
_reflns_shell.pdbx_ordinal           1 
_reflns_shell.pdbx_diffrn_id         1 
# 
_refine.entry_id                                 2O2V 
_refine.ls_d_res_high                            1.830 
_refine.ls_d_res_low                             46.83 
_refine.pdbx_ls_sigma_F                          0.00 
_refine.ls_percent_reflns_obs                    99.310 
_refine.ls_number_reflns_obs                     19483 
_refine.pdbx_ls_cross_valid_method               THROUGHOUT 
_refine.pdbx_R_Free_selection_details            RANDOM 
_refine.details                                  'HYDROGENS HAVE BEEN ADDED IN THE RIDING POSITIONS' 
_refine.ls_R_factor_obs                          0.196 
_refine.ls_R_factor_R_work                       0.194 
_refine.ls_R_factor_R_free                       0.224 
_refine.ls_percent_reflns_R_free                 5.100 
_refine.ls_number_reflns_R_free                  997 
_refine.B_iso_mean                               16.491 
_refine.aniso_B[1][1]                            -0.020 
_refine.aniso_B[2][2]                            -0.020 
_refine.aniso_B[3][3]                            0.040 
_refine.aniso_B[1][2]                            0.000 
_refine.aniso_B[1][3]                            0.000 
_refine.aniso_B[2][3]                            0.000 
_refine.correlation_coeff_Fo_to_Fc               0.955 
_refine.correlation_coeff_Fo_to_Fc_free          0.944 
_refine.pdbx_overall_ESU_R                       0.127 
_refine.pdbx_overall_ESU_R_Free                  0.120 
_refine.overall_SU_ML                            0.082 
_refine.overall_SU_B                             5.099 
_refine.solvent_model_details                    MASK 
_refine.pdbx_solvent_vdw_probe_radii             1.400 
_refine.pdbx_solvent_ion_probe_radii             0.800 
_refine.pdbx_solvent_shrinkage_radii             0.800 
_refine.pdbx_stereochemistry_target_values       'MAXIMUM LIKELIHOOD' 
_refine.pdbx_ls_sigma_I                          ? 
_refine.ls_number_reflns_all                     ? 
_refine.ls_R_factor_all                          0.196 
_refine.ls_redundancy_reflns_obs                 ? 
_refine.pdbx_data_cutoff_high_absF               ? 
_refine.pdbx_data_cutoff_low_absF                ? 
_refine.ls_number_parameters                     ? 
_refine.ls_number_restraints                     ? 
_refine.ls_R_factor_R_free_error                 ? 
_refine.ls_R_factor_R_free_error_details         ? 
_refine.pdbx_method_to_determine_struct          'MOLECULAR REPLACEMENT' 
_refine.pdbx_starting_model                      'pdb entries 2C60, 1WI0' 
_refine.pdbx_stereochem_target_val_spec_case     ? 
_refine.solvent_model_param_bsol                 ? 
_refine.solvent_model_param_ksol                 ? 
_refine.occupancy_max                            ? 
_refine.occupancy_min                            ? 
_refine.pdbx_isotropic_thermal_model             ? 
_refine.B_iso_min                                ? 
_refine.B_iso_max                                ? 
_refine.overall_SU_R_Cruickshank_DPI             ? 
_refine.overall_SU_R_free                        ? 
_refine.pdbx_data_cutoff_high_rms_absF           ? 
_refine.ls_wR_factor_R_free                      ? 
_refine.ls_wR_factor_R_work                      ? 
_refine.overall_FOM_free_R_set                   ? 
_refine.overall_FOM_work_R_set                   ? 
_refine.pdbx_refine_id                           'X-RAY DIFFRACTION' 
_refine.pdbx_TLS_residual_ADP_flag               'LIKELY RESIDUAL' 
_refine.pdbx_diffrn_id                           1 
_refine.pdbx_overall_phase_error                 ? 
_refine.pdbx_overall_SU_R_free_Cruickshank_DPI   ? 
_refine.pdbx_overall_SU_R_Blow_DPI               ? 
_refine.pdbx_overall_SU_R_free_Blow_DPI          ? 
# 
_refine_hist.pdbx_refine_id                   'X-RAY DIFFRACTION' 
_refine_hist.cycle_id                         LAST 
_refine_hist.pdbx_number_atoms_protein        1371 
_refine_hist.pdbx_number_atoms_nucleic_acid   0 
_refine_hist.pdbx_number_atoms_ligand         0 
_refine_hist.number_atoms_solvent             141 
_refine_hist.number_atoms_total               1512 
_refine_hist.d_res_high                       1.830 
_refine_hist.d_res_low                        46.83 
# 
loop_
_refine_ls_restr.type 
_refine_ls_restr.number 
_refine_ls_restr.dev_ideal 
_refine_ls_restr.dev_ideal_target 
_refine_ls_restr.weight 
_refine_ls_restr.pdbx_refine_id 
_refine_ls_restr.pdbx_restraint_function 
r_bond_refined_d         1402 0.016  0.022  ? 'X-RAY DIFFRACTION' ? 
r_bond_other_d           934  0.001  0.020  ? 'X-RAY DIFFRACTION' ? 
r_angle_refined_deg      1903 1.577  1.968  ? 'X-RAY DIFFRACTION' ? 
r_angle_other_deg        2288 1.005  3.000  ? 'X-RAY DIFFRACTION' ? 
r_dihedral_angle_1_deg   175  5.802  5.000  ? 'X-RAY DIFFRACTION' ? 
r_dihedral_angle_2_deg   65   30.369 24.308 ? 'X-RAY DIFFRACTION' ? 
r_dihedral_angle_3_deg   245  12.093 15.000 ? 'X-RAY DIFFRACTION' ? 
r_dihedral_angle_4_deg   10   19.166 15.000 ? 'X-RAY DIFFRACTION' ? 
r_chiral_restr           225  0.086  0.200  ? 'X-RAY DIFFRACTION' ? 
r_gen_planes_refined     1543 0.006  0.020  ? 'X-RAY DIFFRACTION' ? 
r_gen_planes_other       274  0.001  0.020  ? 'X-RAY DIFFRACTION' ? 
r_nbd_refined            211  0.207  0.200  ? 'X-RAY DIFFRACTION' ? 
r_nbd_other              945  0.199  0.200  ? 'X-RAY DIFFRACTION' ? 
r_nbtor_refined          654  0.167  0.200  ? 'X-RAY DIFFRACTION' ? 
r_nbtor_other            760  0.087  0.200  ? 'X-RAY DIFFRACTION' ? 
r_xyhbond_nbd_refined    86   0.122  0.200  ? 'X-RAY DIFFRACTION' ? 
r_symmetry_vdw_refined   14   0.227  0.200  ? 'X-RAY DIFFRACTION' ? 
r_symmetry_vdw_other     22   0.231  0.200  ? 'X-RAY DIFFRACTION' ? 
r_symmetry_hbond_refined 12   0.155  0.200  ? 'X-RAY DIFFRACTION' ? 
r_mcbond_it              898  1.005  1.500  ? 'X-RAY DIFFRACTION' ? 
r_mcbond_other           347  0.259  1.500  ? 'X-RAY DIFFRACTION' ? 
r_mcangle_it             1419 1.566  2.000  ? 'X-RAY DIFFRACTION' ? 
r_scbond_it              562  2.524  3.000  ? 'X-RAY DIFFRACTION' ? 
r_scangle_it             482  3.552  4.500  ? 'X-RAY DIFFRACTION' ? 
# 
_refine_ls_shell.d_res_high                       1.830 
_refine_ls_shell.d_res_low                        1.876 
_refine_ls_shell.pdbx_total_number_of_bins_used   20 
_refine_ls_shell.percent_reflns_obs               95.660 
_refine_ls_shell.number_reflns_R_work             1278 
_refine_ls_shell.R_factor_all                     ? 
_refine_ls_shell.R_factor_R_work                  0.328 
_refine_ls_shell.R_factor_R_free                  0.422 
_refine_ls_shell.percent_reflns_R_free            ? 
_refine_ls_shell.number_reflns_R_free             67 
_refine_ls_shell.R_factor_R_free_error            ? 
_refine_ls_shell.number_reflns_all                ? 
_refine_ls_shell.number_reflns_obs                1345 
_refine_ls_shell.redundancy_reflns_obs            ? 
_refine_ls_shell.pdbx_refine_id                   'X-RAY DIFFRACTION' 
# 
_struct.entry_id                  2O2V 
_struct.title                     
;Crystal Structure of the Complex of Human Mitogen Activated Protein Kinase Kinase 5 Phox Domain (MAP2K5-phox) with Human Mitogen Activated Protein Kinase Kinase Kinase 3 (MAP3K3B-phox)
;
_struct.pdbx_model_details        ? 
_struct.pdbx_CASP_flag            ? 
_struct.pdbx_model_type_details   ? 
# 
_struct_keywords.entry_id        2O2V 
_struct_keywords.pdbx_keywords   TRANSFERASE 
_struct_keywords.text            
;mitogen activated protein kinase kinase 5, MAP2K5, MEK5, MKK5, PRKMK5, MAP kinase 5, phox, phox-domain, mitogen activated protein kinase kinase kinase 3, MEKK3, MAPKKK3, MAP/ERK kinase kinase 3, Structural Genomics, Structural Genomics Consortium, SGC, TRANSFERASE
;
# 
loop_
_struct_asym.id 
_struct_asym.pdbx_blank_PDB_chainid_flag 
_struct_asym.pdbx_modified 
_struct_asym.entity_id 
_struct_asym.details 
A N N 1 ? 
B N N 2 ? 
C N N 3 ? 
D N N 3 ? 
# 
_struct_biol.id   1 
# 
loop_
_struct_conf.conf_type_id 
_struct_conf.id 
_struct_conf.pdbx_PDB_helix_id 
_struct_conf.beg_label_comp_id 
_struct_conf.beg_label_asym_id 
_struct_conf.beg_label_seq_id 
_struct_conf.pdbx_beg_PDB_ins_code 
_struct_conf.end_label_comp_id 
_struct_conf.end_label_asym_id 
_struct_conf.end_label_seq_id 
_struct_conf.pdbx_end_PDB_ins_code 
_struct_conf.beg_auth_comp_id 
_struct_conf.beg_auth_asym_id 
_struct_conf.beg_auth_seq_id 
_struct_conf.end_auth_comp_id 
_struct_conf.end_auth_asym_id 
_struct_conf.end_auth_seq_id 
_struct_conf.pdbx_PDB_helix_class 
_struct_conf.details 
_struct_conf.pdbx_PDB_helix_length 
HELX_P HELX_P1 1 LEU A 38 ? LEU A 50 ? LEU A 40 LEU A 52  1 ? 13 
HELX_P HELX_P2 2 SER A 72 ? GLY A 94 ? SER A 74 GLY A 96  1 ? 23 
HELX_P HELX_P3 3 LYS B 31 ? GLY B 44 ? LYS B 65 GLY B 78  1 ? 14 
HELX_P HELX_P4 4 ASN B 62 ? SER B 76 ? ASN B 96 SER B 110 1 ? 15 
# 
_struct_conf_type.id          HELX_P 
_struct_conf_type.criteria    ? 
_struct_conf_type.reference   ? 
# 
_struct_mon_prot_cis.pdbx_id                1 
_struct_mon_prot_cis.label_comp_id          ARG 
_struct_mon_prot_cis.label_seq_id           28 
_struct_mon_prot_cis.label_asym_id          B 
_struct_mon_prot_cis.label_alt_id           . 
_struct_mon_prot_cis.pdbx_PDB_ins_code      ? 
_struct_mon_prot_cis.auth_comp_id           ARG 
_struct_mon_prot_cis.auth_seq_id            62 
_struct_mon_prot_cis.auth_asym_id           B 
_struct_mon_prot_cis.pdbx_label_comp_id_2   PRO 
_struct_mon_prot_cis.pdbx_label_seq_id_2    29 
_struct_mon_prot_cis.pdbx_label_asym_id_2   B 
_struct_mon_prot_cis.pdbx_PDB_ins_code_2    ? 
_struct_mon_prot_cis.pdbx_auth_comp_id_2    PRO 
_struct_mon_prot_cis.pdbx_auth_seq_id_2     63 
_struct_mon_prot_cis.pdbx_auth_asym_id_2    B 
_struct_mon_prot_cis.pdbx_PDB_model_num     1 
_struct_mon_prot_cis.pdbx_omega_angle       -9.01 
# 
loop_
_struct_sheet.id 
_struct_sheet.type 
_struct_sheet.number_strands 
_struct_sheet.details 
A ? 5 ? 
B ? 5 ? 
# 
loop_
_struct_sheet_order.sheet_id 
_struct_sheet_order.range_id_1 
_struct_sheet_order.range_id_2 
_struct_sheet_order.offset 
_struct_sheet_order.sense 
A 1 2 ? anti-parallel 
A 2 3 ? parallel      
A 3 4 ? anti-parallel 
A 4 5 ? anti-parallel 
B 1 2 ? anti-parallel 
B 2 3 ? parallel      
B 3 4 ? anti-parallel 
B 4 5 ? anti-parallel 
# 
loop_
_struct_sheet_range.sheet_id 
_struct_sheet_range.id 
_struct_sheet_range.beg_label_comp_id 
_struct_sheet_range.beg_label_asym_id 
_struct_sheet_range.beg_label_seq_id 
_struct_sheet_range.pdbx_beg_PDB_ins_code 
_struct_sheet_range.end_label_comp_id 
_struct_sheet_range.end_label_asym_id 
_struct_sheet_range.end_label_seq_id 
_struct_sheet_range.pdbx_end_PDB_ins_code 
_struct_sheet_range.beg_auth_comp_id 
_struct_sheet_range.beg_auth_asym_id 
_struct_sheet_range.beg_auth_seq_id 
_struct_sheet_range.end_auth_comp_id 
_struct_sheet_range.end_auth_asym_id 
_struct_sheet_range.end_auth_seq_id 
A 1 GLY A 25  ? VAL A 31  ? GLY A 27  VAL A 33  
A 2 LEU A 15  ? ILE A 21  ? LEU A 17  ILE A 23  
A 3 LEU A 100 ? ARG A 105 ? LEU A 102 ARG A 107 
A 4 ALA A 57  ? GLU A 61  ? ALA A 59  GLU A 63  
A 5 ARG A 67  ? VAL A 70  ? ARG A 69  VAL A 72  
B 1 GLU B 20  ? PHE B 26  ? GLU B 54  PHE B 60  
B 2 VAL B 11  ? HIS B 17  ? VAL B 45  HIS B 51  
B 3 LEU B 82  ? LEU B 87  ? LEU B 116 LEU B 121 
B 4 ASP B 48  ? ASN B 53  ? ASP B 82  ASN B 87  
B 5 LEU B 56  ? LEU B 60  ? LEU B 90  LEU B 94  
# 
loop_
_pdbx_struct_sheet_hbond.sheet_id 
_pdbx_struct_sheet_hbond.range_id_1 
_pdbx_struct_sheet_hbond.range_id_2 
_pdbx_struct_sheet_hbond.range_1_label_atom_id 
_pdbx_struct_sheet_hbond.range_1_label_comp_id 
_pdbx_struct_sheet_hbond.range_1_label_asym_id 
_pdbx_struct_sheet_hbond.range_1_label_seq_id 
_pdbx_struct_sheet_hbond.range_1_PDB_ins_code 
_pdbx_struct_sheet_hbond.range_1_auth_atom_id 
_pdbx_struct_sheet_hbond.range_1_auth_comp_id 
_pdbx_struct_sheet_hbond.range_1_auth_asym_id 
_pdbx_struct_sheet_hbond.range_1_auth_seq_id 
_pdbx_struct_sheet_hbond.range_2_label_atom_id 
_pdbx_struct_sheet_hbond.range_2_label_comp_id 
_pdbx_struct_sheet_hbond.range_2_label_asym_id 
_pdbx_struct_sheet_hbond.range_2_label_seq_id 
_pdbx_struct_sheet_hbond.range_2_PDB_ins_code 
_pdbx_struct_sheet_hbond.range_2_auth_atom_id 
_pdbx_struct_sheet_hbond.range_2_auth_comp_id 
_pdbx_struct_sheet_hbond.range_2_auth_asym_id 
_pdbx_struct_sheet_hbond.range_2_auth_seq_id 
A 1 2 O VAL A 27  ? O VAL A 29  N ILE A 19  ? N ILE A 21  
A 2 3 N ARG A 18  ? N ARG A 20  O ILE A 102 ? O ILE A 104 
A 3 4 O PHE A 103 ? O PHE A 105 N GLU A 59  ? N GLU A 61  
A 4 5 N PHE A 58  ? N PHE A 60  O VAL A 70  ? O VAL A 72  
B 1 2 O ARG B 22  ? O ARG B 56  N PHE B 15  ? N PHE B 49  
B 2 3 N GLU B 16  ? N GLU B 50  O LEU B 86  ? O LEU B 120 
B 3 4 O LEU B 85  ? O LEU B 119 N HIS B 50  ? N HIS B 84  
B 4 5 N ASN B 53  ? N ASN B 87  O LEU B 56  ? O LEU B 90  
# 
_atom_sites.entry_id                    2O2V 
_atom_sites.fract_transf_matrix[1][1]   0.00783884 
_atom_sites.fract_transf_matrix[1][2]   -0.00803345 
_atom_sites.fract_transf_matrix[1][3]   0.00203929 
_atom_sites.fract_transf_matrix[2][1]   0.00820898 
_atom_sites.fract_transf_matrix[2][2]   0.00713793 
_atom_sites.fract_transf_matrix[2][3]   -0.00343585 
_atom_sites.fract_transf_matrix[3][1]   0.00180912 
_atom_sites.fract_transf_matrix[3][2]   0.00605660 
_atom_sites.fract_transf_matrix[3][3]   0.01690488 
_atom_sites.fract_transf_vector[1]      0.231308 
_atom_sites.fract_transf_vector[2]      0.218333 
_atom_sites.fract_transf_vector[3]      0.239222 
# 
loop_
_atom_type.symbol 
C 
N 
O 
S 
# 
loop_
_atom_site.group_PDB 
_atom_site.id 
_atom_site.type_symbol 
_atom_site.label_atom_id 
_atom_site.label_alt_id 
_atom_site.label_comp_id 
_atom_site.label_asym_id 
_atom_site.label_entity_id 
_atom_site.label_seq_id 
_atom_site.pdbx_PDB_ins_code 
_atom_site.Cartn_x 
_atom_site.Cartn_y 
_atom_site.Cartn_z 
_atom_site.occupancy 
_atom_site.B_iso_or_equiv 
_atom_site.pdbx_formal_charge 
_atom_site.auth_seq_id 
_atom_site.auth_comp_id 
_atom_site.auth_asym_id 
_atom_site.auth_atom_id 
_atom_site.pdbx_PDB_model_num 
ATOM   1    N N   . VAL A 1 14  ? 18.575  10.541  -0.806  1.00 26.16 ? 16  VAL A N   1 
ATOM   2    C CA  . VAL A 1 14  ? 18.063  10.636  -2.234  1.00 25.44 ? 16  VAL A CA  1 
ATOM   3    C C   . VAL A 1 14  ? 17.083  9.502   -2.663  1.00 24.20 ? 16  VAL A C   1 
ATOM   4    O O   . VAL A 1 14  ? 17.469  8.344   -2.777  1.00 25.49 ? 16  VAL A O   1 
ATOM   5    C CB  . VAL A 1 14  ? 19.223  10.684  -3.240  1.00 25.83 ? 16  VAL A CB  1 
ATOM   6    C CG1 . VAL A 1 14  ? 18.706  10.905  -4.670  1.00 25.34 ? 16  VAL A CG1 1 
ATOM   7    C CG2 . VAL A 1 14  ? 20.236  11.793  -2.861  1.00 27.31 ? 16  VAL A CG2 1 
ATOM   8    N N   . LEU A 1 15  ? 15.841  9.871   -2.951  1.00 21.90 ? 17  LEU A N   1 
ATOM   9    C CA  . LEU A 1 15  ? 14.807  8.954   -3.429  1.00 20.47 ? 17  LEU A CA  1 
ATOM   10   C C   . LEU A 1 15  ? 14.583  9.257   -4.906  1.00 18.84 ? 17  LEU A C   1 
ATOM   11   O O   . LEU A 1 15  ? 14.474  10.420  -5.257  1.00 18.31 ? 17  LEU A O   1 
ATOM   12   C CB  . LEU A 1 15  ? 13.494  9.191   -2.664  1.00 20.05 ? 17  LEU A CB  1 
ATOM   13   C CG  . LEU A 1 15  ? 12.192  8.568   -3.183  1.00 20.84 ? 17  LEU A CG  1 
ATOM   14   C CD1 . LEU A 1 15  ? 12.236  7.034   -3.162  1.00 22.12 ? 17  LEU A CD1 1 
ATOM   15   C CD2 . LEU A 1 15  ? 11.036  9.058   -2.345  1.00 21.59 ? 17  LEU A CD2 1 
ATOM   16   N N   . VAL A 1 16  ? 14.519  8.224   -5.757  1.00 16.72 ? 18  VAL A N   1 
ATOM   17   C CA  . VAL A 1 16  ? 14.174  8.400   -7.155  1.00 15.85 ? 18  VAL A CA  1 
ATOM   18   C C   . VAL A 1 16  ? 12.821  7.735   -7.433  1.00 15.90 ? 18  VAL A C   1 
ATOM   19   O O   . VAL A 1 16  ? 12.643  6.535   -7.152  1.00 15.43 ? 18  VAL A O   1 
ATOM   20   C CB  . VAL A 1 16  ? 15.235  7.817   -8.154  1.00 16.45 ? 18  VAL A CB  1 
ATOM   21   C CG1 . VAL A 1 16  ? 14.758  8.006   -9.620  1.00 15.21 ? 18  VAL A CG1 1 
ATOM   22   C CG2 . VAL A 1 16  ? 16.631  8.463   -7.935  1.00 17.37 ? 18  VAL A CG2 1 
ATOM   23   N N   . ILE A 1 17  ? 11.875  8.544   -7.916  1.00 16.05 ? 19  ILE A N   1 
ATOM   24   C CA  . ILE A 1 17  ? 10.544  8.074   -8.296  1.00 16.62 ? 19  ILE A CA  1 
ATOM   25   C C   . ILE A 1 17  ? 10.462  8.025   -9.827  1.00 15.94 ? 19  ILE A C   1 
ATOM   26   O O   . ILE A 1 17  ? 10.655  9.018   -10.515 1.00 17.16 ? 19  ILE A O   1 
ATOM   27   C CB  . ILE A 1 17  ? 9.411   8.906   -7.704  1.00 17.36 ? 19  ILE A CB  1 
ATOM   28   C CG1 . ILE A 1 17  ? 9.461   8.853   -6.173  1.00 16.95 ? 19  ILE A CG1 1 
ATOM   29   C CG2 . ILE A 1 17  ? 8.048   8.462   -8.283  1.00 19.50 ? 19  ILE A CG2 1 
ATOM   30   C CD1 . ILE A 1 17  ? 8.422   9.772   -5.511  1.00 18.81 ? 19  ILE A CD1 1 
ATOM   31   N N   . ARG A 1 18  ? 10.219  6.823   -10.331 1.00 15.61 ? 20  ARG A N   1 
ATOM   32   C CA  . ARG A 1 18  ? 10.099  6.566   -11.741 1.00 15.68 ? 20  ARG A CA  1 
ATOM   33   C C   . ARG A 1 18  ? 8.623   6.590   -12.146 1.00 15.85 ? 20  ARG A C   1 
ATOM   34   O O   . ARG A 1 18  ? 7.823   5.724   -11.753 1.00 16.78 ? 20  ARG A O   1 
ATOM   35   C CB  . ARG A 1 18  ? 10.775  5.258   -12.091 1.00 16.55 ? 20  ARG A CB  1 
ATOM   36   C CG  . ARG A 1 18  ? 10.564  4.816   -13.547 1.00 16.39 ? 20  ARG A CG  1 
ATOM   37   C CD  . ARG A 1 18  ? 11.581  3.827   -14.018 1.00 17.75 ? 20  ARG A CD  1 
ATOM   38   N NE  . ARG A 1 18  ? 12.893  4.421   -14.189 1.00 17.74 ? 20  ARG A NE  1 
ATOM   39   C CZ  . ARG A 1 18  ? 13.987  3.734   -14.446 1.00 19.48 ? 20  ARG A CZ  1 
ATOM   40   N NH1 . ARG A 1 18  ? 13.936  2.416   -14.622 1.00 23.78 ? 20  ARG A NH1 1 
ATOM   41   N NH2 . ARG A 1 18  ? 15.125  4.371   -14.572 1.00 20.62 ? 20  ARG A NH2 1 
ATOM   42   N N   . ILE A 1 19  ? 8.267   7.599   -12.915 1.00 15.69 ? 21  ILE A N   1 
ATOM   43   C CA  . ILE A 1 19  ? 6.867   7.865   -13.259 1.00 16.68 ? 21  ILE A CA  1 
ATOM   44   C C   . ILE A 1 19  ? 6.661   7.327   -14.680 1.00 16.30 ? 21  ILE A C   1 
ATOM   45   O O   . ILE A 1 19  ? 7.207   7.877   -15.641 1.00 16.24 ? 21  ILE A O   1 
ATOM   46   C CB  . ILE A 1 19  ? 6.529   9.356   -13.205 1.00 16.36 ? 21  ILE A CB  1 
ATOM   47   C CG1 . ILE A 1 19  ? 6.785   9.928   -11.798 1.00 17.96 ? 21  ILE A CG1 1 
ATOM   48   C CG2 . ILE A 1 19  ? 5.061   9.612   -13.651 1.00 16.08 ? 21  ILE A CG2 1 
ATOM   49   C CD1 . ILE A 1 19  ? 6.888   11.395  -11.821 1.00 16.93 ? 21  ILE A CD1 1 
ATOM   50   N N   . LYS A 1 20  ? 5.868   6.265   -14.779 1.00 15.88 ? 22  LYS A N   1 
ATOM   51   C CA  . LYS A 1 20  ? 5.549   5.649   -16.050 1.00 15.56 ? 22  LYS A CA  1 
ATOM   52   C C   . LYS A 1 20  ? 4.799   6.662   -16.923 1.00 15.64 ? 22  LYS A C   1 
ATOM   53   O O   . LYS A 1 20  ? 3.877   7.392   -16.462 1.00 15.25 ? 22  LYS A O   1 
ATOM   54   C CB  . LYS A 1 20  ? 4.757   4.362   -15.911 1.00 16.50 ? 22  LYS A CB  1 
ATOM   55   C CG  . LYS A 1 20  ? 4.650   3.562   -17.172 1.00 18.11 ? 22  LYS A CG  1 
ATOM   56   C CD  . LYS A 1 20  ? 5.978   2.953   -17.617 1.00 19.73 ? 22  LYS A CD  1 
ATOM   57   C CE  . LYS A 1 20  ? 5.901   2.196   -18.970 1.00 20.21 ? 22  LYS A CE  1 
ATOM   58   N NZ  . LYS A 1 20  ? 6.120   3.026   -20.254 1.00 16.32 ? 22  LYS A NZ  1 
ATOM   59   N N   . ILE A 1 21  ? 5.225   6.723   -18.181 1.00 15.62 ? 23  ILE A N   1 
ATOM   60   C CA  . ILE A 1 21  ? 4.562   7.540   -19.195 1.00 15.29 ? 23  ILE A CA  1 
ATOM   61   C C   . ILE A 1 21  ? 4.219   6.682   -20.405 1.00 14.83 ? 23  ILE A C   1 
ATOM   62   O O   . ILE A 1 21  ? 4.737   5.562   -20.560 1.00 14.19 ? 23  ILE A O   1 
ATOM   63   C CB  . ILE A 1 21  ? 5.434   8.817   -19.615 1.00 15.09 ? 23  ILE A CB  1 
ATOM   64   C CG1 . ILE A 1 21  ? 6.753   8.430   -20.328 1.00 16.72 ? 23  ILE A CG1 1 
ATOM   65   C CG2 . ILE A 1 21  ? 5.682   9.724   -18.412 1.00 15.93 ? 23  ILE A CG2 1 
ATOM   66   C CD1 . ILE A 1 21  ? 7.426   9.590   -21.137 1.00 16.07 ? 23  ILE A CD1 1 
ATOM   67   N N   . PRO A 1 22  ? 3.311   7.176   -21.275 1.00 15.56 ? 24  PRO A N   1 
ATOM   68   C CA  . PRO A 1 22  ? 2.892   6.359   -22.397 1.00 16.52 ? 24  PRO A CA  1 
ATOM   69   C C   . PRO A 1 22  ? 4.060   6.064   -23.354 1.00 17.84 ? 24  PRO A C   1 
ATOM   70   O O   . PRO A 1 22  ? 5.040   6.809   -23.370 1.00 17.61 ? 24  PRO A O   1 
ATOM   71   C CB  . PRO A 1 22  ? 1.792   7.202   -23.073 1.00 16.53 ? 24  PRO A CB  1 
ATOM   72   C CG  . PRO A 1 22  ? 1.384   8.184   -22.086 1.00 17.30 ? 24  PRO A CG  1 
ATOM   73   C CD  . PRO A 1 22  ? 2.579   8.460   -21.240 1.00 15.63 ? 24  PRO A CD  1 
ATOM   74   N N   . ASN A 1 23  ? 3.993   4.935   -24.050 1.00 18.80 ? 25  ASN A N   1 
ATOM   75   C CA  . ASN A 1 23  ? 4.920   4.606   -25.147 1.00 20.89 ? 25  ASN A CA  1 
ATOM   76   C C   . ASN A 1 23  ? 6.419   4.294   -24.819 1.00 22.07 ? 25  ASN A C   1 
ATOM   77   O O   . ASN A 1 23  ? 7.357   4.801   -25.455 1.00 22.95 ? 25  ASN A O   1 
ATOM   78   C CB  . ASN A 1 23  ? 4.740   5.679   -26.228 1.00 21.76 ? 25  ASN A CB  1 
ATOM   79   C CG  . ASN A 1 23  ? 3.267   5.827   -26.644 1.00 24.65 ? 25  ASN A CG  1 
ATOM   80   O OD1 . ASN A 1 23  ? 2.640   4.847   -27.050 1.00 30.50 ? 25  ASN A OD1 1 
ATOM   81   N ND2 . ASN A 1 23  ? 2.715   7.039   -26.543 1.00 27.79 ? 25  ASN A ND2 1 
ATOM   82   N N   . SER A 1 24  ? 6.614   3.428   -23.824 1.00 23.14 ? 26  SER A N   1 
ATOM   83   C CA  . SER A 1 24  ? 7.907   2.797   -23.448 1.00 23.76 ? 26  SER A CA  1 
ATOM   84   C C   . SER A 1 24  ? 8.841   3.711   -22.648 1.00 23.93 ? 26  SER A C   1 
ATOM   85   O O   . SER A 1 24  ? 10.028  3.420   -22.529 1.00 26.85 ? 26  SER A O   1 
ATOM   86   C CB  . SER A 1 24  ? 8.662   2.200   -24.651 1.00 24.33 ? 26  SER A CB  1 
ATOM   87   O OG  . SER A 1 24  ? 7.882   1.251   -25.373 1.00 26.51 ? 26  SER A OG  1 
ATOM   88   N N   . GLY A 1 25  ? 8.329   4.815   -22.132 1.00 21.55 ? 27  GLY A N   1 
ATOM   89   C CA  . GLY A 1 25  ? 9.133   5.669   -21.299 1.00 20.93 ? 27  GLY A CA  1 
ATOM   90   C C   . GLY A 1 25  ? 8.771   5.640   -19.835 1.00 18.36 ? 27  GLY A C   1 
ATOM   91   O O   . GLY A 1 25  ? 7.735   5.119   -19.432 1.00 16.63 ? 27  GLY A O   1 
ATOM   92   N N   . ALA A 1 26  ? 9.671   6.204   -19.040 1.00 17.55 ? 28  ALA A N   1 
ATOM   93   C CA  . ALA A 1 26  ? 9.359   6.650   -17.699 1.00 16.88 ? 28  ALA A CA  1 
ATOM   94   C C   . ALA A 1 26  ? 10.229  7.884   -17.411 1.00 16.61 ? 28  ALA A C   1 
ATOM   95   O O   . ALA A 1 26  ? 11.360  7.965   -17.901 1.00 17.93 ? 28  ALA A O   1 
ATOM   96   C CB  . ALA A 1 26  ? 9.605   5.573   -16.694 1.00 17.49 ? 28  ALA A CB  1 
ATOM   97   N N   . VAL A 1 27  ? 9.693   8.820   -16.632 1.00 16.07 ? 29  VAL A N   1 
ATOM   98   C CA  . VAL A 1 27  ? 10.429  10.008  -16.206 1.00 15.78 ? 29  VAL A CA  1 
ATOM   99   C C   . VAL A 1 27  ? 10.841  9.791   -14.755 1.00 15.43 ? 29  VAL A C   1 
ATOM   100  O O   . VAL A 1 27  ? 9.996   9.501   -13.888 1.00 17.48 ? 29  VAL A O   1 
ATOM   101  C CB  . VAL A 1 27  ? 9.608   11.320  -16.414 1.00 16.06 ? 29  VAL A CB  1 
ATOM   102  C CG1 . VAL A 1 27  ? 10.325  12.523  -15.763 1.00 16.70 ? 29  VAL A CG1 1 
ATOM   103  C CG2 . VAL A 1 27  ? 9.314   11.537  -17.942 1.00 17.04 ? 29  VAL A CG2 1 
ATOM   104  N N   . ASP A 1 28  ? 12.137  9.884   -14.509 1.00 16.30 ? 30  ASP A N   1 
ATOM   105  C CA  . ASP A 1 28  ? 12.702  9.755   -13.188 1.00 15.98 ? 30  ASP A CA  1 
ATOM   106  C C   . ASP A 1 28  ? 12.792  11.124  -12.515 1.00 16.14 ? 30  ASP A C   1 
ATOM   107  O O   . ASP A 1 28  ? 13.440  12.061  -13.025 1.00 15.49 ? 30  ASP A O   1 
ATOM   108  C CB  . ASP A 1 28  ? 14.060  9.084   -13.254 1.00 16.15 ? 30  ASP A CB  1 
ATOM   109  C CG  . ASP A 1 28  ? 13.975  7.673   -13.839 1.00 17.18 ? 30  ASP A CG  1 
ATOM   110  O OD1 . ASP A 1 28  ? 13.111  6.898   -13.395 1.00 18.31 ? 30  ASP A OD1 1 
ATOM   111  O OD2 . ASP A 1 28  ? 14.763  7.340   -14.736 1.00 20.40 ? 30  ASP A OD2 1 
ATOM   112  N N   . TRP A 1 29  ? 12.160  11.187  -11.354 1.00 16.14 ? 31  TRP A N   1 
ATOM   113  C CA  . TRP A 1 29  ? 12.179  12.353  -10.504 1.00 16.89 ? 31  TRP A CA  1 
ATOM   114  C C   . TRP A 1 29  ? 13.064  12.079  -9.281  1.00 16.31 ? 31  TRP A C   1 
ATOM   115  O O   . TRP A 1 29  ? 12.813  11.144  -8.498  1.00 14.73 ? 31  TRP A O   1 
ATOM   116  C CB  . TRP A 1 29  ? 10.752  12.738  -10.105 1.00 18.32 ? 31  TRP A CB  1 
ATOM   117  C CG  . TRP A 1 29  ? 10.687  13.870  -9.091  1.00 18.58 ? 31  TRP A CG  1 
ATOM   118  C CD1 . TRP A 1 29  ? 11.531  14.926  -8.970  1.00 19.75 ? 31  TRP A CD1 1 
ATOM   119  C CD2 . TRP A 1 29  ? 9.678   14.046  -8.106  1.00 20.77 ? 31  TRP A CD2 1 
ATOM   120  N NE1 . TRP A 1 29  ? 11.131  15.749  -7.922  1.00 20.80 ? 31  TRP A NE1 1 
ATOM   121  C CE2 . TRP A 1 29  ? 9.996   15.219  -7.376  1.00 20.74 ? 31  TRP A CE2 1 
ATOM   122  C CE3 . TRP A 1 29  ? 8.552   13.314  -7.748  1.00 20.65 ? 31  TRP A CE3 1 
ATOM   123  C CZ2 . TRP A 1 29  ? 9.198   15.684  -6.326  1.00 22.27 ? 31  TRP A CZ2 1 
ATOM   124  C CZ3 . TRP A 1 29  ? 7.764   13.782  -6.672  1.00 21.19 ? 31  TRP A CZ3 1 
ATOM   125  C CH2 . TRP A 1 29  ? 8.097   14.939  -5.995  1.00 21.29 ? 31  TRP A CH2 1 
ATOM   126  N N   . THR A 1 30  ? 14.115  12.892  -9.164  1.00 15.78 ? 32  THR A N   1 
ATOM   127  C CA  . THR A 1 30  ? 15.052  12.818  -8.053  1.00 16.41 ? 32  THR A CA  1 
ATOM   128  C C   . THR A 1 30  ? 14.583  13.738  -6.949  1.00 16.71 ? 32  THR A C   1 
ATOM   129  O O   . THR A 1 30  ? 14.607  14.974  -7.079  1.00 16.37 ? 32  THR A O   1 
ATOM   130  C CB  . THR A 1 30  ? 16.502  13.097  -8.509  1.00 16.40 ? 32  THR A CB  1 
ATOM   131  O OG1 . THR A 1 30  ? 16.879  12.048  -9.394  1.00 18.15 ? 32  THR A OG1 1 
ATOM   132  C CG2 . THR A 1 30  ? 17.459  13.104  -7.338  1.00 17.43 ? 32  THR A CG2 1 
ATOM   133  N N   . VAL A 1 31  ? 14.130  13.107  -5.866  1.00 18.03 ? 33  VAL A N   1 
ATOM   134  C CA  . VAL A 1 31  ? 13.522  13.790  -4.731  1.00 20.69 ? 33  VAL A CA  1 
ATOM   135  C C   . VAL A 1 31  ? 14.592  13.994  -3.650  1.00 23.13 ? 33  VAL A C   1 
ATOM   136  O O   . VAL A 1 31  ? 15.236  13.041  -3.199  1.00 23.20 ? 33  VAL A O   1 
ATOM   137  C CB  . VAL A 1 31  ? 12.382  12.923  -4.126  1.00 20.32 ? 33  VAL A CB  1 
ATOM   138  C CG1 . VAL A 1 31  ? 11.773  13.588  -2.865  1.00 21.96 ? 33  VAL A CG1 1 
ATOM   139  C CG2 . VAL A 1 31  ? 11.317  12.531  -5.187  1.00 19.70 ? 33  VAL A CG2 1 
ATOM   140  N N   . HIS A 1 32  ? 14.803  15.226  -3.223  1.00 26.53 ? 34  HIS A N   1 
ATOM   141  C CA  . HIS A 1 32  ? 15.799  15.472  -2.163  1.00 28.79 ? 34  HIS A CA  1 
ATOM   142  C C   . HIS A 1 32  ? 15.139  15.625  -0.798  1.00 29.71 ? 34  HIS A C   1 
ATOM   143  O O   . HIS A 1 32  ? 13.934  15.895  -0.712  1.00 30.55 ? 34  HIS A O   1 
ATOM   144  C CB  . HIS A 1 32  ? 16.679  16.667  -2.533  1.00 29.77 ? 34  HIS A CB  1 
ATOM   145  C CG  . HIS A 1 32  ? 17.502  16.426  -3.758  1.00 31.96 ? 34  HIS A CG  1 
ATOM   146  N ND1 . HIS A 1 32  ? 18.832  16.057  -3.703  1.00 34.86 ? 34  HIS A ND1 1 
ATOM   147  C CD2 . HIS A 1 32  ? 17.199  16.550  -5.072  1.00 34.13 ? 34  HIS A CD2 1 
ATOM   148  C CE1 . HIS A 1 32  ? 19.307  15.951  -4.930  1.00 35.18 ? 34  HIS A CE1 1 
ATOM   149  N NE2 . HIS A 1 32  ? 18.333  16.233  -5.780  1.00 34.78 ? 34  HIS A NE2 1 
ATOM   150  N N   . SER A 1 33  ? 15.912  15.380  0.261   1.00 31.44 ? 35  SER A N   1 
ATOM   151  C CA  . SER A 1 33  ? 15.476  15.641  1.648   1.00 31.95 ? 35  SER A CA  1 
ATOM   152  C C   . SER A 1 33  ? 16.011  16.994  2.099   1.00 32.46 ? 35  SER A C   1 
ATOM   153  O O   . SER A 1 33  ? 15.940  17.975  1.356   1.00 33.16 ? 35  SER A O   1 
ATOM   154  C CB  . SER A 1 33  ? 15.971  14.554  2.616   1.00 32.33 ? 35  SER A CB  1 
ATOM   155  N N   . PRO A 1 35  ? 12.365  18.287  4.269   1.00 29.51 ? 37  PRO A N   1 
ATOM   156  C CA  . PRO A 1 35  ? 11.018  18.641  3.821   1.00 29.27 ? 37  PRO A CA  1 
ATOM   157  C C   . PRO A 1 35  ? 10.177  17.412  3.450   1.00 28.52 ? 37  PRO A C   1 
ATOM   158  O O   . PRO A 1 35  ? 10.619  16.560  2.680   1.00 28.60 ? 37  PRO A O   1 
ATOM   159  C CB  . PRO A 1 35  ? 11.290  19.499  2.583   1.00 29.48 ? 37  PRO A CB  1 
ATOM   160  C CG  . PRO A 1 35  ? 12.527  18.857  1.975   1.00 30.09 ? 37  PRO A CG  1 
ATOM   161  C CD  . PRO A 1 35  ? 13.299  18.203  3.134   1.00 29.68 ? 37  PRO A CD  1 
ATOM   162  N N   . GLN A 1 36  ? 8.969   17.330  4.004   1.00 27.51 ? 38  GLN A N   1 
ATOM   163  C CA  . GLN A 1 36  ? 8.118   16.149  3.832   1.00 26.53 ? 38  GLN A CA  1 
ATOM   164  C C   . GLN A 1 36  ? 7.640   16.069  2.393   1.00 24.90 ? 38  GLN A C   1 
ATOM   165  O O   . GLN A 1 36  ? 7.168   17.050  1.820   1.00 24.50 ? 38  GLN A O   1 
ATOM   166  C CB  . GLN A 1 36  ? 6.922   16.182  4.816   1.00 26.62 ? 38  GLN A CB  1 
ATOM   167  N N   . LEU A 1 37  ? 7.826   14.905  1.786   1.00 23.73 ? 39  LEU A N   1 
ATOM   168  C CA  . LEU A 1 37  ? 7.214   14.621  0.497   1.00 22.36 ? 39  LEU A CA  1 
ATOM   169  C C   . LEU A 1 37  ? 5.737   14.350  0.783   1.00 20.33 ? 39  LEU A C   1 
ATOM   170  O O   . LEU A 1 37  ? 5.411   13.502  1.631   1.00 19.13 ? 39  LEU A O   1 
ATOM   171  C CB  . LEU A 1 37  ? 7.853   13.404  -0.152  1.00 23.14 ? 39  LEU A CB  1 
ATOM   172  C CG  . LEU A 1 37  ? 7.319   13.062  -1.556  1.00 22.74 ? 39  LEU A CG  1 
ATOM   173  C CD1 . LEU A 1 37  ? 7.566   14.194  -2.548  1.00 23.37 ? 39  LEU A CD1 1 
ATOM   174  C CD2 . LEU A 1 37  ? 7.928   11.743  -2.042  1.00 24.77 ? 39  LEU A CD2 1 
ATOM   175  N N   . LEU A 1 38  ? 4.872   15.105  0.111   1.00 17.51 ? 40  LEU A N   1 
ATOM   176  C CA  . LEU A 1 38  ? 3.436   14.958  0.239   1.00 16.70 ? 40  LEU A CA  1 
ATOM   177  C C   . LEU A 1 38  ? 2.848   14.293  -1.001  1.00 15.33 ? 40  LEU A C   1 
ATOM   178  O O   . LEU A 1 38  ? 3.372   14.427  -2.109  1.00 13.40 ? 40  LEU A O   1 
ATOM   179  C CB  . LEU A 1 38  ? 2.761   16.328  0.442   1.00 16.23 ? 40  LEU A CB  1 
ATOM   180  C CG  . LEU A 1 38  ? 3.097   17.090  1.724   1.00 17.91 ? 40  LEU A CG  1 
ATOM   181  C CD1 . LEU A 1 38  ? 2.445   18.455  1.647   1.00 18.76 ? 40  LEU A CD1 1 
ATOM   182  C CD2 . LEU A 1 38  ? 2.632   16.334  2.974   1.00 17.73 ? 40  LEU A CD2 1 
ATOM   183  N N   . PHE A 1 39  ? 1.735   13.592  -0.789  1.00 14.68 ? 41  PHE A N   1 
ATOM   184  C CA  . PHE A 1 39  ? 0.955   12.989  -1.867  1.00 15.55 ? 41  PHE A CA  1 
ATOM   185  C C   . PHE A 1 39  ? 0.613   14.030  -2.947  1.00 16.08 ? 41  PHE A C   1 
ATOM   186  O O   . PHE A 1 39  ? 0.762   13.762  -4.134  1.00 15.28 ? 41  PHE A O   1 
ATOM   187  C CB  . PHE A 1 39  ? -0.301  12.327  -1.275  1.00 15.77 ? 41  PHE A CB  1 
ATOM   188  C CG  . PHE A 1 39  ? -1.262  11.830  -2.296  1.00 14.95 ? 41  PHE A CG  1 
ATOM   189  C CD1 . PHE A 1 39  ? -0.948  10.700  -3.076  1.00 16.59 ? 41  PHE A CD1 1 
ATOM   190  C CD2 . PHE A 1 39  ? -2.471  12.438  -2.463  1.00 15.39 ? 41  PHE A CD2 1 
ATOM   191  C CE1 . PHE A 1 39  ? -1.849  10.222  -4.022  1.00 15.62 ? 41  PHE A CE1 1 
ATOM   192  C CE2 . PHE A 1 39  ? -3.387  11.980  -3.410  1.00 17.59 ? 41  PHE A CE2 1 
ATOM   193  C CZ  . PHE A 1 39  ? -3.074  10.880  -4.199  1.00 16.62 ? 41  PHE A CZ  1 
ATOM   194  N N   . ARG A 1 40  ? 0.230   15.218  -2.515  1.00 20.00 ? 42  ARG A N   1 
ATOM   195  C CA  . ARG A 1 40  ? -0.056  16.313  -3.413  1.00 20.00 ? 42  ARG A CA  1 
ATOM   196  C C   . ARG A 1 40  ? 1.118   16.749  -4.290  1.00 20.00 ? 42  ARG A C   1 
ATOM   197  O O   . ARG A 1 40  ? 0.937   17.121  -5.415  1.00 18.71 ? 42  ARG A O   1 
ATOM   198  C CB  . ARG A 1 40  ? -0.615  17.498  -2.635  1.00 20.00 ? 42  ARG A CB  1 
ATOM   199  C CG  . ARG A 1 40  ? -1.196  18.556  -3.492  1.00 20.00 ? 42  ARG A CG  1 
ATOM   200  C CD  . ARG A 1 40  ? -2.303  18.042  -4.363  1.00 20.00 ? 42  ARG A CD  1 
ATOM   201  N NE  . ARG A 1 40  ? -2.002  18.203  -5.779  1.00 20.00 ? 42  ARG A NE  1 
ATOM   202  N N   . ASP A 1 41  ? 2.305   16.730  -3.730  1.00 17.71 ? 43  ASP A N   1 
ATOM   203  C CA  . ASP A 1 41  ? 3.531   17.070  -4.456  1.00 18.30 ? 43  ASP A CA  1 
ATOM   204  C C   . ASP A 1 41  ? 3.789   16.049  -5.595  1.00 17.58 ? 43  ASP A C   1 
ATOM   205  O O   . ASP A 1 41  ? 4.247   16.433  -6.672  1.00 16.29 ? 43  ASP A O   1 
ATOM   206  C CB  . ASP A 1 41  ? 4.760   17.051  -3.550  1.00 18.56 ? 43  ASP A CB  1 
ATOM   207  C CG  . ASP A 1 41  ? 4.687   18.029  -2.384  1.00 20.89 ? 43  ASP A CG  1 
ATOM   208  O OD1 . ASP A 1 41  ? 4.032   19.103  -2.499  1.00 21.12 ? 43  ASP A OD1 1 
ATOM   209  O OD2 . ASP A 1 41  ? 5.325   17.711  -1.343  1.00 22.01 ? 43  ASP A OD2 1 
ATOM   210  N N   . VAL A 1 42  ? 3.531   14.763  -5.328  1.00 17.58 ? 44  VAL A N   1 
ATOM   211  C CA  . VAL A 1 42  ? 3.721   13.710  -6.338  1.00 17.61 ? 44  VAL A CA  1 
ATOM   212  C C   . VAL A 1 42  ? 2.735   13.940  -7.471  1.00 17.02 ? 44  VAL A C   1 
ATOM   213  O O   . VAL A 1 42  ? 3.113   13.885  -8.642  1.00 17.24 ? 44  VAL A O   1 
ATOM   214  C CB  . VAL A 1 42  ? 3.617   12.256  -5.742  1.00 17.99 ? 44  VAL A CB  1 
ATOM   215  C CG1 . VAL A 1 42  ? 3.742   11.205  -6.817  1.00 16.59 ? 44  VAL A CG1 1 
ATOM   216  C CG2 . VAL A 1 42  ? 4.681   12.043  -4.625  1.00 18.54 ? 44  VAL A CG2 1 
ATOM   217  N N   . LEU A 1 43  ? 1.471   14.208  -7.122  1.00 17.18 ? 45  LEU A N   1 
ATOM   218  C CA  . LEU A 1 43  ? 0.440   14.520  -8.134  1.00 16.78 ? 45  LEU A CA  1 
ATOM   219  C C   . LEU A 1 43  ? 0.807   15.754  -8.944  1.00 16.72 ? 45  LEU A C   1 
ATOM   220  O O   . LEU A 1 43  ? 0.586   15.787  -10.144 1.00 17.00 ? 45  LEU A O   1 
ATOM   221  C CB  . LEU A 1 43  ? -0.940  14.712  -7.486  1.00 17.07 ? 45  LEU A CB  1 
ATOM   222  C CG  . LEU A 1 43  ? -1.529  13.473  -6.819  1.00 17.19 ? 45  LEU A CG  1 
ATOM   223  C CD1 . LEU A 1 43  ? -2.937  13.762  -6.354  1.00 14.28 ? 45  LEU A CD1 1 
ATOM   224  C CD2 . LEU A 1 43  ? -1.478  12.251  -7.758  1.00 19.34 ? 45  LEU A CD2 1 
ATOM   225  N N   . ASP A 1 44  ? 1.387   16.755  -8.287  1.00 16.08 ? 46  ASP A N   1 
ATOM   226  C CA  . ASP A 1 44  ? 1.828   17.971  -8.959  1.00 16.21 ? 46  ASP A CA  1 
ATOM   227  C C   . ASP A 1 44  ? 2.885   17.678  -10.008 1.00 16.03 ? 46  ASP A C   1 
ATOM   228  O O   . ASP A 1 44  ? 2.761   18.142  -11.144 1.00 15.93 ? 46  ASP A O   1 
ATOM   229  C CB  . ASP A 1 44  ? 2.292   19.020  -7.938  1.00 16.86 ? 46  ASP A CB  1 
ATOM   230  C CG  . ASP A 1 44  ? 1.118   19.726  -7.253  1.00 19.67 ? 46  ASP A CG  1 
ATOM   231  O OD1 . ASP A 1 44  ? -0.047  19.560  -7.702  1.00 25.78 ? 46  ASP A OD1 1 
ATOM   232  O OD2 . ASP A 1 44  ? 1.337   20.409  -6.229  1.00 22.92 ? 46  ASP A OD2 1 
ATOM   233  N N   . VAL A 1 45  ? 3.865   16.851  -9.663  1.00 16.24 ? 47  VAL A N   1 
ATOM   234  C CA  . VAL A 1 45  ? 4.943   16.483  -10.581 1.00 16.51 ? 47  VAL A CA  1 
ATOM   235  C C   . VAL A 1 45  ? 4.377   15.654  -11.752 1.00 15.75 ? 47  VAL A C   1 
ATOM   236  O O   . VAL A 1 45  ? 4.708   15.924  -12.873 1.00 15.60 ? 47  VAL A O   1 
ATOM   237  C CB  . VAL A 1 45  ? 6.117   15.783  -9.868  1.00 16.33 ? 47  VAL A CB  1 
ATOM   238  C CG1 . VAL A 1 45  ? 7.154   15.266  -10.878 1.00 19.01 ? 47  VAL A CG1 1 
ATOM   239  C CG2 . VAL A 1 45  ? 6.753   16.734  -8.866  1.00 17.26 ? 47  VAL A CG2 1 
ATOM   240  N N   . ILE A 1 46  ? 3.491   14.706  -11.464 1.00 15.37 ? 48  ILE A N   1 
ATOM   241  C CA  . ILE A 1 46  ? 2.843   13.913  -12.506 1.00 15.85 ? 48  ILE A CA  1 
ATOM   242  C C   . ILE A 1 46  ? 2.081   14.860  -13.485 1.00 15.45 ? 48  ILE A C   1 
ATOM   243  O O   . ILE A 1 46  ? 2.159   14.690  -14.687 1.00 15.06 ? 48  ILE A O   1 
ATOM   244  C CB  . ILE A 1 46  ? 1.907   12.787  -11.952 1.00 15.61 ? 48  ILE A CB  1 
ATOM   245  C CG1 . ILE A 1 46  ? 2.658   11.777  -11.014 1.00 16.70 ? 48  ILE A CG1 1 
ATOM   246  C CG2 . ILE A 1 46  ? 1.274   12.076  -13.153 1.00 17.01 ? 48  ILE A CG2 1 
ATOM   247  C CD1 . ILE A 1 46  ? 1.779   10.799  -10.219 1.00 15.92 ? 48  ILE A CD1 1 
ATOM   248  N N   . GLY A 1 47  ? 1.356   15.847  -12.954 1.00 15.32 ? 49  GLY A N   1 
ATOM   249  C CA  . GLY A 1 47  ? 0.672   16.836  -13.801 1.00 16.37 ? 49  GLY A CA  1 
ATOM   250  C C   . GLY A 1 47  ? 1.594   17.635  -14.729 1.00 17.25 ? 49  GLY A C   1 
ATOM   251  O O   . GLY A 1 47  ? 1.204   18.026  -15.826 1.00 17.31 ? 49  GLY A O   1 
ATOM   252  N N   . GLN A 1 48  ? 2.818   17.874  -14.277 1.00 17.15 ? 50  GLN A N   1 
ATOM   253  C CA  . GLN A 1 48  ? 3.835   18.526  -15.108 1.00 19.07 ? 50  GLN A CA  1 
ATOM   254  C C   . GLN A 1 48  ? 4.315   17.579  -16.208 1.00 17.77 ? 50  GLN A C   1 
ATOM   255  O O   . GLN A 1 48  ? 4.472   17.976  -17.349 1.00 17.40 ? 50  GLN A O   1 
ATOM   256  C CB  . GLN A 1 48  ? 5.038   18.953  -14.267 1.00 18.97 ? 50  GLN A CB  1 
ATOM   257  C CG  . GLN A 1 48  ? 4.711   19.853  -13.080 1.00 21.93 ? 50  GLN A CG  1 
ATOM   258  C CD  . GLN A 1 48  ? 5.944   20.192  -12.253 1.00 23.78 ? 50  GLN A CD  1 
ATOM   259  O OE1 . GLN A 1 48  ? 6.987   20.566  -12.809 1.00 31.60 ? 50  GLN A OE1 1 
ATOM   260  N NE2 . GLN A 1 48  ? 5.834   20.072  -10.925 1.00 30.69 ? 50  GLN A NE2 1 
ATOM   261  N N   . VAL A 1 49  ? 4.524   16.324  -15.850 1.00 17.37 ? 51  VAL A N   1 
ATOM   262  C CA  . VAL A 1 49  ? 5.089   15.333  -16.751 1.00 18.19 ? 51  VAL A CA  1 
ATOM   263  C C   . VAL A 1 49  ? 4.038   14.877  -17.784 1.00 18.05 ? 51  VAL A C   1 
ATOM   264  O O   . VAL A 1 49  ? 4.377   14.659  -18.946 1.00 19.25 ? 51  VAL A O   1 
ATOM   265  C CB  . VAL A 1 49  ? 5.657   14.135  -15.942 1.00 18.60 ? 51  VAL A CB  1 
ATOM   266  C CG1 . VAL A 1 49  ? 5.962   12.935  -16.848 1.00 21.60 ? 51  VAL A CG1 1 
ATOM   267  C CG2 . VAL A 1 49  ? 6.909   14.571  -15.160 1.00 20.76 ? 51  VAL A CG2 1 
ATOM   268  N N   . LEU A 1 50  ? 2.780   14.796  -17.349 1.00 18.04 ? 52  LEU A N   1 
ATOM   269  C CA  . LEU A 1 50  ? 1.635   14.400  -18.170 1.00 18.07 ? 52  LEU A CA  1 
ATOM   270  C C   . LEU A 1 50  ? 0.536   15.485  -18.194 1.00 18.43 ? 52  LEU A C   1 
ATOM   271  O O   . LEU A 1 50  ? -0.540  15.303  -17.621 1.00 16.97 ? 52  LEU A O   1 
ATOM   272  C CB  . LEU A 1 50  ? 1.072   13.076  -17.654 1.00 18.54 ? 52  LEU A CB  1 
ATOM   273  C CG  . LEU A 1 50  ? 2.027   11.875  -17.708 1.00 18.39 ? 52  LEU A CG  1 
ATOM   274  C CD1 . LEU A 1 50  ? 1.424   10.686  -16.965 1.00 21.38 ? 52  LEU A CD1 1 
ATOM   275  C CD2 . LEU A 1 50  ? 2.317   11.504  -19.155 1.00 19.32 ? 52  LEU A CD2 1 
ATOM   276  N N   . PRO A 1 51  ? 0.794   16.605  -18.884 1.00 19.02 ? 53  PRO A N   1 
ATOM   277  C CA  . PRO A 1 51  ? -0.112  17.755  -18.797 1.00 20.15 ? 53  PRO A CA  1 
ATOM   278  C C   . PRO A 1 51  ? -1.456  17.586  -19.510 1.00 20.45 ? 53  PRO A C   1 
ATOM   279  O O   . PRO A 1 51  ? -2.378  18.355  -19.257 1.00 20.37 ? 53  PRO A O   1 
ATOM   280  C CB  . PRO A 1 51  ? 0.691   18.874  -19.462 1.00 20.89 ? 53  PRO A CB  1 
ATOM   281  C CG  . PRO A 1 51  ? 1.583   18.185  -20.386 1.00 20.59 ? 53  PRO A CG  1 
ATOM   282  C CD  . PRO A 1 51  ? 1.950   16.897  -19.758 1.00 19.68 ? 53  PRO A CD  1 
ATOM   283  N N   . GLU A 1 52  ? -1.561  16.606  -20.410 1.00 21.00 ? 54  GLU A N   1 
ATOM   284  C CA  . GLU A 1 52  ? -2.827  16.330  -21.096 1.00 21.30 ? 54  GLU A CA  1 
ATOM   285  C C   . GLU A 1 52  ? -3.660  15.275  -20.352 1.00 21.30 ? 54  GLU A C   1 
ATOM   286  O O   . GLU A 1 52  ? -4.748  14.950  -20.795 1.00 20.23 ? 54  GLU A O   1 
ATOM   287  C CB  . GLU A 1 52  ? -2.553  15.849  -22.539 1.00 21.65 ? 54  GLU A CB  1 
ATOM   288  C CG  . GLU A 1 52  ? -1.731  16.825  -23.385 1.00 22.25 ? 54  GLU A CG  1 
ATOM   289  C CD  . GLU A 1 52  ? -1.853  16.572  -24.885 1.00 23.40 ? 54  GLU A CD  1 
ATOM   290  N N   . ALA A 1 53  ? -3.148  14.729  -19.249 1.00 21.48 ? 55  ALA A N   1 
ATOM   291  C CA  . ALA A 1 53  ? -3.861  13.692  -18.511 1.00 22.62 ? 55  ALA A CA  1 
ATOM   292  C C   . ALA A 1 53  ? -4.473  14.310  -17.252 1.00 23.75 ? 55  ALA A C   1 
ATOM   293  O O   . ALA A 1 53  ? -3.951  15.291  -16.732 1.00 24.50 ? 55  ALA A O   1 
ATOM   294  C CB  . ALA A 1 53  ? -2.922  12.563  -18.144 1.00 22.23 ? 55  ALA A CB  1 
ATOM   295  N N   . THR A 1 54  ? -5.576  13.739  -16.788 1.00 24.46 ? 56  THR A N   1 
ATOM   296  C CA  . THR A 1 54  ? -6.081  13.996  -15.432 1.00 25.34 ? 56  THR A CA  1 
ATOM   297  C C   . THR A 1 54  ? -5.588  12.848  -14.551 1.00 23.49 ? 56  THR A C   1 
ATOM   298  O O   . THR A 1 54  ? -5.937  11.689  -14.787 1.00 23.47 ? 56  THR A O   1 
ATOM   299  C CB  . THR A 1 54  ? -7.619  14.033  -15.354 1.00 26.47 ? 56  THR A CB  1 
ATOM   300  O OG1 . THR A 1 54  ? -8.022  14.369  -14.008 1.00 28.65 ? 56  THR A OG1 1 
ATOM   301  C CG2 . THR A 1 54  ? -8.228  12.657  -15.741 1.00 28.57 ? 56  THR A CG2 1 
ATOM   302  N N   . THR A 1 55  ? -4.734  13.169  -13.587 1.00 22.18 ? 57  THR A N   1 
ATOM   303  C CA  . THR A 1 55  ? -4.174  12.171  -12.669 1.00 20.33 ? 57  THR A CA  1 
ATOM   304  C C   . THR A 1 55  ? -4.582  12.568  -11.282 1.00 20.12 ? 57  THR A C   1 
ATOM   305  O O   . THR A 1 55  ? -4.224  13.675  -10.835 1.00 20.42 ? 57  THR A O   1 
ATOM   306  C CB  . THR A 1 55  ? -2.646  12.145  -12.705 1.00 21.08 ? 57  THR A CB  1 
ATOM   307  O OG1 . THR A 1 55  ? -2.234  11.803  -14.027 1.00 19.17 ? 57  THR A OG1 1 
ATOM   308  C CG2 . THR A 1 55  ? -2.088  11.081  -11.659 1.00 20.81 ? 57  THR A CG2 1 
ATOM   309  N N   . THR A 1 56  ? -5.329  11.698  -10.610 1.00 17.75 ? 58  THR A N   1 
ATOM   310  C CA  . THR A 1 56  ? -5.724  11.920  -9.217  1.00 18.41 ? 58  THR A CA  1 
ATOM   311  C C   . THR A 1 56  ? -5.179  10.850  -8.221  1.00 16.57 ? 58  THR A C   1 
ATOM   312  O O   . THR A 1 56  ? -5.413  10.932  -6.998  1.00 14.92 ? 58  THR A O   1 
ATOM   313  C CB  . THR A 1 56  ? -7.264  12.085  -9.130  1.00 19.31 ? 58  THR A CB  1 
ATOM   314  O OG1 . THR A 1 56  ? -7.900  11.084  -9.908  1.00 22.97 ? 58  THR A OG1 1 
ATOM   315  C CG2 . THR A 1 56  ? -7.720  13.457  -9.683  1.00 21.51 ? 58  THR A CG2 1 
ATOM   316  N N   . ALA A 1 57  ? -4.427  9.879   -8.756  1.00 16.16 ? 59  ALA A N   1 
ATOM   317  C CA  . ALA A 1 57  ? -3.857  8.778   -7.972  1.00 16.00 ? 59  ALA A CA  1 
ATOM   318  C C   . ALA A 1 57  ? -2.745  8.136   -8.798  1.00 15.42 ? 59  ALA A C   1 
ATOM   319  O O   . ALA A 1 57  ? -2.494  8.496   -9.950  1.00 14.74 ? 59  ALA A O   1 
ATOM   320  C CB  . ALA A 1 57  ? -4.927  7.726   -7.601  1.00 14.95 ? 59  ALA A CB  1 
ATOM   321  N N   . PHE A 1 58  ? -2.110  7.162   -8.196  1.00 15.62 ? 60  PHE A N   1 
ATOM   322  C CA  . PHE A 1 58  ? -1.136  6.352   -8.861  1.00 16.23 ? 60  PHE A CA  1 
ATOM   323  C C   . PHE A 1 58  ? -1.082  4.975   -8.190  1.00 15.97 ? 60  PHE A C   1 
ATOM   324  O O   . PHE A 1 58  ? -1.508  4.819   -7.032  1.00 16.90 ? 60  PHE A O   1 
ATOM   325  C CB  . PHE A 1 58  ? 0.233   7.004   -8.907  1.00 16.27 ? 60  PHE A CB  1 
ATOM   326  C CG  . PHE A 1 58  ? 0.739   7.451   -7.579  1.00 16.46 ? 60  PHE A CG  1 
ATOM   327  C CD1 . PHE A 1 58  ? 1.426   6.560   -6.737  1.00 16.56 ? 60  PHE A CD1 1 
ATOM   328  C CD2 . PHE A 1 58  ? 0.538   8.775   -7.146  1.00 18.60 ? 60  PHE A CD2 1 
ATOM   329  C CE1 . PHE A 1 58  ? 1.883   6.983   -5.499  1.00 17.25 ? 60  PHE A CE1 1 
ATOM   330  C CE2 . PHE A 1 58  ? 1.008   9.181   -5.906  1.00 18.64 ? 60  PHE A CE2 1 
ATOM   331  C CZ  . PHE A 1 58  ? 1.645   8.295   -5.080  1.00 17.29 ? 60  PHE A CZ  1 
ATOM   332  N N   . GLU A 1 59  ? -0.567  4.012   -8.938  1.00 15.89 ? 61  GLU A N   1 
ATOM   333  C CA  . GLU A 1 59  ? -0.343  2.647   -8.458  1.00 16.33 ? 61  GLU A CA  1 
ATOM   334  C C   . GLU A 1 59  ? 1.138   2.355   -8.323  1.00 16.55 ? 61  GLU A C   1 
ATOM   335  O O   . GLU A 1 59  ? 1.986   2.881   -9.079  1.00 16.01 ? 61  GLU A O   1 
ATOM   336  C CB  . GLU A 1 59  ? -0.974  1.597   -9.404  1.00 16.44 ? 61  GLU A CB  1 
ATOM   337  C CG  . GLU A 1 59  ? -2.485  1.714   -9.595  1.00 16.90 ? 61  GLU A CG  1 
ATOM   338  C CD  . GLU A 1 59  ? -3.072  0.791   -10.645 1.00 18.69 ? 61  GLU A CD  1 
ATOM   339  O OE1 . GLU A 1 59  ? -2.380  -0.030  -11.283 1.00 17.63 ? 61  GLU A OE1 1 
ATOM   340  O OE2 . GLU A 1 59  ? -4.290  0.854   -10.842 1.00 18.44 ? 61  GLU A OE2 1 
ATOM   341  N N   . TYR A 1 60  ? 1.442   1.427   -7.410  1.00 15.98 ? 62  TYR A N   1 
ATOM   342  C CA  . TYR A 1 60  ? 2.728   0.777   -7.356  1.00 14.82 ? 62  TYR A CA  1 
ATOM   343  C C   . TYR A 1 60  ? 2.497   -0.734  -7.210  1.00 14.82 ? 62  TYR A C   1 
ATOM   344  O O   . TYR A 1 60  ? 1.372   -1.176  -6.948  1.00 14.98 ? 62  TYR A O   1 
ATOM   345  C CB  . TYR A 1 60  ? 3.579   1.301   -6.217  1.00 15.73 ? 62  TYR A CB  1 
ATOM   346  C CG  . TYR A 1 60  ? 3.063   0.987   -4.823  1.00 15.70 ? 62  TYR A CG  1 
ATOM   347  C CD1 . TYR A 1 60  ? 3.606   -0.079  -4.076  1.00 16.01 ? 62  TYR A CD1 1 
ATOM   348  C CD2 . TYR A 1 60  ? 2.076   1.802   -4.216  1.00 16.41 ? 62  TYR A CD2 1 
ATOM   349  C CE1 . TYR A 1 60  ? 3.176   -0.352  -2.783  1.00 14.97 ? 62  TYR A CE1 1 
ATOM   350  C CE2 . TYR A 1 60  ? 1.634   1.548   -2.923  1.00 14.72 ? 62  TYR A CE2 1 
ATOM   351  C CZ  . TYR A 1 60  ? 2.190   0.451   -2.205  1.00 14.79 ? 62  TYR A CZ  1 
ATOM   352  O OH  . TYR A 1 60  ? 1.763   0.209   -0.907  1.00 15.28 ? 62  TYR A OH  1 
ATOM   353  N N   . GLU A 1 61  ? 3.542   -1.506  -7.420  1.00 15.09 ? 63  GLU A N   1 
ATOM   354  C CA  . GLU A 1 61  ? 3.494   -2.978  -7.277  1.00 15.32 ? 63  GLU A CA  1 
ATOM   355  C C   . GLU A 1 61  ? 4.047   -3.401  -5.939  1.00 14.78 ? 63  GLU A C   1 
ATOM   356  O O   . GLU A 1 61  ? 5.152   -3.017  -5.534  1.00 14.66 ? 63  GLU A O   1 
ATOM   357  C CB  . GLU A 1 61  ? 4.207   -3.690  -8.426  1.00 16.17 ? 63  GLU A CB  1 
ATOM   358  C CG  . GLU A 1 61  ? 3.394   -3.652  -9.682  1.00 22.06 ? 63  GLU A CG  1 
ATOM   359  C CD  . GLU A 1 61  ? 4.147   -4.110  -10.926 1.00 25.18 ? 63  GLU A CD  1 
ATOM   360  O OE1 . GLU A 1 61  ? 5.334   -4.639  -10.834 1.00 27.15 ? 63  GLU A OE1 1 
ATOM   361  O OE2 . GLU A 1 61  ? 3.517   -3.930  -11.976 1.00 21.36 ? 63  GLU A OE2 1 
ATOM   362  N N   . ASP A 1 62  ? 3.258   -4.165  -5.205  1.00 14.78 ? 64  ASP A N   1 
ATOM   363  C CA  . ASP A 1 62  ? 3.724   -4.704  -3.947  1.00 14.79 ? 64  ASP A CA  1 
ATOM   364  C C   . ASP A 1 62  ? 4.556   -6.006  -4.133  1.00 14.70 ? 64  ASP A C   1 
ATOM   365  O O   . ASP A 1 62  ? 4.853   -6.417  -5.249  1.00 13.79 ? 64  ASP A O   1 
ATOM   366  C CB  . ASP A 1 62  ? 2.578   -4.806  -2.926  1.00 14.15 ? 64  ASP A CB  1 
ATOM   367  C CG  . ASP A 1 62  ? 1.678   -6.035  -3.125  1.00 16.08 ? 64  ASP A CG  1 
ATOM   368  O OD1 . ASP A 1 62  ? 1.852   -6.813  -4.095  1.00 14.88 ? 64  ASP A OD1 1 
ATOM   369  O OD2 . ASP A 1 62  ? 0.789   -6.206  -2.253  1.00 17.99 ? 64  ASP A OD2 1 
ATOM   370  N N   . GLU A 1 63  ? 4.940   -6.612  -3.024  1.00 14.23 ? 65  GLU A N   1 
ATOM   371  C CA  . GLU A 1 63  ? 5.793   -7.794  -3.032  1.00 15.14 ? 65  GLU A CA  1 
ATOM   372  C C   . GLU A 1 63  ? 5.106   -9.006  -3.686  1.00 14.24 ? 65  GLU A C   1 
ATOM   373  O O   . GLU A 1 63  ? 5.786   -9.938  -4.073  1.00 14.82 ? 65  GLU A O   1 
ATOM   374  C CB  . GLU A 1 63  ? 6.232   -8.132  -1.620  1.00 14.86 ? 65  GLU A CB  1 
ATOM   375  C CG  . GLU A 1 63  ? 5.084   -8.585  -0.697  1.00 14.91 ? 65  GLU A CG  1 
ATOM   376  C CD  . GLU A 1 63  ? 4.331   -7.471  0.041   1.00 17.80 ? 65  GLU A CD  1 
ATOM   377  O OE1 . GLU A 1 63  ? 4.480   -6.255  -0.245  1.00 14.75 ? 65  GLU A OE1 1 
ATOM   378  O OE2 . GLU A 1 63  ? 3.560   -7.864  0.947   1.00 19.19 ? 65  GLU A OE2 1 
ATOM   379  N N   . ASP A 1 64  ? 3.771   -8.972  -3.790  1.00 13.92 ? 66  ASP A N   1 
ATOM   380  C CA  . ASP A 1 64  ? 3.003   -10.009 -4.442  1.00 14.58 ? 66  ASP A CA  1 
ATOM   381  C C   . ASP A 1 64  ? 2.829   -9.751  -5.962  1.00 13.61 ? 66  ASP A C   1 
ATOM   382  O O   . ASP A 1 64  ? 2.274   -10.584 -6.677  1.00 12.83 ? 66  ASP A O   1 
ATOM   383  C CB  . ASP A 1 64  ? 1.612   -10.164 -3.771  1.00 15.78 ? 66  ASP A CB  1 
ATOM   384  C CG  . ASP A 1 64  ? 1.670   -10.685 -2.364  1.00 17.03 ? 66  ASP A CG  1 
ATOM   385  O OD1 . ASP A 1 64  ? 2.693   -11.294 -1.966  1.00 17.88 ? 66  ASP A OD1 1 
ATOM   386  O OD2 . ASP A 1 64  ? 0.653   -10.453 -1.639  1.00 21.32 ? 66  ASP A OD2 1 
ATOM   387  N N   . GLY A 1 65  ? 3.292   -8.591  -6.441  1.00 14.52 ? 67  GLY A N   1 
ATOM   388  C CA  . GLY A 1 65  ? 3.071   -8.154  -7.835  1.00 14.95 ? 67  GLY A CA  1 
ATOM   389  C C   . GLY A 1 65  ? 1.715   -7.484  -8.014  1.00 15.54 ? 67  GLY A C   1 
ATOM   390  O O   . GLY A 1 65  ? 1.342   -7.193  -9.153  1.00 16.20 ? 67  GLY A O   1 
ATOM   391  N N   . ASP A 1 66  ? 0.962   -7.305  -6.922  1.00 13.15 ? 68  ASP A N   1 
ATOM   392  C CA  . ASP A 1 66  ? -0.367  -6.649  -6.988  1.00 14.48 ? 68  ASP A CA  1 
ATOM   393  C C   . ASP A 1 66  ? -0.259  -5.155  -7.176  1.00 13.61 ? 68  ASP A C   1 
ATOM   394  O O   . ASP A 1 66  ? 0.591   -4.508  -6.547  1.00 13.53 ? 68  ASP A O   1 
ATOM   395  C CB  . ASP A 1 66  ? -1.257  -6.926  -5.754  1.00 13.97 ? 68  ASP A CB  1 
ATOM   396  C CG  . ASP A 1 66  ? -1.722  -8.371  -5.622  1.00 17.75 ? 68  ASP A CG  1 
ATOM   397  O OD1 . ASP A 1 66  ? -1.702  -9.188  -6.592  1.00 14.52 ? 68  ASP A OD1 1 
ATOM   398  O OD2 . ASP A 1 66  ? -2.143  -8.652  -4.479  1.00 19.65 ? 68  ASP A OD2 1 
ATOM   399  N N   . ARG A 1 67  ? -1.134  -4.596  -8.024  1.00 13.34 ? 69  ARG A N   1 
ATOM   400  C CA  . ARG A 1 67  ? -1.169  -3.149  -8.192  1.00 13.68 ? 69  ARG A CA  1 
ATOM   401  C C   . ARG A 1 67  ? -1.962  -2.536  -7.033  1.00 13.49 ? 69  ARG A C   1 
ATOM   402  O O   . ARG A 1 67  ? -3.114  -2.871  -6.813  1.00 14.06 ? 69  ARG A O   1 
ATOM   403  C CB  . ARG A 1 67  ? -1.753  -2.714  -9.546  1.00 14.61 ? 69  ARG A CB  1 
ATOM   404  C CG  . ARG A 1 67  ? -0.889  -3.102  -10.821 1.00 15.34 ? 69  ARG A CG  1 
ATOM   405  C CD  . ARG A 1 67  ? 0.449   -2.295  -11.106 1.00 21.41 ? 69  ARG A CD  1 
ATOM   406  N NE  . ARG A 1 67  ? 0.022   -1.239  -11.997 1.00 30.42 ? 69  ARG A NE  1 
ATOM   407  C CZ  . ARG A 1 67  ? 0.346   -1.001  -13.250 1.00 18.11 ? 69  ARG A CZ  1 
ATOM   408  N NH1 . ARG A 1 67  ? 1.359   -1.585  -13.974 1.00 17.69 ? 69  ARG A NH1 1 
ATOM   409  N NH2 . ARG A 1 67  ? -0.293  -0.007  -13.740 1.00 30.33 ? 69  ARG A NH2 1 
ATOM   410  N N   . ILE A 1 68  ? -1.310  -1.628  -6.334  1.00 12.83 ? 70  ILE A N   1 
ATOM   411  C CA  . ILE A 1 68  ? -1.818  -0.974  -5.138  1.00 13.65 ? 70  ILE A CA  1 
ATOM   412  C C   . ILE A 1 68  ? -2.033  0.510   -5.498  1.00 14.03 ? 70  ILE A C   1 
ATOM   413  O O   . ILE A 1 68  ? -1.085  1.225   -5.941  1.00 15.12 ? 70  ILE A O   1 
ATOM   414  C CB  . ILE A 1 68  ? -0.812  -1.043  -3.980  1.00 13.67 ? 70  ILE A CB  1 
ATOM   415  C CG1 . ILE A 1 68  ? -0.318  -2.488  -3.752  1.00 14.39 ? 70  ILE A CG1 1 
ATOM   416  C CG2 . ILE A 1 68  ? -1.416  -0.365  -2.690  1.00 11.40 ? 70  ILE A CG2 1 
ATOM   417  C CD1 . ILE A 1 68  ? -1.421  -3.560  -3.409  1.00 13.91 ? 70  ILE A CD1 1 
ATOM   418  N N   . THR A 1 69  ? -3.258  0.958   -5.321  1.00 13.54 ? 71  THR A N   1 
ATOM   419  C CA  . THR A 1 69  ? -3.616  2.362   -5.606  1.00 13.42 ? 71  THR A CA  1 
ATOM   420  C C   . THR A 1 69  ? -3.360  3.238   -4.367  1.00 14.45 ? 71  THR A C   1 
ATOM   421  O O   . THR A 1 69  ? -3.735  2.864   -3.217  1.00 14.79 ? 71  THR A O   1 
ATOM   422  C CB  . THR A 1 69  ? -5.052  2.458   -6.128  1.00 13.84 ? 71  THR A CB  1 
ATOM   423  O OG1 . THR A 1 69  ? -5.165  1.664   -7.304  1.00 13.15 ? 71  THR A OG1 1 
ATOM   424  C CG2 . THR A 1 69  ? -5.464  3.936   -6.407  1.00 14.15 ? 71  THR A CG2 1 
ATOM   425  N N   . VAL A 1 70  ? -2.731  4.384   -4.603  1.00 13.39 ? 72  VAL A N   1 
ATOM   426  C CA  . VAL A 1 70  ? -2.434  5.382   -3.557  1.00 14.58 ? 72  VAL A CA  1 
ATOM   427  C C   . VAL A 1 70  ? -3.272  6.638   -3.783  1.00 14.18 ? 72  VAL A C   1 
ATOM   428  O O   . VAL A 1 70  ? -3.170  7.278   -4.825  1.00 13.32 ? 72  VAL A O   1 
ATOM   429  C CB  . VAL A 1 70  ? -0.930  5.742   -3.540  1.00 14.56 ? 72  VAL A CB  1 
ATOM   430  C CG1 . VAL A 1 70  ? -0.623  6.905   -2.561  1.00 13.49 ? 72  VAL A CG1 1 
ATOM   431  C CG2 . VAL A 1 70  ? -0.088  4.474   -3.243  1.00 13.91 ? 72  VAL A CG2 1 
ATOM   432  N N   . ARG A 1 71  ? -4.075  6.980   -2.763  1.00 14.61 ? 73  ARG A N   1 
ATOM   433  C CA  . ARG A 1 71  ? -4.980  8.130   -2.796  1.00 15.40 ? 73  ARG A CA  1 
ATOM   434  C C   . ARG A 1 71  ? -4.802  9.123   -1.637  1.00 15.34 ? 73  ARG A C   1 
ATOM   435  O O   . ARG A 1 71  ? -5.571  10.062  -1.534  1.00 14.61 ? 73  ARG A O   1 
ATOM   436  C CB  . ARG A 1 71  ? -6.446  7.686   -2.853  1.00 15.75 ? 73  ARG A CB  1 
ATOM   437  C CG  . ARG A 1 71  ? -6.803  6.898   -4.107  1.00 16.82 ? 73  ARG A CG  1 
ATOM   438  C CD  . ARG A 1 71  ? -8.270  6.633   -4.237  1.00 16.13 ? 73  ARG A CD  1 
ATOM   439  N NE  . ARG A 1 71  ? -8.594  5.823   -5.387  1.00 16.32 ? 73  ARG A NE  1 
ATOM   440  C CZ  . ARG A 1 71  ? -8.648  6.264   -6.640  1.00 17.36 ? 73  ARG A CZ  1 
ATOM   441  N NH1 . ARG A 1 71  ? -8.504  7.559   -6.922  1.00 16.54 ? 73  ARG A NH1 1 
ATOM   442  N NH2 . ARG A 1 71  ? -8.941  5.412   -7.606  1.00 17.24 ? 73  ARG A NH2 1 
ATOM   443  N N   . SER A 1 72  ? -3.759  8.969   -0.829  1.00 14.37 ? 74  SER A N   1 
ATOM   444  C CA  . SER A 1 72  ? -3.581  9.789   0.367   1.00 14.41 ? 74  SER A CA  1 
ATOM   445  C C   . SER A 1 72  ? -2.171  9.703   0.862   1.00 14.16 ? 74  SER A C   1 
ATOM   446  O O   . SER A 1 72  ? -1.402  8.811   0.481   1.00 15.11 ? 74  SER A O   1 
ATOM   447  C CB  . SER A 1 72  ? -4.481  9.308   1.510   1.00 13.79 ? 74  SER A CB  1 
ATOM   448  O OG  . SER A 1 72  ? -4.047  8.040   1.972   1.00 14.39 ? 74  SER A OG  1 
ATOM   449  N N   . ASP A 1 73  ? -1.850  10.621  1.757   1.00 14.14 ? 75  ASP A N   1 
ATOM   450  C CA  . ASP A 1 73  ? -0.555  10.581  2.427   1.00 14.79 ? 75  ASP A CA  1 
ATOM   451  C C   . ASP A 1 73  ? -0.298  9.329   3.251   1.00 15.46 ? 75  ASP A C   1 
ATOM   452  O O   . ASP A 1 73  ? 0.818   8.804   3.221   1.00 16.04 ? 75  ASP A O   1 
ATOM   453  C CB  . ASP A 1 73  ? -0.390  11.817  3.271   1.00 14.67 ? 75  ASP A CB  1 
ATOM   454  C CG  . ASP A 1 73  ? -0.131  13.052  2.427   1.00 17.14 ? 75  ASP A CG  1 
ATOM   455  O OD1 . ASP A 1 73  ? 0.999   13.147  1.906   1.00 15.97 ? 75  ASP A OD1 1 
ATOM   456  O OD2 . ASP A 1 73  ? -1.065  13.887  2.282   1.00 15.94 ? 75  ASP A OD2 1 
ATOM   457  N N   . GLU A 1 74  ? -1.295  8.847   3.994   1.00 15.70 ? 76  GLU A N   1 
ATOM   458  C CA  . GLU A 1 74  ? -1.084  7.621   4.785   1.00 17.77 ? 76  GLU A CA  1 
ATOM   459  C C   . GLU A 1 74  ? -0.747  6.422   3.902   1.00 16.48 ? 76  GLU A C   1 
ATOM   460  O O   . GLU A 1 74  ? 0.112   5.627   4.247   1.00 16.70 ? 76  GLU A O   1 
ATOM   461  C CB  . GLU A 1 74  ? -2.244  7.290   5.754   1.00 18.43 ? 76  GLU A CB  1 
ATOM   462  C CG  . GLU A 1 74  ? -3.584  7.043   5.141   1.00 21.50 ? 76  GLU A CG  1 
ATOM   463  C CD  . GLU A 1 74  ? -4.695  6.796   6.185   1.00 21.08 ? 76  GLU A CD  1 
ATOM   464  O OE1 . GLU A 1 74  ? -4.371  6.739   7.404   1.00 20.57 ? 76  GLU A OE1 1 
ATOM   465  O OE2 . GLU A 1 74  ? -5.896  6.735   5.768   1.00 24.96 ? 76  GLU A OE2 1 
ATOM   466  N N   . GLU A 1 75  ? -1.416  6.302   2.758   1.00 15.46 ? 77  GLU A N   1 
ATOM   467  C CA  . GLU A 1 75  ? -1.120  5.236   1.785   1.00 17.17 ? 77  GLU A CA  1 
ATOM   468  C C   . GLU A 1 75  ? 0.265   5.423   1.154   1.00 16.95 ? 77  GLU A C   1 
ATOM   469  O O   . GLU A 1 75  ? 1.019   4.456   0.960   1.00 17.38 ? 77  GLU A O   1 
ATOM   470  C CB  . GLU A 1 75  ? -2.219  5.173   0.729   1.00 15.83 ? 77  GLU A CB  1 
ATOM   471  C CG  . GLU A 1 75  ? -3.541  4.712   1.330   1.00 15.72 ? 77  GLU A CG  1 
ATOM   472  C CD  . GLU A 1 75  ? -4.785  4.924   0.444   1.00 18.66 ? 77  GLU A CD  1 
ATOM   473  O OE1 . GLU A 1 75  ? -4.631  4.961   -0.803  1.00 16.73 ? 77  GLU A OE1 1 
ATOM   474  O OE2 . GLU A 1 75  ? -5.932  4.999   0.997   1.00 19.69 ? 77  GLU A OE2 1 
ATOM   475  N N   . MET A 1 76  ? 0.615   6.668   0.862   1.00 17.67 ? 78  MET A N   1 
ATOM   476  C CA  . MET A 1 76  ? 1.935   6.965   0.325   1.00 18.39 ? 78  MET A CA  1 
ATOM   477  C C   . MET A 1 76  ? 3.048   6.591   1.331   1.00 17.39 ? 78  MET A C   1 
ATOM   478  O O   . MET A 1 76  ? 4.062   6.081   0.945   1.00 17.00 ? 78  MET A O   1 
ATOM   479  C CB  . MET A 1 76  ? 2.031   8.438   -0.135  1.00 18.04 ? 78  MET A CB  1 
ATOM   480  C CG  . MET A 1 76  ? 3.174   8.666   -1.173  1.00 19.37 ? 78  MET A CG  1 
ATOM   481  S SD  . MET A 1 76  ? 3.582   10.359  -1.457  1.00 23.72 ? 78  MET A SD  1 
ATOM   482  C CE  . MET A 1 76  ? 3.887   10.914  0.206   1.00 20.11 ? 78  MET A CE  1 
ATOM   483  N N   . LYS A 1 77  ? 2.835   6.815   2.618   1.00 18.05 ? 79  LYS A N   1 
ATOM   484  C CA  . LYS A 1 77  ? 3.785   6.434   3.654   1.00 18.66 ? 79  LYS A CA  1 
ATOM   485  C C   . LYS A 1 77  ? 3.997   4.925   3.726   1.00 17.99 ? 79  LYS A C   1 
ATOM   486  O O   . LYS A 1 77  ? 5.130   4.473   3.852   1.00 17.01 ? 79  LYS A O   1 
ATOM   487  C CB  . LYS A 1 77  ? 3.331   6.973   5.022   1.00 20.25 ? 79  LYS A CB  1 
ATOM   488  C CG  . LYS A 1 77  ? 3.592   8.471   5.281   1.00 24.02 ? 79  LYS A CG  1 
ATOM   489  C CD  . LYS A 1 77  ? 3.490   9.387   4.052   1.00 27.76 ? 79  LYS A CD  1 
ATOM   490  N N   . ALA A 1 78  ? 2.919   4.144   3.635   1.00 16.90 ? 80  ALA A N   1 
ATOM   491  C CA  . ALA A 1 78  ? 3.059   2.689   3.567   1.00 17.12 ? 80  ALA A CA  1 
ATOM   492  C C   . ALA A 1 78  ? 3.829   2.222   2.314   1.00 15.95 ? 80  ALA A C   1 
ATOM   493  O O   . ALA A 1 78  ? 4.578   1.239   2.361   1.00 16.14 ? 80  ALA A O   1 
ATOM   494  C CB  . ALA A 1 78  ? 1.655   2.022   3.606   1.00 16.87 ? 80  ALA A CB  1 
ATOM   495  N N   . MET A 1 79  ? 3.597   2.893   1.189   1.00 15.86 ? 81  MET A N   1 
ATOM   496  C CA  . MET A 1 79  ? 4.375   2.671   -0.020  1.00 16.11 ? 81  MET A CA  1 
ATOM   497  C C   . MET A 1 79  ? 5.870   2.906   0.225   1.00 15.74 ? 81  MET A C   1 
ATOM   498  O O   . MET A 1 79  ? 6.708   2.054   -0.134  1.00 14.93 ? 81  MET A O   1 
ATOM   499  C CB  . MET A 1 79  ? 3.866   3.540   -1.164  1.00 14.81 ? 81  MET A CB  1 
ATOM   500  C CG  . MET A 1 79  ? 4.632   3.372   -2.462  1.00 16.62 ? 81  MET A CG  1 
ATOM   501  S SD  . MET A 1 79  ? 4.100   4.475   -3.764  1.00 15.91 ? 81  MET A SD  1 
ATOM   502  C CE  . MET A 1 79  ? 4.889   6.011   -3.199  1.00 16.71 ? 81  MET A CE  1 
ATOM   503  N N   . LEU A 1 80  ? 6.196   4.061   0.784   1.00 16.10 ? 82  LEU A N   1 
ATOM   504  C CA  . LEU A 1 80  ? 7.595   4.453   0.994   1.00 16.92 ? 82  LEU A CA  1 
ATOM   505  C C   . LEU A 1 80  ? 8.305   3.488   1.952   1.00 16.74 ? 82  LEU A C   1 
ATOM   506  O O   . LEU A 1 80  ? 9.460   3.104   1.704   1.00 16.27 ? 82  LEU A O   1 
ATOM   507  C CB  . LEU A 1 80  ? 7.684   5.908   1.440   1.00 16.69 ? 82  LEU A CB  1 
ATOM   508  C CG  . LEU A 1 80  ? 7.290   6.974   0.391   1.00 17.12 ? 82  LEU A CG  1 
ATOM   509  C CD1 . LEU A 1 80  ? 7.156   8.383   1.044   1.00 16.62 ? 82  LEU A CD1 1 
ATOM   510  C CD2 . LEU A 1 80  ? 8.274   6.982   -0.756  1.00 18.83 ? 82  LEU A CD2 1 
ATOM   511  N N   . SER A 1 81  ? 7.607   3.058   3.012   1.00 18.03 ? 83  SER A N   1 
ATOM   512  C CA  A SER A 1 81  ? 8.184   2.125   3.989   0.50 18.53 ? 83  SER A CA  1 
ATOM   513  C CA  B SER A 1 81  ? 8.163   2.119   3.989   0.50 18.91 ? 83  SER A CA  1 
ATOM   514  C C   . SER A 1 81  ? 8.532   0.803   3.318   1.00 19.32 ? 83  SER A C   1 
ATOM   515  O O   . SER A 1 81  ? 9.609   0.293   3.495   1.00 18.79 ? 83  SER A O   1 
ATOM   516  C CB  A SER A 1 81  ? 7.217   1.899   5.154   0.50 19.15 ? 83  SER A CB  1 
ATOM   517  C CB  B SER A 1 81  ? 7.146   1.845   5.092   0.50 19.54 ? 83  SER A CB  1 
ATOM   518  O OG  A SER A 1 81  ? 7.050   3.101   5.887   0.50 17.67 ? 83  SER A OG  1 
ATOM   519  O OG  B SER A 1 81  ? 7.754   1.089   6.111   0.50 20.56 ? 83  SER A OG  1 
ATOM   520  N N   . TYR A 1 82  ? 7.603   0.285   2.515   1.00 21.90 ? 84  TYR A N   1 
ATOM   521  C CA  . TYR A 1 82  ? 7.829   -0.879  1.667   1.00 23.11 ? 84  TYR A CA  1 
ATOM   522  C C   . TYR A 1 82  ? 9.060   -0.709  0.762   1.00 24.09 ? 84  TYR A C   1 
ATOM   523  O O   . TYR A 1 82  ? 9.949   -1.576  0.756   1.00 24.67 ? 84  TYR A O   1 
ATOM   524  C CB  . TYR A 1 82  ? 6.562   -1.199  0.868   1.00 23.31 ? 84  TYR A CB  1 
ATOM   525  C CG  . TYR A 1 82  ? 6.819   -2.212  -0.231  1.00 24.91 ? 84  TYR A CG  1 
ATOM   526  C CD1 . TYR A 1 82  ? 7.267   -3.480  0.079   1.00 24.99 ? 84  TYR A CD1 1 
ATOM   527  C CD2 . TYR A 1 82  ? 6.679   -1.871  -1.588  1.00 26.24 ? 84  TYR A CD2 1 
ATOM   528  C CE1 . TYR A 1 82  ? 7.550   -4.408  -0.934  1.00 27.42 ? 84  TYR A CE1 1 
ATOM   529  C CE2 . TYR A 1 82  ? 6.978   -2.786  -2.591  1.00 26.28 ? 84  TYR A CE2 1 
ATOM   530  C CZ  . TYR A 1 82  ? 7.390   -4.059  -2.253  1.00 25.24 ? 84  TYR A CZ  1 
ATOM   531  O OH  . TYR A 1 82  ? 7.696   -4.988  -3.223  1.00 25.02 ? 84  TYR A OH  1 
ATOM   532  N N   . TYR A 1 83  ? 9.106   0.400   0.014   1.00 24.80 ? 85  TYR A N   1 
ATOM   533  C CA  . TYR A 1 83  ? 10.219  0.699   -0.868  1.00 25.65 ? 85  TYR A CA  1 
ATOM   534  C C   . TYR A 1 83  ? 11.543  0.707   -0.119  1.00 26.56 ? 85  TYR A C   1 
ATOM   535  O O   . TYR A 1 83  ? 12.479  0.041   -0.554  1.00 26.38 ? 85  TYR A O   1 
ATOM   536  C CB  . TYR A 1 83  ? 10.030  2.024   -1.610  1.00 24.04 ? 85  TYR A CB  1 
ATOM   537  C CG  . TYR A 1 83  ? 11.192  2.357   -2.508  1.00 24.54 ? 85  TYR A CG  1 
ATOM   538  C CD1 . TYR A 1 83  ? 11.449  1.607   -3.633  1.00 23.41 ? 85  TYR A CD1 1 
ATOM   539  C CD2 . TYR A 1 83  ? 12.073  3.404   -2.206  1.00 23.06 ? 85  TYR A CD2 1 
ATOM   540  C CE1 . TYR A 1 83  ? 12.522  1.911   -4.463  1.00 20.96 ? 85  TYR A CE1 1 
ATOM   541  C CE2 . TYR A 1 83  ? 13.165  3.702   -3.033  1.00 21.94 ? 85  TYR A CE2 1 
ATOM   542  C CZ  . TYR A 1 83  ? 13.372  2.948   -4.159  1.00 22.64 ? 85  TYR A CZ  1 
ATOM   543  O OH  . TYR A 1 83  ? 14.411  3.221   -4.996  1.00 21.16 ? 85  TYR A OH  1 
ATOM   544  N N   . TYR A 1 84  ? 11.605  1.430   1.003   1.00 27.87 ? 86  TYR A N   1 
ATOM   545  C CA  . TYR A 1 84  ? 12.865  1.551   1.763   1.00 29.93 ? 86  TYR A CA  1 
ATOM   546  C C   . TYR A 1 84  ? 13.355  0.174   2.259   1.00 29.96 ? 86  TYR A C   1 
ATOM   547  O O   . TYR A 1 84  ? 14.537  -0.167  2.116   1.00 30.63 ? 86  TYR A O   1 
ATOM   548  C CB  . TYR A 1 84  ? 12.699  2.562   2.884   1.00 30.80 ? 86  TYR A CB  1 
ATOM   549  C CG  . TYR A 1 84  ? 12.506  4.006   2.387   1.00 33.63 ? 86  TYR A CG  1 
ATOM   550  C CD1 . TYR A 1 84  ? 13.289  4.543   1.359   1.00 35.41 ? 86  TYR A CD1 1 
ATOM   551  C CD2 . TYR A 1 84  ? 11.602  4.856   3.018   1.00 35.73 ? 86  TYR A CD2 1 
ATOM   552  C CE1 . TYR A 1 84  ? 13.116  5.881   0.941   1.00 36.35 ? 86  TYR A CE1 1 
ATOM   553  C CE2 . TYR A 1 84  ? 11.425  6.176   2.601   1.00 36.43 ? 86  TYR A CE2 1 
ATOM   554  C CZ  . TYR A 1 84  ? 12.173  6.671   1.562   1.00 34.67 ? 86  TYR A CZ  1 
ATOM   555  O OH  . TYR A 1 84  ? 11.968  7.979   1.183   1.00 35.42 ? 86  TYR A OH  1 
ATOM   556  N N   . SER A 1 85  ? 12.427  -0.638  2.769   1.00 30.52 ? 87  SER A N   1 
ATOM   557  C CA  . SER A 1 85  ? 12.713  -2.011  3.161   1.00 30.19 ? 87  SER A CA  1 
ATOM   558  C C   . SER A 1 85  ? 13.314  -2.814  2.036   1.00 30.04 ? 87  SER A C   1 
ATOM   559  O O   . SER A 1 85  ? 14.271  -3.561  2.260   1.00 28.64 ? 87  SER A O   1 
ATOM   560  C CB  . SER A 1 85  ? 11.454  -2.691  3.661   1.00 29.75 ? 87  SER A CB  1 
ATOM   561  O OG  . SER A 1 85  ? 11.156  -2.160  4.929   1.00 33.46 ? 87  SER A OG  1 
ATOM   562  N N   . THR A 1 86  ? 12.762  -2.636  0.830   1.00 30.77 ? 88  THR A N   1 
ATOM   563  C CA  . THR A 1 86  ? 13.222  -3.335  -0.368  1.00 31.92 ? 88  THR A CA  1 
ATOM   564  C C   . THR A 1 86  ? 14.653  -2.884  -0.762  1.00 32.76 ? 88  THR A C   1 
ATOM   565  O O   . THR A 1 86  ? 15.505  -3.732  -1.040  1.00 33.42 ? 88  THR A O   1 
ATOM   566  C CB  . THR A 1 86  ? 12.246  -3.150  -1.566  1.00 31.95 ? 88  THR A CB  1 
ATOM   567  O OG1 . THR A 1 86  ? 10.934  -3.607  -1.198  1.00 33.47 ? 88  THR A OG1 1 
ATOM   568  C CG2 . THR A 1 86  ? 12.710  -3.981  -2.752  1.00 33.67 ? 88  THR A CG2 1 
ATOM   569  N N   . VAL A 1 87  ? 14.891  -1.565  -0.778  1.00 32.74 ? 89  VAL A N   1 
ATOM   570  C CA  . VAL A 1 87  ? 16.206  -0.974  -1.026  1.00 32.91 ? 89  VAL A CA  1 
ATOM   571  C C   . VAL A 1 87  ? 17.245  -1.482  -0.028  1.00 32.68 ? 89  VAL A C   1 
ATOM   572  O O   . VAL A 1 87  ? 18.333  -1.904  -0.414  1.00 32.60 ? 89  VAL A O   1 
ATOM   573  C CB  . VAL A 1 87  ? 16.178  0.574   -0.949  1.00 33.42 ? 89  VAL A CB  1 
ATOM   574  C CG1 . VAL A 1 87  ? 17.619  1.147   -1.021  1.00 33.81 ? 89  VAL A CG1 1 
ATOM   575  C CG2 . VAL A 1 87  ? 15.335  1.144   -2.062  1.00 33.94 ? 89  VAL A CG2 1 
ATOM   576  N N   . MET A 1 88  ? 16.907  -1.436  1.251   1.00 32.62 ? 90  MET A N   1 
ATOM   577  C CA  . MET A 1 88  ? 17.775  -1.945  2.305   1.00 32.57 ? 90  MET A CA  1 
ATOM   578  C C   . MET A 1 88  ? 18.205  -3.395  2.072   1.00 32.69 ? 90  MET A C   1 
ATOM   579  O O   . MET A 1 88  ? 19.378  -3.711  2.174   1.00 31.98 ? 90  MET A O   1 
ATOM   580  C CB  . MET A 1 88  ? 17.084  -1.812  3.663   1.00 32.89 ? 90  MET A CB  1 
ATOM   581  C CG  . MET A 1 88  ? 16.953  -0.354  4.132   1.00 33.65 ? 90  MET A CG  1 
ATOM   582  N N   . GLU A 1 89  ? 17.252  -4.260  1.737   1.00 32.50 ? 91  GLU A N   1 
ATOM   583  C CA  . GLU A 1 89  ? 17.551  -5.671  1.476   1.00 32.72 ? 91  GLU A CA  1 
ATOM   584  C C   . GLU A 1 89  ? 18.451  -5.831  0.253   1.00 32.65 ? 91  GLU A C   1 
ATOM   585  O O   . GLU A 1 89  ? 19.380  -6.639  0.256   1.00 32.79 ? 91  GLU A O   1 
ATOM   586  C CB  . GLU A 1 89  ? 16.250  -6.453  1.279   1.00 32.80 ? 91  GLU A CB  1 
ATOM   587  N N   . GLN A 1 90  ? 18.175  -5.052  -0.791  1.00 32.77 ? 92  GLN A N   1 
ATOM   588  C CA  . GLN A 1 90  ? 19.013  -5.054  -1.994  1.00 32.88 ? 92  GLN A CA  1 
ATOM   589  C C   . GLN A 1 90  ? 20.454  -4.623  -1.741  1.00 32.44 ? 92  GLN A C   1 
ATOM   590  O O   . GLN A 1 90  ? 21.375  -5.228  -2.273  1.00 31.40 ? 92  GLN A O   1 
ATOM   591  C CB  . GLN A 1 90  ? 18.390  -4.170  -3.064  1.00 33.02 ? 92  GLN A CB  1 
ATOM   592  C CG  . GLN A 1 90  ? 17.160  -4.790  -3.698  1.00 35.15 ? 92  GLN A CG  1 
ATOM   593  C CD  . GLN A 1 90  ? 16.315  -3.787  -4.461  1.00 37.73 ? 92  GLN A CD  1 
ATOM   594  O OE1 . GLN A 1 90  ? 16.522  -2.566  -4.367  1.00 39.79 ? 92  GLN A OE1 1 
ATOM   595  N NE2 . GLN A 1 90  ? 15.361  -4.295  -5.226  1.00 40.19 ? 92  GLN A NE2 1 
ATOM   596  N N   . GLN A 1 91  ? 20.653  -3.569  -0.948  1.00 32.32 ? 93  GLN A N   1 
ATOM   597  C CA  . GLN A 1 91  ? 21.998  -3.115  -0.608  1.00 32.62 ? 93  GLN A CA  1 
ATOM   598  C C   . GLN A 1 91  ? 22.748  -4.222  0.119   1.00 31.44 ? 93  GLN A C   1 
ATOM   599  O O   . GLN A 1 91  ? 23.850  -4.591  -0.289  1.00 30.64 ? 93  GLN A O   1 
ATOM   600  C CB  . GLN A 1 91  ? 21.971  -1.873  0.279   1.00 33.01 ? 93  GLN A CB  1 
ATOM   601  C CG  . GLN A 1 91  ? 21.372  -0.658  -0.383  1.00 34.75 ? 93  GLN A CG  1 
ATOM   602  C CD  . GLN A 1 91  ? 21.132  0.502   0.597   1.00 36.06 ? 93  GLN A CD  1 
ATOM   603  O OE1 . GLN A 1 91  ? 20.855  0.294   1.796   1.00 42.36 ? 93  GLN A OE1 1 
ATOM   604  N NE2 . GLN A 1 91  ? 21.210  1.718   0.083   1.00 38.75 ? 93  GLN A NE2 1 
ATOM   605  N N   . VAL A 1 92  ? 22.140  -4.739  1.189   1.00 30.35 ? 94  VAL A N   1 
ATOM   606  C CA  . VAL A 1 92  ? 22.733  -5.823  1.986   1.00 30.07 ? 94  VAL A CA  1 
ATOM   607  C C   . VAL A 1 92  ? 23.120  -7.009  1.103   1.00 29.26 ? 94  VAL A C   1 
ATOM   608  O O   . VAL A 1 92  ? 24.290  -7.413  1.078   1.00 29.14 ? 94  VAL A O   1 
ATOM   609  C CB  . VAL A 1 92  ? 21.777  -6.284  3.108   1.00 30.11 ? 94  VAL A CB  1 
ATOM   610  C CG1 . VAL A 1 92  ? 22.277  -7.546  3.755   1.00 30.58 ? 94  VAL A CG1 1 
ATOM   611  C CG2 . VAL A 1 92  ? 21.599  -5.165  4.148   1.00 31.16 ? 94  VAL A CG2 1 
ATOM   612  N N   . ASN A 1 93  ? 22.155  -7.526  0.342   1.00 28.49 ? 95  ASN A N   1 
ATOM   613  C CA  . ASN A 1 93  ? 22.371  -8.733  -0.481  1.00 27.89 ? 95  ASN A CA  1 
ATOM   614  C C   . ASN A 1 93  ? 23.078  -8.470  -1.822  1.00 27.81 ? 95  ASN A C   1 
ATOM   615  O O   . ASN A 1 93  ? 23.297  -9.403  -2.602  1.00 27.82 ? 95  ASN A O   1 
ATOM   616  C CB  . ASN A 1 93  ? 21.047  -9.472  -0.714  1.00 27.48 ? 95  ASN A CB  1 
ATOM   617  C CG  . ASN A 1 93  ? 20.440  -10.002 0.570   1.00 26.39 ? 95  ASN A CG  1 
ATOM   618  O OD1 . ASN A 1 93  ? 21.035  -10.812 1.255   1.00 25.61 ? 95  ASN A OD1 1 
ATOM   619  N ND2 . ASN A 1 93  ? 19.254  -9.529  0.906   1.00 27.98 ? 95  ASN A ND2 1 
ATOM   620  N N   . GLY A 1 94  ? 23.428  -7.210  -2.086  1.00 27.41 ? 96  GLY A N   1 
ATOM   621  C CA  . GLY A 1 94  ? 24.247  -6.847  -3.241  1.00 27.14 ? 96  GLY A CA  1 
ATOM   622  C C   . GLY A 1 94  ? 23.525  -6.934  -4.570  1.00 26.89 ? 96  GLY A C   1 
ATOM   623  O O   . GLY A 1 94  ? 24.135  -7.270  -5.582  1.00 26.87 ? 96  GLY A O   1 
ATOM   624  N N   . GLN A 1 95  ? 22.224  -6.642  -4.572  1.00 26.43 ? 97  GLN A N   1 
ATOM   625  C CA  . GLN A 1 95  ? 21.441  -6.551  -5.807  1.00 26.07 ? 97  GLN A CA  1 
ATOM   626  C C   . GLN A 1 95  ? 21.391  -5.105  -6.290  1.00 25.41 ? 97  GLN A C   1 
ATOM   627  O O   . GLN A 1 95  ? 21.613  -4.169  -5.513  1.00 25.43 ? 97  GLN A O   1 
ATOM   628  C CB  . GLN A 1 95  ? 20.008  -7.060  -5.588  1.00 26.31 ? 97  GLN A CB  1 
ATOM   629  N N   . LEU A 1 96  ? 21.088  -4.935  -7.573  1.00 24.69 ? 98  LEU A N   1 
ATOM   630  C CA  . LEU A 1 96  ? 20.925  -3.611  -8.170  1.00 24.09 ? 98  LEU A CA  1 
ATOM   631  C C   . LEU A 1 96  ? 19.750  -2.886  -7.516  1.00 23.19 ? 98  LEU A C   1 
ATOM   632  O O   . LEU A 1 96  ? 18.662  -3.456  -7.421  1.00 23.45 ? 98  LEU A O   1 
ATOM   633  C CB  . LEU A 1 96  ? 20.673  -3.735  -9.681  1.00 24.05 ? 98  LEU A CB  1 
ATOM   634  N N   . ILE A 1 97  ? 19.963  -1.645  -7.065  1.00 22.05 ? 99  ILE A N   1 
ATOM   635  C CA  . ILE A 1 97  ? 18.878  -0.831  -6.485  1.00 21.33 ? 99  ILE A CA  1 
ATOM   636  C C   . ILE A 1 97  ? 18.083  -0.146  -7.598  1.00 20.28 ? 99  ILE A C   1 
ATOM   637  O O   . ILE A 1 97  ? 18.666  0.534   -8.430  1.00 21.27 ? 99  ILE A O   1 
ATOM   638  C CB  . ILE A 1 97  ? 19.409  0.256   -5.514  1.00 21.20 ? 99  ILE A CB  1 
ATOM   639  C CG1 . ILE A 1 97  ? 20.164  -0.388  -4.333  1.00 21.95 ? 99  ILE A CG1 1 
ATOM   640  C CG2 . ILE A 1 97  ? 18.263  1.123   -5.002  1.00 19.16 ? 99  ILE A CG2 1 
ATOM   641  N N   . GLU A 1 98  ? 16.768  -0.328  -7.608  1.00 18.69 ? 100 GLU A N   1 
ATOM   642  C CA  . GLU A 1 98  ? 15.914  0.234   -8.639  1.00 17.54 ? 100 GLU A CA  1 
ATOM   643  C C   . GLU A 1 98  ? 15.137  1.411   -8.053  1.00 16.02 ? 100 GLU A C   1 
ATOM   644  O O   . GLU A 1 98  ? 14.933  1.454   -6.853  1.00 14.89 ? 100 GLU A O   1 
ATOM   645  C CB  . GLU A 1 98  ? 14.949  -0.839  -9.139  1.00 18.53 ? 100 GLU A CB  1 
ATOM   646  C CG  . GLU A 1 98  ? 15.644  -1.940  -9.950  1.00 17.89 ? 100 GLU A CG  1 
ATOM   647  N N   . PRO A 1 99  ? 14.725  2.370   -8.887  1.00 14.92 ? 101 PRO A N   1 
ATOM   648  C CA  . PRO A 1 99  ? 13.850  3.421   -8.349  1.00 15.37 ? 101 PRO A CA  1 
ATOM   649  C C   . PRO A 1 99  ? 12.461  2.899   -7.967  1.00 15.46 ? 101 PRO A C   1 
ATOM   650  O O   . PRO A 1 99  ? 12.103  1.787   -8.335  1.00 15.16 ? 101 PRO A O   1 
ATOM   651  C CB  . PRO A 1 99  ? 13.712  4.417   -9.497  1.00 15.81 ? 101 PRO A CB  1 
ATOM   652  C CG  . PRO A 1 99  ? 14.122  3.703   -10.701 1.00 17.28 ? 101 PRO A CG  1 
ATOM   653  C CD  . PRO A 1 99  ? 14.992  2.542   -10.316 1.00 15.95 ? 101 PRO A CD  1 
ATOM   654  N N   . LEU A 1 100 ? 11.684  3.738   -7.300  1.00 16.08 ? 102 LEU A N   1 
ATOM   655  C CA  . LEU A 1 100 ? 10.288  3.387   -6.966  1.00 16.91 ? 102 LEU A CA  1 
ATOM   656  C C   . LEU A 1 100 ? 9.380   3.717   -8.175  1.00 16.80 ? 102 LEU A C   1 
ATOM   657  O O   . LEU A 1 100 ? 9.181   4.873   -8.536  1.00 15.42 ? 102 LEU A O   1 
ATOM   658  C CB  . LEU A 1 100 ? 9.856   4.118   -5.717  1.00 18.36 ? 102 LEU A CB  1 
ATOM   659  C CG  . LEU A 1 100 ? 8.433   3.912   -5.147  1.00 19.21 ? 102 LEU A CG  1 
ATOM   660  C CD1 . LEU A 1 100 ? 7.989   2.511   -5.070  1.00 26.64 ? 102 LEU A CD1 1 
ATOM   661  C CD2 . LEU A 1 100 ? 8.437   4.577   -3.755  1.00 23.45 ? 102 LEU A CD2 1 
ATOM   662  N N   . GLN A 1 101 ? 8.871   2.678   -8.829  1.00 16.41 ? 103 GLN A N   1 
ATOM   663  C CA  . GLN A 1 101 ? 8.101   2.898   -10.020 1.00 17.03 ? 103 GLN A CA  1 
ATOM   664  C C   . GLN A 1 101 ? 6.644   3.095   -9.645  1.00 16.59 ? 103 GLN A C   1 
ATOM   665  O O   . GLN A 1 101 ? 6.044   2.270   -8.911  1.00 16.60 ? 103 GLN A O   1 
ATOM   666  C CB  . GLN A 1 101 ? 8.199   1.700   -10.966 1.00 18.46 ? 103 GLN A CB  1 
ATOM   667  C CG  . GLN A 1 101 ? 7.543   2.022   -12.313 1.00 22.05 ? 103 GLN A CG  1 
ATOM   668  C CD  . GLN A 1 101 ? 7.983   1.103   -13.406 1.00 26.34 ? 103 GLN A CD  1 
ATOM   669  O OE1 . GLN A 1 101 ? 7.961   -0.138  -13.260 1.00 31.41 ? 103 GLN A OE1 1 
ATOM   670  N NE2 . GLN A 1 101 ? 8.396   1.683   -14.503 1.00 26.93 ? 103 GLN A NE2 1 
ATOM   671  N N   . ILE A 1 102 ? 6.061   4.138   -10.192 1.00 15.46 ? 104 ILE A N   1 
ATOM   672  C CA  . ILE A 1 102 ? 4.646   4.396   -10.039 1.00 15.36 ? 104 ILE A CA  1 
ATOM   673  C C   . ILE A 1 102 ? 3.972   4.580   -11.403 1.00 14.98 ? 104 ILE A C   1 
ATOM   674  O O   . ILE A 1 102 ? 4.610   4.940   -12.405 1.00 15.77 ? 104 ILE A O   1 
ATOM   675  C CB  . ILE A 1 102 ? 4.357   5.600   -9.135  1.00 14.86 ? 104 ILE A CB  1 
ATOM   676  C CG1 . ILE A 1 102 ? 4.861   6.925   -9.720  1.00 15.87 ? 104 ILE A CG1 1 
ATOM   677  C CG2 . ILE A 1 102 ? 4.902   5.335   -7.676  1.00 17.49 ? 104 ILE A CG2 1 
ATOM   678  C CD1 . ILE A 1 102 ? 4.489   8.121   -8.885  1.00 15.98 ? 104 ILE A CD1 1 
ATOM   679  N N   . PHE A 1 103 ? 2.667   4.330   -11.436 1.00 13.96 ? 105 PHE A N   1 
ATOM   680  C CA  . PHE A 1 103 ? 1.903   4.406   -12.677 1.00 13.42 ? 105 PHE A CA  1 
ATOM   681  C C   . PHE A 1 103 ? 0.680   5.302   -12.517 1.00 13.78 ? 105 PHE A C   1 
ATOM   682  O O   . PHE A 1 103 ? -0.321  4.903   -11.922 1.00 13.17 ? 105 PHE A O   1 
ATOM   683  C CB  . PHE A 1 103 ? 1.475   3.007   -13.128 1.00 13.31 ? 105 PHE A CB  1 
ATOM   684  C CG  . PHE A 1 103 ? 2.608   2.025   -13.214 1.00 14.48 ? 105 PHE A CG  1 
ATOM   685  C CD1 . PHE A 1 103 ? 3.176   1.708   -14.437 1.00 14.27 ? 105 PHE A CD1 1 
ATOM   686  C CD2 . PHE A 1 103 ? 3.104   1.418   -12.072 1.00 14.04 ? 105 PHE A CD2 1 
ATOM   687  C CE1 . PHE A 1 103 ? 4.219   0.804   -14.518 1.00 13.86 ? 105 PHE A CE1 1 
ATOM   688  C CE2 . PHE A 1 103 ? 4.146   0.513   -12.148 1.00 15.38 ? 105 PHE A CE2 1 
ATOM   689  C CZ  . PHE A 1 103 ? 4.704   0.207   -13.373 1.00 12.85 ? 105 PHE A CZ  1 
ATOM   690  N N   . PRO A 1 104 ? 0.769   6.515   -13.051 1.00 13.99 ? 106 PRO A N   1 
ATOM   691  C CA  . PRO A 1 104 ? -0.276  7.524   -12.847 1.00 13.59 ? 106 PRO A CA  1 
ATOM   692  C C   . PRO A 1 104 ? -1.657  6.993   -13.219 1.00 13.72 ? 106 PRO A C   1 
ATOM   693  O O   . PRO A 1 104 ? -1.763  6.035   -13.983 1.00 12.88 ? 106 PRO A O   1 
ATOM   694  C CB  . PRO A 1 104 ? 0.132   8.643   -13.807 1.00 14.75 ? 106 PRO A CB  1 
ATOM   695  C CG  . PRO A 1 104 ? 1.609   8.509   -13.924 1.00 14.59 ? 106 PRO A CG  1 
ATOM   696  C CD  . PRO A 1 104 ? 1.896   7.036   -13.844 1.00 14.08 ? 106 PRO A CD  1 
ATOM   697  N N   . ARG A 1 105 ? -2.700  7.615   -12.679 1.00 13.17 ? 107 ARG A N   1 
ATOM   698  C CA  . ARG A 1 105 ? -4.011  6.982   -12.598 1.00 16.06 ? 107 ARG A CA  1 
ATOM   699  C C   . ARG A 1 105 ? -5.127  8.021   -12.617 1.00 16.84 ? 107 ARG A C   1 
ATOM   700  O O   . ARG A 1 105 ? -5.080  9.010   -11.885 1.00 14.94 ? 107 ARG A O   1 
ATOM   701  C CB  . ARG A 1 105 ? -4.114  6.122   -11.336 1.00 16.52 ? 107 ARG A CB  1 
ATOM   702  C CG  . ARG A 1 105 ? -4.411  4.656   -11.605 1.00 20.32 ? 107 ARG A CG  1 
ATOM   703  C CD  . ARG A 1 105 ? -5.200  4.034   -10.465 1.00 17.72 ? 107 ARG A CD  1 
ATOM   704  N NE  . ARG A 1 105 ? -6.640  4.195   -10.644 1.00 16.52 ? 107 ARG A NE  1 
ATOM   705  C CZ  . ARG A 1 105 ? -7.546  3.311   -10.238 1.00 13.64 ? 107 ARG A CZ  1 
ATOM   706  N NH1 . ARG A 1 105 ? -7.163  2.199   -9.625  1.00 15.28 ? 107 ARG A NH1 1 
ATOM   707  N NH2 . ARG A 1 105 ? -8.836  3.539   -10.443 1.00 12.57 ? 107 ARG A NH2 1 
ATOM   708  N N   . ALA A 1 106 ? -6.129  7.790   -13.458 1.00 18.54 ? 108 ALA A N   1 
ATOM   709  C CA  . ALA A 1 106 ? -7.307  8.649   -13.501 1.00 19.87 ? 108 ALA A CA  1 
ATOM   710  C C   . ALA A 1 106 ? -8.042  8.642   -12.164 1.00 20.56 ? 108 ALA A C   1 
ATOM   711  O O   . ALA A 1 106 ? -7.793  7.790   -11.311 1.00 22.70 ? 108 ALA A O   1 
ATOM   712  C CB  . ALA A 1 106 ? -8.238  8.216   -14.622 1.00 19.64 ? 108 ALA A CB  1 
ATOM   713  N N   . GLN B 2 8   ? 7.912   -8.015  14.230  1.00 22.95 ? 42  GLN B N   1 
ATOM   714  C CA  . GLN B 2 8   ? 7.068   -7.023  14.966  1.00 23.43 ? 42  GLN B CA  1 
ATOM   715  C C   . GLN B 2 8   ? 7.486   -5.557  14.711  1.00 23.24 ? 42  GLN B C   1 
ATOM   716  O O   . GLN B 2 8   ? 8.096   -4.901  15.579  1.00 24.87 ? 42  GLN B O   1 
ATOM   717  C CB  . GLN B 2 8   ? 7.015   -7.335  16.458  1.00 23.25 ? 42  GLN B CB  1 
ATOM   718  N N   . SER B 2 9   ? 7.174   -5.126  13.481  1.00 22.66 ? 43  SER B N   1 
ATOM   719  C CA  . SER B 2 9   ? 7.020   -3.731  13.023  1.00 21.43 ? 43  SER B CA  1 
ATOM   720  C C   . SER B 2 9   ? 5.530   -3.555  12.663  1.00 19.83 ? 43  SER B C   1 
ATOM   721  O O   . SER B 2 9   ? 4.768   -4.479  12.905  1.00 19.50 ? 43  SER B O   1 
ATOM   722  C CB  . SER B 2 9   ? 7.860   -3.531  11.778  1.00 21.69 ? 43  SER B CB  1 
ATOM   723  O OG  . SER B 2 9   ? 7.430   -4.429  10.779  1.00 24.18 ? 43  SER B OG  1 
ATOM   724  N N   . ASP B 2 10  ? 5.117   -2.429  12.049  1.00 17.44 ? 44  ASP B N   1 
ATOM   725  C CA  . ASP B 2 10  ? 3.695   -2.175  11.779  1.00 16.07 ? 44  ASP B CA  1 
ATOM   726  C C   . ASP B 2 10  ? 3.032   -3.317  10.940  1.00 15.16 ? 44  ASP B C   1 
ATOM   727  O O   . ASP B 2 10  ? 3.656   -3.907  10.070  1.00 14.77 ? 44  ASP B O   1 
ATOM   728  C CB  . ASP B 2 10  ? 3.486   -0.848  11.019  1.00 15.74 ? 44  ASP B CB  1 
ATOM   729  C CG  . ASP B 2 10  ? 3.853   0.380   11.799  1.00 16.59 ? 44  ASP B CG  1 
ATOM   730  O OD1 . ASP B 2 10  ? 3.996   0.346   13.053  1.00 12.79 ? 44  ASP B OD1 1 
ATOM   731  O OD2 . ASP B 2 10  ? 4.025   1.429   11.108  1.00 17.56 ? 44  ASP B OD2 1 
ATOM   732  N N   . VAL B 2 11  ? 1.754   -3.583  11.196  1.00 14.54 ? 45  VAL B N   1 
ATOM   733  C CA  . VAL B 2 11  ? 0.972   -4.543  10.425  1.00 14.60 ? 45  VAL B CA  1 
ATOM   734  C C   . VAL B 2 11  ? 0.444   -3.856  9.175   1.00 14.63 ? 45  VAL B C   1 
ATOM   735  O O   . VAL B 2 11  ? -0.226  -2.815  9.245   1.00 14.99 ? 45  VAL B O   1 
ATOM   736  C CB  . VAL B 2 11  ? -0.193  -5.143  11.261  1.00 13.38 ? 45  VAL B CB  1 
ATOM   737  C CG1 . VAL B 2 11  ? -1.128  -6.035  10.358  1.00 14.77 ? 45  VAL B CG1 1 
ATOM   738  C CG2 . VAL B 2 11  ? 0.359   -5.870  12.478  1.00 13.76 ? 45  VAL B CG2 1 
ATOM   739  N N   . ARG B 2 12  ? 0.807   -4.417  8.023   1.00 14.69 ? 46  ARG B N   1 
ATOM   740  C CA  . ARG B 2 12  ? 0.363   -3.882  6.747   1.00 15.12 ? 46  ARG B CA  1 
ATOM   741  C C   . ARG B 2 12  ? -0.900  -4.660  6.394   1.00 15.29 ? 46  ARG B C   1 
ATOM   742  O O   . ARG B 2 12  ? -0.904  -5.904  6.337   1.00 16.23 ? 46  ARG B O   1 
ATOM   743  C CB  . ARG B 2 12  ? 1.401   -4.095  5.660   1.00 15.58 ? 46  ARG B CB  1 
ATOM   744  C CG  . ARG B 2 12  ? 2.682   -3.333  5.933   1.00 13.91 ? 46  ARG B CG  1 
ATOM   745  C CD  . ARG B 2 12  ? 3.785   -3.921  5.150   1.00 15.66 ? 46  ARG B CD  1 
ATOM   746  N NE  . ARG B 2 12  ? 3.730   -3.586  3.712   1.00 14.30 ? 46  ARG B NE  1 
ATOM   747  C CZ  . ARG B 2 12  ? 3.704   -4.475  2.729   1.00 16.34 ? 46  ARG B CZ  1 
ATOM   748  N NH1 . ARG B 2 12  ? 3.718   -5.781  2.982   1.00 15.52 ? 46  ARG B NH1 1 
ATOM   749  N NH2 . ARG B 2 12  ? 3.711   -4.050  1.460   1.00 13.50 ? 46  ARG B NH2 1 
ATOM   750  N N   . ILE B 2 13  ? -1.955  -3.912  6.144   1.00 16.27 ? 47  ILE B N   1 
ATOM   751  C CA  . ILE B 2 13  ? -3.227  -4.480  5.695   1.00 15.93 ? 47  ILE B CA  1 
ATOM   752  C C   . ILE B 2 13  ? -3.426  -4.016  4.246   1.00 16.31 ? 47  ILE B C   1 
ATOM   753  O O   . ILE B 2 13  ? -3.387  -2.812  3.943   1.00 16.91 ? 47  ILE B O   1 
ATOM   754  C CB  . ILE B 2 13  ? -4.435  -4.094  6.603   1.00 15.64 ? 47  ILE B CB  1 
ATOM   755  C CG1 . ILE B 2 13  ? -4.231  -4.599  8.047   1.00 17.29 ? 47  ILE B CG1 1 
ATOM   756  C CG2 . ILE B 2 13  ? -5.750  -4.664  6.039   1.00 14.70 ? 47  ILE B CG2 1 
ATOM   757  C CD1 . ILE B 2 13  ? -5.427  -4.331  8.985   1.00 14.98 ? 47  ILE B CD1 1 
ATOM   758  N N   . LYS B 2 14  ? -3.628  -4.998  3.383   1.00 15.95 ? 48  LYS B N   1 
ATOM   759  C CA  . LYS B 2 14  ? -3.954  -4.828  1.974   1.00 15.41 ? 48  LYS B CA  1 
ATOM   760  C C   . LYS B 2 14  ? -5.457  -5.005  1.804   1.00 16.08 ? 48  LYS B C   1 
ATOM   761  O O   . LYS B 2 14  ? -5.998  -6.133  1.737   1.00 16.73 ? 48  LYS B O   1 
ATOM   762  C CB  . LYS B 2 14  ? -3.136  -5.787  1.100   1.00 14.67 ? 48  LYS B CB  1 
ATOM   763  C CG  . LYS B 2 14  ? -3.539  -5.833  -0.384  1.00 12.98 ? 48  LYS B CG  1 
ATOM   764  C CD  . LYS B 2 14  ? -2.430  -6.332  -1.301  1.00 14.96 ? 48  LYS B CD  1 
ATOM   765  C CE  . LYS B 2 14  ? -1.983  -7.712  -1.015  1.00 14.37 ? 48  LYS B CE  1 
ATOM   766  N NZ  . LYS B 2 14  ? -1.009  -8.127  -2.094  1.00 10.95 ? 48  LYS B NZ  1 
ATOM   767  N N   . PHE B 2 15  ? -6.149  -3.870  1.781   1.00 15.96 ? 49  PHE B N   1 
ATOM   768  C CA  . PHE B 2 15  ? -7.572  -3.852  1.616   1.00 16.16 ? 49  PHE B CA  1 
ATOM   769  C C   . PHE B 2 15  ? -7.906  -4.025  0.143   1.00 16.55 ? 49  PHE B C   1 
ATOM   770  O O   . PHE B 2 15  ? -7.213  -3.459  -0.738  1.00 16.86 ? 49  PHE B O   1 
ATOM   771  C CB  . PHE B 2 15  ? -8.159  -2.538  2.100   1.00 16.68 ? 49  PHE B CB  1 
ATOM   772  C CG  . PHE B 2 15  ? -8.059  -2.325  3.576   1.00 17.29 ? 49  PHE B CG  1 
ATOM   773  C CD1 . PHE B 2 15  ? -8.869  -3.042  4.440   1.00 18.06 ? 49  PHE B CD1 1 
ATOM   774  C CD2 . PHE B 2 15  ? -7.205  -1.365  4.100   1.00 18.95 ? 49  PHE B CD2 1 
ATOM   775  C CE1 . PHE B 2 15  ? -8.825  -2.807  5.799   1.00 18.43 ? 49  PHE B CE1 1 
ATOM   776  C CE2 . PHE B 2 15  ? -7.147  -1.145  5.429   1.00 20.55 ? 49  PHE B CE2 1 
ATOM   777  C CZ  . PHE B 2 15  ? -7.959  -1.879  6.291   1.00 17.73 ? 49  PHE B CZ  1 
ATOM   778  N N   . GLU B 2 16  ? -8.952  -4.792  -0.143  1.00 15.36 ? 50  GLU B N   1 
ATOM   779  C CA  . GLU B 2 16  ? -9.441  -4.906  -1.523  1.00 15.68 ? 50  GLU B CA  1 
ATOM   780  C C   . GLU B 2 16  ? -10.909 -4.508  -1.529  1.00 15.09 ? 50  GLU B C   1 
ATOM   781  O O   . GLU B 2 16  ? -11.687 -5.003  -0.732  1.00 14.77 ? 50  GLU B O   1 
ATOM   782  C CB  . GLU B 2 16  ? -9.259  -6.324  -2.053  1.00 15.19 ? 50  GLU B CB  1 
ATOM   783  C CG  . GLU B 2 16  ? -7.907  -6.888  -1.747  1.00 20.41 ? 50  GLU B CG  1 
ATOM   784  C CD  . GLU B 2 16  ? -7.645  -8.214  -2.451  1.00 24.48 ? 50  GLU B CD  1 
ATOM   785  O OE1 . GLU B 2 16  ? -8.571  -9.026  -2.534  1.00 28.14 ? 50  GLU B OE1 1 
ATOM   786  O OE2 . GLU B 2 16  ? -6.503  -8.428  -2.907  1.00 29.78 ? 50  GLU B OE2 1 
ATOM   787  N N   . HIS B 2 17  ? -11.264 -3.599  -2.432  1.00 15.12 ? 51  HIS B N   1 
ATOM   788  C CA  . HIS B 2 17  ? -12.624 -3.129  -2.520  1.00 16.56 ? 51  HIS B CA  1 
ATOM   789  C C   . HIS B 2 17  ? -12.908 -2.644  -3.922  1.00 16.86 ? 51  HIS B C   1 
ATOM   790  O O   . HIS B 2 17  ? -12.223 -1.751  -4.418  1.00 16.14 ? 51  HIS B O   1 
ATOM   791  C CB  . HIS B 2 17  ? -12.881 -2.034  -1.468  1.00 15.85 ? 51  HIS B CB  1 
ATOM   792  C CG  . HIS B 2 17  ? -14.290 -1.527  -1.464  1.00 18.18 ? 51  HIS B CG  1 
ATOM   793  N ND1 . HIS B 2 17  ? -15.375 -2.322  -1.143  1.00 19.35 ? 51  HIS B ND1 1 
ATOM   794  C CD2 . HIS B 2 17  ? -14.798 -0.306  -1.753  1.00 19.70 ? 51  HIS B CD2 1 
ATOM   795  C CE1 . HIS B 2 17  ? -16.487 -1.616  -1.246  1.00 19.85 ? 51  HIS B CE1 1 
ATOM   796  N NE2 . HIS B 2 17  ? -16.162 -0.388  -1.601  1.00 19.80 ? 51  HIS B NE2 1 
ATOM   797  N N   . ASN B 2 18  ? -13.869 -3.293  -4.576  1.00 18.20 ? 52  ASN B N   1 
ATOM   798  C CA  . ASN B 2 18  ? -14.346 -2.865  -5.902  1.00 19.59 ? 52  ASN B CA  1 
ATOM   799  C C   . ASN B 2 18  ? -13.244 -2.667  -6.939  1.00 18.98 ? 52  ASN B C   1 
ATOM   800  O O   . ASN B 2 18  ? -13.146 -1.607  -7.572  1.00 18.97 ? 52  ASN B O   1 
ATOM   801  C CB  . ASN B 2 18  ? -15.161 -1.568  -5.783  1.00 19.99 ? 52  ASN B CB  1 
ATOM   802  C CG  . ASN B 2 18  ? -16.524 -1.794  -5.144  1.00 23.57 ? 52  ASN B CG  1 
ATOM   803  O OD1 . ASN B 2 18  ? -17.041 -2.936  -5.066  1.00 25.38 ? 52  ASN B OD1 1 
ATOM   804  N ND2 . ASN B 2 18  ? -17.124 -0.701  -4.683  1.00 26.55 ? 52  ASN B ND2 1 
ATOM   805  N N   . GLY B 2 19  ? -12.425 -3.693  -7.092  1.00 18.84 ? 53  GLY B N   1 
ATOM   806  C CA  . GLY B 2 19  ? -11.404 -3.715  -8.110  1.00 18.38 ? 53  GLY B CA  1 
ATOM   807  C C   . GLY B 2 19  ? -10.163 -2.902  -7.820  1.00 17.55 ? 53  GLY B C   1 
ATOM   808  O O   . GLY B 2 19  ? -9.338  -2.743  -8.704  1.00 18.39 ? 53  GLY B O   1 
ATOM   809  N N   . GLU B 2 20  ? -10.040 -2.380  -6.596  1.00 15.50 ? 54  GLU B N   1 
ATOM   810  C CA  . GLU B 2 20  ? -8.917  -1.598  -6.177  1.00 16.20 ? 54  GLU B CA  1 
ATOM   811  C C   . GLU B 2 20  ? -8.305  -2.169  -4.923  1.00 15.35 ? 54  GLU B C   1 
ATOM   812  O O   . GLU B 2 20  ? -9.016  -2.669  -4.063  1.00 16.57 ? 54  GLU B O   1 
ATOM   813  C CB  . GLU B 2 20  ? -9.394  -0.175  -5.866  1.00 17.22 ? 54  GLU B CB  1 
ATOM   814  C CG  . GLU B 2 20  ? -8.385  0.833   -5.793  1.00 19.83 ? 54  GLU B CG  1 
ATOM   815  C CD  . GLU B 2 20  ? -9.004  2.250   -5.882  1.00 18.84 ? 54  GLU B CD  1 
ATOM   816  O OE1 . GLU B 2 20  ? -9.635  2.613   -6.889  1.00 22.39 ? 54  GLU B OE1 1 
ATOM   817  O OE2 . GLU B 2 20  ? -8.860  2.983   -4.921  1.00 18.11 ? 54  GLU B OE2 1 
ATOM   818  N N   . ARG B 2 21  ? -6.987  -2.062  -4.794  1.00 14.65 ? 55  ARG B N   1 
ATOM   819  C CA  . ARG B 2 21  ? -6.277  -2.495  -3.579  1.00 15.32 ? 55  ARG B CA  1 
ATOM   820  C C   . ARG B 2 21  ? -5.581  -1.287  -2.930  1.00 14.85 ? 55  ARG B C   1 
ATOM   821  O O   . ARG B 2 21  ? -5.099  -0.365  -3.636  1.00 14.73 ? 55  ARG B O   1 
ATOM   822  C CB  . ARG B 2 21  ? -5.226  -3.529  -3.922  1.00 15.08 ? 55  ARG B CB  1 
ATOM   823  C CG  . ARG B 2 21  ? -5.835  -4.748  -4.599  1.00 17.26 ? 55  ARG B CG  1 
ATOM   824  C CD  . ARG B 2 21  ? -4.764  -5.738  -4.860  1.00 21.68 ? 55  ARG B CD  1 
ATOM   825  N NE  . ARG B 2 21  ? -5.135  -6.623  -5.941  1.00 25.41 ? 55  ARG B NE  1 
ATOM   826  C CZ  . ARG B 2 21  ? -5.119  -6.263  -7.223  1.00 25.19 ? 55  ARG B CZ  1 
ATOM   827  N NH1 . ARG B 2 21  ? -4.768  -5.013  -7.645  1.00 19.22 ? 55  ARG B NH1 1 
ATOM   828  N NH2 . ARG B 2 21  ? -5.472  -7.162  -8.114  1.00 27.86 ? 55  ARG B NH2 1 
ATOM   829  N N   . ARG B 2 22  ? -5.560  -1.284  -1.604  1.00 13.41 ? 56  ARG B N   1 
ATOM   830  C CA  . ARG B 2 22  ? -4.992  -0.161  -0.838  1.00 15.87 ? 56  ARG B CA  1 
ATOM   831  C C   . ARG B 2 22  ? -4.250  -0.795  0.313   1.00 15.97 ? 56  ARG B C   1 
ATOM   832  O O   . ARG B 2 22  ? -4.780  -1.728  0.942   1.00 18.92 ? 56  ARG B O   1 
ATOM   833  C CB  . ARG B 2 22  ? -6.082  0.730   -0.261  1.00 16.74 ? 56  ARG B CB  1 
ATOM   834  C CG  . ARG B 2 22  ? -7.019  1.279   -1.243  1.00 19.19 ? 56  ARG B CG  1 
ATOM   835  C CD  . ARG B 2 22  ? -6.467  2.655   -1.762  1.00 23.35 ? 56  ARG B CD  1 
ATOM   836  N NE  . ARG B 2 22  ? -7.652  3.203   -2.244  1.00 27.88 ? 56  ARG B NE  1 
ATOM   837  C CZ  . ARG B 2 22  ? -8.429  4.096   -1.700  1.00 21.00 ? 56  ARG B CZ  1 
ATOM   838  N NH1 . ARG B 2 22  ? -8.056  4.973   -0.758  1.00 16.90 ? 56  ARG B NH1 1 
ATOM   839  N NH2 . ARG B 2 22  ? -9.551  4.243   -2.339  1.00 27.43 ? 56  ARG B NH2 1 
ATOM   840  N N   . ILE B 2 23  ? -3.030  -0.331  0.569   1.00 15.69 ? 57  ILE B N   1 
ATOM   841  C CA  . ILE B 2 23  ? -2.254  -0.806  1.711   1.00 15.48 ? 57  ILE B CA  1 
ATOM   842  C C   . ILE B 2 23  ? -2.106  0.333   2.731   1.00 15.78 ? 57  ILE B C   1 
ATOM   843  O O   . ILE B 2 23  ? -1.597  1.429   2.389   1.00 14.27 ? 57  ILE B O   1 
ATOM   844  C CB  . ILE B 2 23  ? -0.885  -1.394  1.297   1.00 14.82 ? 57  ILE B CB  1 
ATOM   845  C CG1 . ILE B 2 23  ? -1.064  -2.628  0.381   1.00 13.67 ? 57  ILE B CG1 1 
ATOM   846  C CG2 . ILE B 2 23  ? -0.001  -1.722  2.528   1.00 14.22 ? 57  ILE B CG2 1 
ATOM   847  C CD1 . ILE B 2 23  ? 0.248   -3.219  -0.137  1.00 13.72 ? 57  ILE B CD1 1 
ATOM   848  N N   . ILE B 2 24  ? -2.585  0.058   3.949   1.00 16.32 ? 58  ILE B N   1 
ATOM   849  C CA  . ILE B 2 24  ? -2.426  0.945   5.088   1.00 16.09 ? 58  ILE B CA  1 
ATOM   850  C C   . ILE B 2 24  ? -1.760  0.189   6.262   1.00 16.09 ? 58  ILE B C   1 
ATOM   851  O O   . ILE B 2 24  ? -2.090  -0.974  6.531   1.00 16.36 ? 58  ILE B O   1 
ATOM   852  C CB  . ILE B 2 24  ? -3.771  1.589   5.509   1.00 16.48 ? 58  ILE B CB  1 
ATOM   853  C CG1 . ILE B 2 24  ? -4.315  2.414   4.341   1.00 18.75 ? 58  ILE B CG1 1 
ATOM   854  C CG2 . ILE B 2 24  ? -3.606  2.427   6.807   1.00 17.78 ? 58  ILE B CG2 1 
ATOM   855  C CD1 . ILE B 2 24  ? -5.768  2.799   4.411   1.00 21.44 ? 58  ILE B CD1 1 
ATOM   856  N N   . ALA B 2 25  ? -0.780  0.847   6.884   1.00 16.04 ? 59  ALA B N   1 
ATOM   857  C CA  . ALA B 2 25  ? -0.036  0.279   8.023   1.00 15.78 ? 59  ALA B CA  1 
ATOM   858  C C   . ALA B 2 25  ? -0.675  0.647   9.361   1.00 16.84 ? 59  ALA B C   1 
ATOM   859  O O   . ALA B 2 25  ? -1.112  1.795   9.580   1.00 17.26 ? 59  ALA B O   1 
ATOM   860  C CB  . ALA B 2 25  ? 1.416   0.691   7.986   1.00 17.00 ? 59  ALA B CB  1 
ATOM   861  N N   . PHE B 2 26  ? -0.746  -0.346  10.250  1.00 16.89 ? 60  PHE B N   1 
ATOM   862  C CA  . PHE B 2 26  ? -1.323  -0.169  11.584  1.00 16.99 ? 60  PHE B CA  1 
ATOM   863  C C   . PHE B 2 26  ? -0.259  -0.443  12.660  1.00 17.06 ? 60  PHE B C   1 
ATOM   864  O O   . PHE B 2 26  ? 0.418   -1.480  12.609  1.00 15.30 ? 60  PHE B O   1 
ATOM   865  C CB  . PHE B 2 26  ? -2.542  -1.087  11.752  1.00 16.86 ? 60  PHE B CB  1 
ATOM   866  C CG  . PHE B 2 26  ? -3.741  -0.679  10.906  1.00 17.57 ? 60  PHE B CG  1 
ATOM   867  C CD1 . PHE B 2 26  ? -4.747  0.091   11.441  1.00 18.70 ? 60  PHE B CD1 1 
ATOM   868  C CD2 . PHE B 2 26  ? -3.831  -1.053  9.593   1.00 17.71 ? 60  PHE B CD2 1 
ATOM   869  C CE1 . PHE B 2 26  ? -5.831  0.488   10.670  1.00 17.69 ? 60  PHE B CE1 1 
ATOM   870  C CE2 . PHE B 2 26  ? -4.914  -0.665  8.812   1.00 17.69 ? 60  PHE B CE2 1 
ATOM   871  C CZ  . PHE B 2 26  ? -5.915  0.084   9.347   1.00 18.54 ? 60  PHE B CZ  1 
ATOM   872  N N   . SER B 2 27  ? -0.097  0.498   13.589  1.00 16.23 ? 61  SER B N   1 
ATOM   873  C CA  . SER B 2 27  ? 0.817   0.333   14.762  1.00 17.77 ? 61  SER B CA  1 
ATOM   874  C C   . SER B 2 27  ? 0.353   -0.804  15.649  1.00 16.32 ? 61  SER B C   1 
ATOM   875  O O   . SER B 2 27  ? -0.818  -0.891  15.964  1.00 16.87 ? 61  SER B O   1 
ATOM   876  C CB  . SER B 2 27  ? 0.911   1.612   15.610  1.00 18.40 ? 61  SER B CB  1 
ATOM   877  O OG  . SER B 2 27  ? 1.559   2.591   14.863  1.00 25.04 ? 61  SER B OG  1 
ATOM   878  N N   . ARG B 2 28  ? 1.270   -1.674  16.036  1.00 16.67 ? 62  ARG B N   1 
ATOM   879  C CA  . ARG B 2 28  ? 0.992   -2.703  17.030  1.00 16.98 ? 62  ARG B CA  1 
ATOM   880  C C   . ARG B 2 28  ? 0.924   -2.139  18.451  1.00 17.83 ? 62  ARG B C   1 
ATOM   881  O O   . ARG B 2 28  ? 1.651   -1.206  18.774  1.00 18.20 ? 62  ARG B O   1 
ATOM   882  C CB  . ARG B 2 28  ? 2.080   -3.770  17.030  1.00 17.90 ? 62  ARG B CB  1 
ATOM   883  C CG  . ARG B 2 28  ? 2.100   -4.622  15.805  1.00 16.80 ? 62  ARG B CG  1 
ATOM   884  C CD  . ARG B 2 28  ? 3.350   -5.468  15.751  1.00 19.22 ? 62  ARG B CD  1 
ATOM   885  N NE  . ARG B 2 28  ? 3.424   -6.192  14.493  1.00 19.36 ? 62  ARG B NE  1 
ATOM   886  C CZ  . ARG B 2 28  ? 2.978   -7.430  14.289  1.00 19.07 ? 62  ARG B CZ  1 
ATOM   887  N NH1 . ARG B 2 28  ? 2.391   -8.138  15.264  1.00 17.54 ? 62  ARG B NH1 1 
ATOM   888  N NH2 . ARG B 2 28  ? 3.124   -7.962  13.083  1.00 20.88 ? 62  ARG B NH2 1 
ATOM   889  N N   . PRO B 2 29  ? 0.061   -2.714  19.311  1.00 17.88 ? 63  PRO B N   1 
ATOM   890  C CA  . PRO B 2 29  ? -0.988  -3.723  19.035  1.00 17.89 ? 63  PRO B CA  1 
ATOM   891  C C   . PRO B 2 29  ? -2.157  -3.141  18.249  1.00 18.28 ? 63  PRO B C   1 
ATOM   892  O O   . PRO B 2 29  ? -2.628  -2.045  18.557  1.00 16.79 ? 63  PRO B O   1 
ATOM   893  C CB  . PRO B 2 29  ? -1.459  -4.147  20.432  1.00 17.41 ? 63  PRO B CB  1 
ATOM   894  C CG  . PRO B 2 29  ? -1.059  -3.036  21.326  1.00 18.21 ? 63  PRO B CG  1 
ATOM   895  C CD  . PRO B 2 29  ? 0.133   -2.378  20.748  1.00 17.58 ? 63  PRO B CD  1 
ATOM   896  N N   . VAL B 2 30  ? -2.603  -3.881  17.236  1.00 18.46 ? 64  VAL B N   1 
ATOM   897  C CA  . VAL B 2 30  ? -3.619  -3.414  16.305  1.00 18.75 ? 64  VAL B CA  1 
ATOM   898  C C   . VAL B 2 30  ? -4.975  -3.731  16.910  1.00 20.04 ? 64  VAL B C   1 
ATOM   899  O O   . VAL B 2 30  ? -5.189  -4.839  17.388  1.00 18.70 ? 64  VAL B O   1 
ATOM   900  C CB  . VAL B 2 30  ? -3.481  -4.101  14.903  1.00 18.54 ? 64  VAL B CB  1 
ATOM   901  C CG1 . VAL B 2 30  ? -4.547  -3.574  13.955  1.00 18.35 ? 64  VAL B CG1 1 
ATOM   902  C CG2 . VAL B 2 30  ? -2.079  -3.928  14.364  1.00 16.94 ? 64  VAL B CG2 1 
ATOM   903  N N   . LYS B 2 31  ? -5.848  -2.728  16.945  1.00 20.60 ? 65  LYS B N   1 
ATOM   904  C CA  . LYS B 2 31  ? -7.174  -2.861  17.509  1.00 21.61 ? 65  LYS B CA  1 
ATOM   905  C C   . LYS B 2 31  ? -8.216  -2.975  16.405  1.00 21.44 ? 65  LYS B C   1 
ATOM   906  O O   . LYS B 2 31  ? -8.182  -2.232  15.418  1.00 22.42 ? 65  LYS B O   1 
ATOM   907  C CB  . LYS B 2 31  ? -7.512  -1.659  18.422  1.00 22.14 ? 65  LYS B CB  1 
ATOM   908  C CG  . LYS B 2 31  ? -6.541  -1.435  19.600  1.00 24.49 ? 65  LYS B CG  1 
ATOM   909  C CD  . LYS B 2 31  ? -6.472  -2.641  20.527  1.00 28.21 ? 65  LYS B CD  1 
ATOM   910  C CE  . LYS B 2 31  ? -5.665  -2.359  21.820  1.00 30.93 ? 65  LYS B CE  1 
ATOM   911  N NZ  . LYS B 2 31  ? -4.257  -1.889  21.526  1.00 34.72 ? 65  LYS B NZ  1 
ATOM   912  N N   . TYR B 2 32  ? -9.158  -3.891  16.604  1.00 22.52 ? 66  TYR B N   1 
ATOM   913  C CA  . TYR B 2 32  ? -10.268 -4.098  15.682  1.00 21.92 ? 66  TYR B CA  1 
ATOM   914  C C   . TYR B 2 32  ? -11.016 -2.802  15.417  1.00 21.64 ? 66  TYR B C   1 
ATOM   915  O O   . TYR B 2 32  ? -11.352 -2.482  14.277  1.00 21.99 ? 66  TYR B O   1 
ATOM   916  C CB  . TYR B 2 32  ? -11.229 -5.115  16.256  1.00 21.70 ? 66  TYR B CB  1 
ATOM   917  C CG  . TYR B 2 32  ? -12.388 -5.451  15.327  1.00 21.46 ? 66  TYR B CG  1 
ATOM   918  C CD1 . TYR B 2 32  ? -12.241 -6.358  14.278  1.00 20.68 ? 66  TYR B CD1 1 
ATOM   919  C CD2 . TYR B 2 32  ? -13.630 -4.854  15.501  1.00 20.29 ? 66  TYR B CD2 1 
ATOM   920  C CE1 . TYR B 2 32  ? -13.326 -6.663  13.446  1.00 21.44 ? 66  TYR B CE1 1 
ATOM   921  C CE2 . TYR B 2 32  ? -14.695 -5.144  14.672  1.00 20.33 ? 66  TYR B CE2 1 
ATOM   922  C CZ  . TYR B 2 32  ? -14.539 -6.046  13.644  1.00 20.36 ? 66  TYR B CZ  1 
ATOM   923  O OH  . TYR B 2 32  ? -15.633 -6.325  12.851  1.00 21.29 ? 66  TYR B OH  1 
ATOM   924  N N   . GLU B 2 33  ? -11.285 -2.062  16.482  1.00 20.93 ? 67  GLU B N   1 
ATOM   925  C CA  . GLU B 2 33  ? -12.045 -0.829  16.346  1.00 21.15 ? 67  GLU B CA  1 
ATOM   926  C C   . GLU B 2 33  ? -11.317 0.144   15.418  1.00 20.23 ? 67  GLU B C   1 
ATOM   927  O O   . GLU B 2 33  ? -11.962 0.878   14.656  1.00 20.17 ? 67  GLU B O   1 
ATOM   928  C CB  . GLU B 2 33  ? -12.287 -0.200  17.717  1.00 21.87 ? 67  GLU B CB  1 
ATOM   929  C CG  . GLU B 2 33  ? -13.257 0.961   17.696  1.00 24.99 ? 67  GLU B CG  1 
ATOM   930  C CD  . GLU B 2 33  ? -12.660 2.255   17.173  1.00 28.56 ? 67  GLU B CD  1 
ATOM   931  O OE1 . GLU B 2 33  ? -11.418 2.453   17.307  1.00 29.92 ? 67  GLU B OE1 1 
ATOM   932  O OE2 . GLU B 2 33  ? -13.447 3.063   16.636  1.00 29.14 ? 67  GLU B OE2 1 
ATOM   933  N N   . ASP B 2 34  ? -9.987  0.169   15.510  0.60 18.03 ? 68  ASP B N   1 
ATOM   934  C CA  . ASP B 2 34  ? -9.186  1.063   14.705  0.60 17.82 ? 68  ASP B CA  1 
ATOM   935  C C   . ASP B 2 34  ? -9.159  0.683   13.251  0.60 17.48 ? 68  ASP B C   1 
ATOM   936  O O   . ASP B 2 34  ? -9.166  1.551   12.393  0.60 13.87 ? 68  ASP B O   1 
ATOM   937  C CB  . ASP B 2 34  ? -7.776  1.117   15.242  0.60 18.23 ? 68  ASP B CB  1 
ATOM   938  C CG  . ASP B 2 34  ? -7.681  1.914   16.514  0.60 19.89 ? 68  ASP B CG  1 
ATOM   939  O OD1 . ASP B 2 34  ? -8.517  2.834   16.778  0.60 23.56 ? 68  ASP B OD1 1 
ATOM   940  O OD2 . ASP B 2 34  ? -6.724  1.654   17.246  0.60 24.08 ? 68  ASP B OD2 1 
ATOM   941  N N   . VAL B 2 35  ? -9.140  -0.624  12.978  1.00 19.05 ? 69  VAL B N   1 
ATOM   942  C CA  . VAL B 2 35  ? -9.218  -1.127  11.605  1.00 19.75 ? 69  VAL B CA  1 
ATOM   943  C C   . VAL B 2 35  ? -10.572 -0.786  11.013  1.00 20.53 ? 69  VAL B C   1 
ATOM   944  O O   . VAL B 2 35  ? -10.640 -0.289  9.892   1.00 19.80 ? 69  VAL B O   1 
ATOM   945  C CB  . VAL B 2 35  ? -8.931  -2.613  11.499  1.00 20.93 ? 69  VAL B CB  1 
ATOM   946  C CG1 . VAL B 2 35  ? -9.081  -3.081  10.051  1.00 20.56 ? 69  VAL B CG1 1 
ATOM   947  C CG2 . VAL B 2 35  ? -7.471  -2.914  12.076  1.00 20.62 ? 69  VAL B CG2 1 
ATOM   948  N N   . GLU B 2 36  ? -11.648 -1.027  11.766  1.00 20.55 ? 70  GLU B N   1 
ATOM   949  C CA  . GLU B 2 36  ? -12.987 -0.740  11.258  1.00 21.11 ? 70  GLU B CA  1 
ATOM   950  C C   . GLU B 2 36  ? -13.199 0.766   11.010  1.00 19.84 ? 70  GLU B C   1 
ATOM   951  O O   . GLU B 2 36  ? -13.786 1.167   10.002  1.00 18.19 ? 70  GLU B O   1 
ATOM   952  C CB  . GLU B 2 36  ? -14.073 -1.304  12.172  1.00 21.47 ? 70  GLU B CB  1 
ATOM   953  C CG  . GLU B 2 36  ? -14.567 -2.627  11.693  1.00 25.70 ? 70  GLU B CG  1 
ATOM   954  C CD  . GLU B 2 36  ? -15.118 -2.584  10.239  1.00 27.10 ? 70  GLU B CD  1 
ATOM   955  O OE1 . GLU B 2 36  ? -14.982 -3.622  9.602   1.00 31.30 ? 70  GLU B OE1 1 
ATOM   956  O OE2 . GLU B 2 36  ? -15.685 -1.549  9.748   1.00 27.96 ? 70  GLU B OE2 1 
ATOM   957  N N   . HIS B 2 37  ? -12.700 1.582   11.915  1.00 19.81 ? 71  HIS B N   1 
ATOM   958  C CA  . HIS B 2 37  ? -12.775 3.024   11.752  1.00 19.94 ? 71  HIS B CA  1 
ATOM   959  C C   . HIS B 2 37  ? -12.008 3.496   10.509  1.00 19.52 ? 71  HIS B C   1 
ATOM   960  O O   . HIS B 2 37  ? -12.498 4.372   9.781   1.00 17.03 ? 71  HIS B O   1 
ATOM   961  C CB  . HIS B 2 37  ? -12.242 3.726   12.998  1.00 20.08 ? 71  HIS B CB  1 
ATOM   962  C CG  . HIS B 2 37  ? -12.195 5.224   12.868  1.00 22.72 ? 71  HIS B CG  1 
ATOM   963  N ND1 . HIS B 2 37  ? -11.022 5.915   12.638  1.00 26.13 ? 71  HIS B ND1 1 
ATOM   964  C CD2 . HIS B 2 37  ? -13.183 6.142   12.859  1.00 23.93 ? 71  HIS B CD2 1 
ATOM   965  C CE1 . HIS B 2 37  ? -11.290 7.205   12.540  1.00 26.48 ? 71  HIS B CE1 1 
ATOM   966  N NE2 . HIS B 2 37  ? -12.599 7.369   12.668  1.00 23.12 ? 71  HIS B NE2 1 
ATOM   967  N N   . LYS B 2 38  ? -10.815 2.939   10.290  1.00 19.55 ? 72  LYS B N   1 
ATOM   968  C CA  . LYS B 2 38  ? -10.011 3.266   9.082   1.00 19.71 ? 72  LYS B CA  1 
ATOM   969  C C   . LYS B 2 38  ? -10.776 2.901   7.804   1.00 19.54 ? 72  LYS B C   1 
ATOM   970  O O   . LYS B 2 38  ? -10.858 3.679   6.860   1.00 19.22 ? 72  LYS B O   1 
ATOM   971  C CB  . LYS B 2 38  ? -8.662  2.520   9.109   1.00 20.32 ? 72  LYS B CB  1 
ATOM   972  C CG  . LYS B 2 38  ? -7.680  2.971   8.001   1.00 21.66 ? 72  LYS B CG  1 
ATOM   973  C CD  . LYS B 2 38  ? -7.322  4.464   8.068   1.00 23.67 ? 72  LYS B CD  1 
ATOM   974  C CE  . LYS B 2 38  ? -6.597  4.897   9.366   1.00 23.92 ? 72  LYS B CE  1 
ATOM   975  N NZ  . LYS B 2 38  ? -6.223  6.373   9.488   1.00 22.44 ? 72  LYS B NZ  1 
ATOM   976  N N   . VAL B 2 39  ? -11.398 1.729   7.804   1.00 20.08 ? 73  VAL B N   1 
ATOM   977  C CA  . VAL B 2 39  ? -12.235 1.316   6.677   1.00 20.47 ? 73  VAL B CA  1 
ATOM   978  C C   . VAL B 2 39  ? -13.353 2.350   6.430   1.00 20.11 ? 73  VAL B C   1 
ATOM   979  O O   . VAL B 2 39  ? -13.586 2.759   5.284   1.00 20.27 ? 73  VAL B O   1 
ATOM   980  C CB  . VAL B 2 39  ? -12.797 -0.103  6.895   1.00 20.49 ? 73  VAL B CB  1 
ATOM   981  C CG1 . VAL B 2 39  ? -13.955 -0.384  5.923   1.00 21.09 ? 73  VAL B CG1 1 
ATOM   982  C CG2 . VAL B 2 39  ? -11.665 -1.123  6.755   1.00 21.06 ? 73  VAL B CG2 1 
ATOM   983  N N   . THR B 2 40  ? -14.013 2.806   7.497   1.00 20.70 ? 74  THR B N   1 
ATOM   984  C CA  . THR B 2 40  ? -15.076 3.807   7.365   1.00 21.08 ? 74  THR B CA  1 
ATOM   985  C C   . THR B 2 40  ? -14.576 5.137   6.785   1.00 20.49 ? 74  THR B C   1 
ATOM   986  O O   . THR B 2 40  ? -15.238 5.722   5.926   1.00 20.77 ? 74  THR B O   1 
ATOM   987  C CB  . THR B 2 40  ? -15.896 4.001   8.698   1.00 21.13 ? 74  THR B CB  1 
ATOM   988  O OG1 . THR B 2 40  ? -16.295 2.712   9.178   1.00 22.03 ? 74  THR B OG1 1 
ATOM   989  C CG2 . THR B 2 40  ? -17.141 4.801   8.457   1.00 22.96 ? 74  THR B CG2 1 
ATOM   990  N N   . THR B 2 41  ? -13.419 5.620   7.231   1.00 20.48 ? 75  THR B N   1 
ATOM   991  C CA  . THR B 2 41  ? -12.920 6.915   6.760   1.00 20.63 ? 75  THR B CA  1 
ATOM   992  C C   . THR B 2 41  ? -12.325 6.835   5.332   1.00 20.33 ? 75  THR B C   1 
ATOM   993  O O   . THR B 2 41  ? -12.433 7.792   4.547   1.00 20.26 ? 75  THR B O   1 
ATOM   994  C CB  . THR B 2 41  ? -11.906 7.556   7.760   1.00 20.95 ? 75  THR B CB  1 
ATOM   995  O OG1 . THR B 2 41  ? -10.686 6.800   7.785   1.00 23.35 ? 75  THR B OG1 1 
ATOM   996  C CG2 . THR B 2 41  ? -12.499 7.620   9.159   1.00 21.32 ? 75  THR B CG2 1 
ATOM   997  N N   . VAL B 2 42  ? -11.728 5.696   4.991   1.00 19.01 ? 76  VAL B N   1 
ATOM   998  C CA  . VAL B 2 42  ? -11.067 5.538   3.687   1.00 19.36 ? 76  VAL B CA  1 
ATOM   999  C C   . VAL B 2 42  ? -12.110 5.225   2.613   1.00 19.78 ? 76  VAL B C   1 
ATOM   1000 O O   . VAL B 2 42  ? -12.082 5.828   1.533   1.00 19.76 ? 76  VAL B O   1 
ATOM   1001 C CB  . VAL B 2 42  ? -9.959  4.461   3.733   1.00 19.44 ? 76  VAL B CB  1 
ATOM   1002 C CG1 . VAL B 2 42  ? -9.433  4.143   2.302   1.00 21.20 ? 76  VAL B CG1 1 
ATOM   1003 C CG2 . VAL B 2 42  ? -8.818  4.922   4.635   1.00 20.65 ? 76  VAL B CG2 1 
ATOM   1004 N N   . PHE B 2 43  ? -13.043 4.319   2.921   1.00 19.73 ? 77  PHE B N   1 
ATOM   1005 C CA  . PHE B 2 43  ? -14.003 3.807   1.930   1.00 21.34 ? 77  PHE B CA  1 
ATOM   1006 C C   . PHE B 2 43  ? -15.409 4.392   2.057   1.00 22.52 ? 77  PHE B C   1 
ATOM   1007 O O   . PHE B 2 43  ? -16.252 4.166   1.197   1.00 22.56 ? 77  PHE B O   1 
ATOM   1008 C CB  . PHE B 2 43  ? -14.021 2.280   1.931   1.00 20.69 ? 77  PHE B CB  1 
ATOM   1009 C CG  . PHE B 2 43  ? -12.688 1.671   1.563   1.00 21.33 ? 77  PHE B CG  1 
ATOM   1010 C CD1 . PHE B 2 43  ? -12.291 1.588   0.232   1.00 21.98 ? 77  PHE B CD1 1 
ATOM   1011 C CD2 . PHE B 2 43  ? -11.820 1.229   2.542   1.00 20.12 ? 77  PHE B CD2 1 
ATOM   1012 C CE1 . PHE B 2 43  ? -11.059 1.024   -0.099  1.00 21.03 ? 77  PHE B CE1 1 
ATOM   1013 C CE2 . PHE B 2 43  ? -10.570 0.677   2.208   1.00 21.80 ? 77  PHE B CE2 1 
ATOM   1014 C CZ  . PHE B 2 43  ? -10.207 0.575   0.899   1.00 21.21 ? 77  PHE B CZ  1 
ATOM   1015 N N   . GLY B 2 44  ? -15.638 5.156   3.114   1.00 24.28 ? 78  GLY B N   1 
ATOM   1016 C CA  . GLY B 2 44  ? -16.821 5.996   3.214   1.00 26.06 ? 78  GLY B CA  1 
ATOM   1017 C C   . GLY B 2 44  ? -17.989 5.298   3.869   1.00 27.11 ? 78  GLY B C   1 
ATOM   1018 O O   . GLY B 2 44  ? -19.070 5.856   3.915   1.00 28.44 ? 78  GLY B O   1 
ATOM   1019 N N   . GLN B 2 45  ? -17.764 4.098   4.390   1.00 27.90 ? 79  GLN B N   1 
ATOM   1020 C CA  . GLN B 2 45  ? -18.823 3.308   4.965   1.00 29.46 ? 79  GLN B CA  1 
ATOM   1021 C C   . GLN B 2 45  ? -18.265 2.120   5.708   1.00 28.83 ? 79  GLN B C   1 
ATOM   1022 O O   . GLN B 2 45  ? -17.177 1.634   5.390   1.00 27.32 ? 79  GLN B O   1 
ATOM   1023 C CB  . GLN B 2 45  ? -19.835 2.831   3.899   1.00 29.38 ? 79  GLN B CB  1 
ATOM   1024 C CG  . GLN B 2 45  ? -19.259 1.979   2.783   1.00 32.08 ? 79  GLN B CG  1 
ATOM   1025 C CD  . GLN B 2 45  ? -20.309 1.563   1.757   1.00 32.67 ? 79  GLN B CD  1 
ATOM   1026 O OE1 . GLN B 2 45  ? -21.489 1.925   1.869   1.00 38.30 ? 79  GLN B OE1 1 
ATOM   1027 N NE2 . GLN B 2 45  ? -19.882 0.815   0.746   1.00 36.03 ? 79  GLN B NE2 1 
ATOM   1028 N N   . PRO B 2 46  ? -19.001 1.647   6.722   1.00 28.93 ? 80  PRO B N   1 
ATOM   1029 C CA  . PRO B 2 46  ? -18.536 0.449   7.431   1.00 28.66 ? 80  PRO B CA  1 
ATOM   1030 C C   . PRO B 2 46  ? -18.609 -0.735  6.475   1.00 27.88 ? 80  PRO B C   1 
ATOM   1031 O O   . PRO B 2 46  ? -19.520 -0.785  5.652   1.00 28.21 ? 80  PRO B O   1 
ATOM   1032 C CB  . PRO B 2 46  ? -19.534 0.312   8.601   1.00 29.10 ? 80  PRO B CB  1 
ATOM   1033 C CG  . PRO B 2 46  ? -20.284 1.631   8.660   1.00 29.77 ? 80  PRO B CG  1 
ATOM   1034 C CD  . PRO B 2 46  ? -20.271 2.170   7.267   1.00 29.88 ? 80  PRO B CD  1 
ATOM   1035 N N   . LEU B 2 47  ? -17.625 -1.633  6.524   1.00 27.19 ? 81  LEU B N   1 
ATOM   1036 C CA  . LEU B 2 47  ? -17.606 -2.808  5.642   1.00 26.41 ? 81  LEU B CA  1 
ATOM   1037 C C   . LEU B 2 47  ? -17.032 -4.008  6.411   1.00 26.16 ? 81  LEU B C   1 
ATOM   1038 O O   . LEU B 2 47  ? -16.134 -3.854  7.239   1.00 26.81 ? 81  LEU B O   1 
ATOM   1039 C CB  . LEU B 2 47  ? -16.768 -2.534  4.362   1.00 26.54 ? 81  LEU B CB  1 
ATOM   1040 C CG  . LEU B 2 47  ? -17.119 -1.447  3.308   1.00 24.07 ? 81  LEU B CG  1 
ATOM   1041 C CD1 . LEU B 2 47  ? -15.942 -1.039  2.440   1.00 27.48 ? 81  LEU B CD1 1 
ATOM   1042 C CD2 . LEU B 2 47  ? -18.244 -1.904  2.403   1.00 27.27 ? 81  LEU B CD2 1 
ATOM   1043 N N   . ASP B 2 48  ? -17.542 -5.197  6.093   1.00 26.39 ? 82  ASP B N   1 
ATOM   1044 C CA  . ASP B 2 48  ? -17.105 -6.466  6.710   1.00 25.86 ? 82  ASP B CA  1 
ATOM   1045 C C   . ASP B 2 48  ? -15.711 -6.824  6.254   1.00 24.73 ? 82  ASP B C   1 
ATOM   1046 O O   . ASP B 2 48  ? -15.376 -6.655  5.088   1.00 24.12 ? 82  ASP B O   1 
ATOM   1047 C CB  . ASP B 2 48  ? -18.027 -7.619  6.314   1.00 26.39 ? 82  ASP B CB  1 
ATOM   1048 C CG  . ASP B 2 48  ? -19.397 -7.559  6.973   1.00 28.63 ? 82  ASP B CG  1 
ATOM   1049 O OD1 . ASP B 2 48  ? -19.604 -6.902  8.033   1.00 30.32 ? 82  ASP B OD1 1 
ATOM   1050 O OD2 . ASP B 2 48  ? -20.279 -8.202  6.399   1.00 31.47 ? 82  ASP B OD2 1 
ATOM   1051 N N   . LEU B 2 49  ? -14.908 -7.316  7.189   1.00 24.16 ? 83  LEU B N   1 
ATOM   1052 C CA  . LEU B 2 49  ? -13.506 -7.654  6.940   1.00 24.29 ? 83  LEU B CA  1 
ATOM   1053 C C   . LEU B 2 49  ? -13.380 -9.146  6.664   1.00 23.72 ? 83  LEU B C   1 
ATOM   1054 O O   . LEU B 2 49  ? -13.595 -9.952  7.561   1.00 24.21 ? 83  LEU B O   1 
ATOM   1055 C CB  . LEU B 2 49  ? -12.655 -7.346  8.176   1.00 24.55 ? 83  LEU B CB  1 
ATOM   1056 C CG  . LEU B 2 49  ? -12.712 -5.947  8.811   1.00 27.13 ? 83  LEU B CG  1 
ATOM   1057 C CD1 . LEU B 2 49  ? -11.744 -5.898  10.020  1.00 26.99 ? 83  LEU B CD1 1 
ATOM   1058 C CD2 . LEU B 2 49  ? -12.352 -4.927  7.776   1.00 25.99 ? 83  LEU B CD2 1 
ATOM   1059 N N   . HIS B 2 50  ? -13.052 -9.491  5.430   1.00 22.41 ? 84  HIS B N   1 
ATOM   1060 C CA  . HIS B 2 50  ? -12.817 -10.899 5.045   1.00 22.17 ? 84  HIS B CA  1 
ATOM   1061 C C   . HIS B 2 50  ? -11.343 -11.129 4.790   1.00 21.74 ? 84  HIS B C   1 
ATOM   1062 O O   . HIS B 2 50  ? -10.808 -10.692 3.782   1.00 20.88 ? 84  HIS B O   1 
ATOM   1063 C CB  . HIS B 2 50  ? -13.603 -11.268 3.799   1.00 22.38 ? 84  HIS B CB  1 
ATOM   1064 C CG  . HIS B 2 50  ? -15.086 -11.170 3.954   1.00 24.02 ? 84  HIS B CG  1 
ATOM   1065 N ND1 . HIS B 2 50  ? -15.865 -12.257 4.288   1.00 23.06 ? 84  HIS B ND1 1 
ATOM   1066 C CD2 . HIS B 2 50  ? -15.941 -10.132 3.773   1.00 26.21 ? 84  HIS B CD2 1 
ATOM   1067 C CE1 . HIS B 2 50  ? -17.133 -11.876 4.356   1.00 27.37 ? 84  HIS B CE1 1 
ATOM   1068 N NE2 . HIS B 2 50  ? -17.205 -10.592 4.050   1.00 25.85 ? 84  HIS B NE2 1 
ATOM   1069 N N   . TYR B 2 51  ? -10.718 -11.827 5.718   1.00 21.72 ? 85  TYR B N   1 
ATOM   1070 C CA  . TYR B 2 51  ? -9.324  -12.204 5.629   1.00 22.35 ? 85  TYR B CA  1 
ATOM   1071 C C   . TYR B 2 51  ? -9.216  -13.327 4.597   1.00 22.55 ? 85  TYR B C   1 
ATOM   1072 O O   . TYR B 2 51  ? -9.881  -14.355 4.739   1.00 21.15 ? 85  TYR B O   1 
ATOM   1073 C CB  . TYR B 2 51  ? -8.788  -12.652 6.993   1.00 24.24 ? 85  TYR B CB  1 
ATOM   1074 C CG  . TYR B 2 51  ? -7.447  -13.331 6.866   1.00 25.98 ? 85  TYR B CG  1 
ATOM   1075 C CD1 . TYR B 2 51  ? -6.360  -12.666 6.301   1.00 26.53 ? 85  TYR B CD1 1 
ATOM   1076 C CD2 . TYR B 2 51  ? -7.282  -14.658 7.232   1.00 30.01 ? 85  TYR B CD2 1 
ATOM   1077 C CE1 . TYR B 2 51  ? -5.128  -13.294 6.135   1.00 28.90 ? 85  TYR B CE1 1 
ATOM   1078 C CE2 . TYR B 2 51  ? -6.052  -15.299 7.070   1.00 30.28 ? 85  TYR B CE2 1 
ATOM   1079 C CZ  . TYR B 2 51  ? -4.981  -14.612 6.522   1.00 29.45 ? 85  TYR B CZ  1 
ATOM   1080 O OH  . TYR B 2 51  ? -3.776  -15.268 6.366   1.00 30.50 ? 85  TYR B OH  1 
ATOM   1081 N N   . MET B 2 52  ? -8.405  -13.096 3.571   1.00 22.55 ? 86  MET B N   1 
ATOM   1082 C CA  . MET B 2 52  ? -8.329  -13.957 2.394   1.00 23.06 ? 86  MET B CA  1 
ATOM   1083 C C   . MET B 2 52  ? -7.012  -14.689 2.283   1.00 23.78 ? 86  MET B C   1 
ATOM   1084 O O   . MET B 2 52  ? -5.929  -14.075 2.382   1.00 23.27 ? 86  MET B O   1 
ATOM   1085 C CB  . MET B 2 52  ? -8.416  -13.118 1.114   1.00 25.10 ? 86  MET B CB  1 
ATOM   1086 C CG  . MET B 2 52  ? -9.519  -12.129 1.033   1.00 26.33 ? 86  MET B CG  1 
ATOM   1087 S SD  . MET B 2 52  ? -11.111 -12.899 0.878   1.00 32.62 ? 86  MET B SD  1 
ATOM   1088 C CE  . MET B 2 52  ? -10.946 -13.516 -0.812  1.00 33.20 ? 86  MET B CE  1 
ATOM   1089 N N   . ASN B 2 53  ? -7.096  -15.986 2.003   1.00 23.55 ? 87  ASN B N   1 
ATOM   1090 C CA  . ASN B 2 53  ? -5.946  -16.758 1.555   1.00 24.08 ? 87  ASN B CA  1 
ATOM   1091 C C   . ASN B 2 53  ? -6.385  -17.683 0.399   1.00 22.54 ? 87  ASN B C   1 
ATOM   1092 O O   . ASN B 2 53  ? -6.942  -18.775 0.607   1.00 20.98 ? 87  ASN B O   1 
ATOM   1093 C CB  . ASN B 2 53  ? -5.347  -17.551 2.711   1.00 24.94 ? 87  ASN B CB  1 
ATOM   1094 C CG  . ASN B 2 53  ? -3.986  -18.183 2.348   1.00 29.38 ? 87  ASN B CG  1 
ATOM   1095 O OD1 . ASN B 2 53  ? -3.690  -18.451 1.182   1.00 33.66 ? 87  ASN B OD1 1 
ATOM   1096 N ND2 . ASN B 2 53  ? -3.157  -18.415 3.359   1.00 35.61 ? 87  ASN B ND2 1 
ATOM   1097 N N   . ASN B 2 54  ? -6.109  -17.220 -0.816  1.00 21.90 ? 88  ASN B N   1 
ATOM   1098 C CA  . ASN B 2 54  ? -6.501  -17.923 -2.038  1.00 21.77 ? 88  ASN B CA  1 
ATOM   1099 C C   . ASN B 2 54  ? -7.994  -18.201 -2.032  1.00 21.02 ? 88  ASN B C   1 
ATOM   1100 O O   . ASN B 2 54  ? -8.740  -17.251 -1.965  1.00 21.82 ? 88  ASN B O   1 
ATOM   1101 C CB  . ASN B 2 54  ? -5.596  -19.123 -2.283  1.00 21.94 ? 88  ASN B CB  1 
ATOM   1102 C CG  . ASN B 2 54  ? -4.202  -18.700 -2.774  1.00 23.20 ? 88  ASN B CG  1 
ATOM   1103 O OD1 . ASN B 2 54  ? -4.079  -17.831 -3.660  1.00 22.58 ? 88  ASN B OD1 1 
ATOM   1104 N ND2 . ASN B 2 54  ? -3.159  -19.308 -2.214  1.00 23.14 ? 88  ASN B ND2 1 
ATOM   1105 N N   . GLU B 2 55  ? -8.428  -19.458 -2.046  1.00 20.59 ? 89  GLU B N   1 
ATOM   1106 C CA  . GLU B 2 55  ? -9.864  -19.796 -2.172  1.00 21.05 ? 89  GLU B CA  1 
ATOM   1107 C C   . GLU B 2 55  ? -10.608 -19.861 -0.812  1.00 19.74 ? 89  GLU B C   1 
ATOM   1108 O O   . GLU B 2 55  ? -11.783 -20.151 -0.768  1.00 20.32 ? 89  GLU B O   1 
ATOM   1109 C CB  . GLU B 2 55  ? -10.014 -21.128 -2.881  1.00 21.64 ? 89  GLU B CB  1 
ATOM   1110 C CG  . GLU B 2 55  ? -9.399  -21.179 -4.289  1.00 24.59 ? 89  GLU B CG  1 
ATOM   1111 C CD  . GLU B 2 55  ? -9.456  -22.594 -4.912  1.00 26.56 ? 89  GLU B CD  1 
ATOM   1112 O OE1 . GLU B 2 55  ? -10.484 -23.310 -4.749  1.00 33.85 ? 89  GLU B OE1 1 
ATOM   1113 O OE2 . GLU B 2 55  ? -8.447  -22.987 -5.578  1.00 36.64 ? 89  GLU B OE2 1 
ATOM   1114 N N   . LEU B 2 56  ? -9.877  -19.647 0.273   1.00 19.47 ? 90  LEU B N   1 
ATOM   1115 C CA  . LEU B 2 56  ? -10.411 -19.670 1.634   1.00 19.25 ? 90  LEU B CA  1 
ATOM   1116 C C   . LEU B 2 56  ? -10.370 -18.269 2.221   1.00 20.29 ? 90  LEU B C   1 
ATOM   1117 O O   . LEU B 2 56  ? -9.444  -17.483 1.916   1.00 21.47 ? 90  LEU B O   1 
ATOM   1118 C CB  . LEU B 2 56  ? -9.577  -20.623 2.479   1.00 19.55 ? 90  LEU B CB  1 
ATOM   1119 C CG  . LEU B 2 56  ? -9.547  -22.090 2.036   1.00 19.27 ? 90  LEU B CG  1 
ATOM   1120 C CD1 . LEU B 2 56  ? -8.646  -22.889 2.983   1.00 20.68 ? 90  LEU B CD1 1 
ATOM   1121 C CD2 . LEU B 2 56  ? -10.964 -22.662 1.994   1.00 18.54 ? 90  LEU B CD2 1 
ATOM   1122 N N   . SER B 2 57  ? -11.390 -17.946 3.014   1.00 19.74 ? 91  SER B N   1 
ATOM   1123 C CA  . SER B 2 57  ? -11.463 -16.673 3.689   1.00 19.71 ? 91  SER B CA  1 
ATOM   1124 C C   . SER B 2 57  ? -12.244 -16.815 4.971   1.00 19.02 ? 91  SER B C   1 
ATOM   1125 O O   . SER B 2 57  ? -13.028 -17.765 5.148   1.00 18.11 ? 91  SER B O   1 
ATOM   1126 C CB  . SER B 2 57  ? -12.136 -15.612 2.832   1.00 18.87 ? 91  SER B CB  1 
ATOM   1127 O OG  . SER B 2 57  ? -13.423 -15.957 2.392   1.00 21.96 ? 91  SER B OG  1 
ATOM   1128 N N   . ILE B 2 58  ? -12.090 -15.836 5.845   1.00 19.41 ? 92  ILE B N   1 
ATOM   1129 C CA  . ILE B 2 58  ? -12.861 -15.841 7.065   1.00 19.60 ? 92  ILE B CA  1 
ATOM   1130 C C   . ILE B 2 58  ? -13.226 -14.398 7.439   1.00 19.43 ? 92  ILE B C   1 
ATOM   1131 O O   . ILE B 2 58  ? -12.396 -13.476 7.317   1.00 18.86 ? 92  ILE B O   1 
ATOM   1132 C CB  . ILE B 2 58  ? -12.110 -16.608 8.187   1.00 20.94 ? 92  ILE B CB  1 
ATOM   1133 C CG1 . ILE B 2 58  ? -12.933 -16.649 9.463   1.00 22.58 ? 92  ILE B CG1 1 
ATOM   1134 C CG2 . ILE B 2 58  ? -10.810 -15.973 8.456   1.00 22.02 ? 92  ILE B CG2 1 
ATOM   1135 C CD1 . ILE B 2 58  ? -12.623 -17.877 10.342  1.00 25.61 ? 92  ILE B CD1 1 
ATOM   1136 N N   . LEU B 2 59  ? -14.481 -14.226 7.840   1.00 20.03 ? 93  LEU B N   1 
ATOM   1137 C CA  . LEU B 2 59  ? -14.970 -12.974 8.432   1.00 21.98 ? 93  LEU B CA  1 
ATOM   1138 C C   . LEU B 2 59  ? -14.277 -12.737 9.771   1.00 22.51 ? 93  LEU B C   1 
ATOM   1139 O O   . LEU B 2 59  ? -14.342 -13.598 10.658  1.00 21.92 ? 93  LEU B O   1 
ATOM   1140 C CB  . LEU B 2 59  ? -16.485 -13.046 8.601   1.00 23.29 ? 93  LEU B CB  1 
ATOM   1141 C CG  . LEU B 2 59  ? -17.194 -11.766 9.065   1.00 25.53 ? 93  LEU B CG  1 
ATOM   1142 C CD1 . LEU B 2 59  ? -17.039 -10.694 7.960   1.00 25.82 ? 93  LEU B CD1 1 
ATOM   1143 C CD2 . LEU B 2 59  ? -18.631 -12.071 9.407   1.00 27.46 ? 93  LEU B CD2 1 
ATOM   1144 N N   . LEU B 2 60  ? -13.608 -11.583 9.905   1.00 22.82 ? 94  LEU B N   1 
ATOM   1145 C CA  . LEU B 2 60  ? -13.041 -11.132 11.174  1.00 23.73 ? 94  LEU B CA  1 
ATOM   1146 C C   . LEU B 2 60  ? -14.076 -10.221 11.840  1.00 24.31 ? 94  LEU B C   1 
ATOM   1147 O O   . LEU B 2 60  ? -14.379 -9.134  11.336  1.00 26.48 ? 94  LEU B O   1 
ATOM   1148 C CB  . LEU B 2 60  ? -11.709 -10.404 10.967  1.00 24.62 ? 94  LEU B CB  1 
ATOM   1149 C CG  . LEU B 2 60  ? -10.657 -11.075 10.071  1.00 23.79 ? 94  LEU B CG  1 
ATOM   1150 C CD1 . LEU B 2 60  ? -9.455  -10.144 9.931   1.00 26.50 ? 94  LEU B CD1 1 
ATOM   1151 C CD2 . LEU B 2 60  ? -10.258 -12.481 10.598  1.00 24.47 ? 94  LEU B CD2 1 
ATOM   1152 N N   . LYS B 2 61  ? -14.624 -10.713 12.948  1.00 23.48 ? 95  LYS B N   1 
ATOM   1153 C CA  . LYS B 2 61  ? -15.836 -10.175 13.592  1.00 24.25 ? 95  LYS B CA  1 
ATOM   1154 C C   . LYS B 2 61  ? -15.521 -9.375  14.841  1.00 22.93 ? 95  LYS B C   1 
ATOM   1155 O O   . LYS B 2 61  ? -16.410 -8.732  15.413  1.00 22.23 ? 95  LYS B O   1 
ATOM   1156 C CB  . LYS B 2 61  ? -16.746 -11.313 14.029  1.00 24.65 ? 95  LYS B CB  1 
ATOM   1157 C CG  . LYS B 2 61  ? -17.384 -12.073 12.905  1.00 27.90 ? 95  LYS B CG  1 
ATOM   1158 C CD  . LYS B 2 61  ? -18.405 -13.058 13.473  1.00 31.69 ? 95  LYS B CD  1 
ATOM   1159 C CE  . LYS B 2 61  ? -17.847 -14.450 13.735  1.00 33.55 ? 95  LYS B CE  1 
ATOM   1160 N NZ  . LYS B 2 61  ? -16.471 -14.535 14.330  1.00 34.34 ? 95  LYS B NZ  1 
ATOM   1161 N N   . ASN B 2 62  ? -14.265 -9.450  15.280  1.00 22.21 ? 96  ASN B N   1 
ATOM   1162 C CA  . ASN B 2 62  ? -13.885 -8.975  16.600  1.00 22.04 ? 96  ASN B CA  1 
ATOM   1163 C C   . ASN B 2 62  ? -12.377 -8.981  16.812  1.00 21.76 ? 96  ASN B C   1 
ATOM   1164 O O   . ASN B 2 62  ? -11.622 -9.471  15.954  1.00 19.76 ? 96  ASN B O   1 
ATOM   1165 C CB  . ASN B 2 62  ? -14.594 -9.792  17.695  1.00 22.39 ? 96  ASN B CB  1 
ATOM   1166 C CG  . ASN B 2 62  ? -14.372 -11.292 17.580  1.00 23.27 ? 96  ASN B CG  1 
ATOM   1167 O OD1 . ASN B 2 62  ? -13.254 -11.771 17.428  1.00 21.68 ? 96  ASN B OD1 1 
ATOM   1168 N ND2 . ASN B 2 62  ? -15.442 -12.034 17.695  1.00 24.05 ? 96  ASN B ND2 1 
ATOM   1169 N N   . GLN B 2 63  ? -11.958 -8.465  17.971  1.00 21.07 ? 97  GLN B N   1 
ATOM   1170 C CA  . GLN B 2 63  ? -10.535 -8.418  18.316  1.00 21.62 ? 97  GLN B CA  1 
ATOM   1171 C C   . GLN B 2 63  ? -9.840  -9.795  18.271  1.00 21.59 ? 97  GLN B C   1 
ATOM   1172 O O   . GLN B 2 63  ? -8.723  -9.870  17.774  1.00 20.56 ? 97  GLN B O   1 
ATOM   1173 C CB  . GLN B 2 63  ? -10.324 -7.804  19.708  1.00 20.66 ? 97  GLN B CB  1 
ATOM   1174 C CG  . GLN B 2 63  ? -8.851  -7.527  20.033  1.00 20.07 ? 97  GLN B CG  1 
ATOM   1175 C CD  . GLN B 2 63  ? -8.255  -6.493  19.111  1.00 22.04 ? 97  GLN B CD  1 
ATOM   1176 O OE1 . GLN B 2 63  ? -8.803  -5.404  18.966  1.00 21.35 ? 97  GLN B OE1 1 
ATOM   1177 N NE2 . GLN B 2 63  ? -7.136  -6.835  18.456  1.00 21.48 ? 97  GLN B NE2 1 
ATOM   1178 N N   . ASP B 2 64  ? -10.471 -10.827 18.837  1.00 21.93 ? 98  ASP B N   1 
ATOM   1179 C CA  A ASP B 2 64  ? -9.913  -12.193 18.866  0.50 22.47 ? 98  ASP B CA  1 
ATOM   1180 C CA  B ASP B 2 64  ? -9.850  -12.166 18.860  0.50 22.74 ? 98  ASP B CA  1 
ATOM   1181 C C   . ASP B 2 64  ? -9.617  -12.692 17.457  1.00 22.52 ? 98  ASP B C   1 
ATOM   1182 O O   . ASP B 2 64  ? -8.526  -13.226 17.182  1.00 23.12 ? 98  ASP B O   1 
ATOM   1183 C CB  A ASP B 2 64  ? -10.888 -13.178 19.527  0.50 22.54 ? 98  ASP B CB  1 
ATOM   1184 C CB  B ASP B 2 64  ? -10.647 -13.211 19.639  0.50 22.98 ? 98  ASP B CB  1 
ATOM   1185 C CG  A ASP B 2 64  ? -11.027 -12.970 21.039  0.50 23.06 ? 98  ASP B CG  1 
ATOM   1186 C CG  B ASP B 2 64  ? -9.836  -14.499 19.879  0.50 24.58 ? 98  ASP B CG  1 
ATOM   1187 O OD1 A ASP B 2 64  ? -10.286 -12.157 21.627  0.50 23.43 ? 98  ASP B OD1 1 
ATOM   1188 O OD1 B ASP B 2 64  ? -8.694  -14.400 20.406  0.50 25.60 ? 98  ASP B OD1 1 
ATOM   1189 O OD2 A ASP B 2 64  ? -11.908 -13.627 21.630  0.50 23.50 ? 98  ASP B OD2 1 
ATOM   1190 O OD2 B ASP B 2 64  ? -10.321 -15.603 19.527  0.50 24.50 ? 98  ASP B OD2 1 
ATOM   1191 N N   . ASP B 2 65  ? -10.616 -12.539 16.574  1.00 21.57 ? 99  ASP B N   1 
ATOM   1192 C CA  . ASP B 2 65  ? -10.472 -12.920 15.180  1.00 21.43 ? 99  ASP B CA  1 
ATOM   1193 C C   . ASP B 2 65  ? -9.272  -12.212 14.527  1.00 21.14 ? 99  ASP B C   1 
ATOM   1194 O O   . ASP B 2 65  ? -8.457  -12.833 13.840  1.00 20.73 ? 99  ASP B O   1 
ATOM   1195 C CB  . ASP B 2 65  ? -11.735 -12.586 14.369  1.00 21.60 ? 99  ASP B CB  1 
ATOM   1196 C CG  . ASP B 2 65  ? -12.939 -13.472 14.713  1.00 22.65 ? 99  ASP B CG  1 
ATOM   1197 O OD1 . ASP B 2 65  ? -12.777 -14.516 15.408  1.00 21.48 ? 99  ASP B OD1 1 
ATOM   1198 O OD2 . ASP B 2 65  ? -14.049 -13.112 14.233  1.00 21.46 ? 99  ASP B OD2 1 
ATOM   1199 N N   . LEU B 2 66  ? -9.171  -10.901 14.735  1.00 20.49 ? 100 LEU B N   1 
ATOM   1200 C CA  . LEU B 2 66  ? -8.061  -10.113 14.152  1.00 19.98 ? 100 LEU B CA  1 
ATOM   1201 C C   . LEU B 2 66  ? -6.706  -10.573 14.683  1.00 20.50 ? 100 LEU B C   1 
ATOM   1202 O O   . LEU B 2 66  ? -5.747  -10.734 13.922  1.00 20.27 ? 100 LEU B O   1 
ATOM   1203 C CB  . LEU B 2 66  ? -8.292  -8.624  14.448  1.00 20.19 ? 100 LEU B CB  1 
ATOM   1204 C CG  . LEU B 2 66  ? -7.257  -7.636  13.947  1.00 19.69 ? 100 LEU B CG  1 
ATOM   1205 C CD1 . LEU B 2 66  ? -7.138  -7.712  12.398  1.00 19.06 ? 100 LEU B CD1 1 
ATOM   1206 C CD2 . LEU B 2 66  ? -7.550  -6.193  14.454  1.00 19.90 ? 100 LEU B CD2 1 
ATOM   1207 N N   . ASP B 2 67  ? -6.637  -10.792 15.999  1.00 20.28 ? 101 ASP B N   1 
ATOM   1208 C CA  . ASP B 2 67  ? -5.411  -11.254 16.661  1.00 20.36 ? 101 ASP B CA  1 
ATOM   1209 C C   . ASP B 2 67  ? -4.932  -12.571 16.059  1.00 19.68 ? 101 ASP B C   1 
ATOM   1210 O O   . ASP B 2 67  ? -3.722  -12.780 15.843  1.00 20.34 ? 101 ASP B O   1 
ATOM   1211 C CB  . ASP B 2 67  ? -5.672  -11.467 18.156  1.00 20.58 ? 101 ASP B CB  1 
ATOM   1212 C CG  . ASP B 2 67  ? -5.790  -10.169 18.945  1.00 23.03 ? 101 ASP B CG  1 
ATOM   1213 O OD1 . ASP B 2 67  ? -5.460  -9.086  18.424  1.00 24.73 ? 101 ASP B OD1 1 
ATOM   1214 O OD2 . ASP B 2 67  ? -6.204  -10.252 20.127  1.00 26.57 ? 101 ASP B OD2 1 
ATOM   1215 N N   . LYS B 2 68  ? -5.870  -13.488 15.834  1.00 19.31 ? 102 LYS B N   1 
ATOM   1216 C CA  . LYS B 2 68  ? -5.529  -14.771 15.206  1.00 19.81 ? 102 LYS B CA  1 
ATOM   1217 C C   . LYS B 2 68  ? -4.999  -14.623 13.786  1.00 18.43 ? 102 LYS B C   1 
ATOM   1218 O O   . LYS B 2 68  ? -4.063  -15.325 13.387  1.00 17.37 ? 102 LYS B O   1 
ATOM   1219 C CB  . LYS B 2 68  ? -6.722  -15.738 15.231  1.00 20.48 ? 102 LYS B CB  1 
ATOM   1220 C CG  . LYS B 2 68  ? -7.146  -16.221 16.623  1.00 22.40 ? 102 LYS B CG  1 
ATOM   1221 C CD  . LYS B 2 68  ? -6.030  -16.122 17.663  1.00 24.09 ? 102 LYS B CD  1 
ATOM   1222 N N   . ALA B 2 69  ? -5.592  -13.709 13.025  1.00 17.63 ? 103 ALA B N   1 
ATOM   1223 C CA  . ALA B 2 69  ? -5.117  -13.398 11.667  1.00 17.48 ? 103 ALA B CA  1 
ATOM   1224 C C   . ALA B 2 69  ? -3.682  -12.838 11.684  1.00 16.99 ? 103 ALA B C   1 
ATOM   1225 O O   . ALA B 2 69  ? -2.835  -13.232 10.894  1.00 17.56 ? 103 ALA B O   1 
ATOM   1226 C CB  . ALA B 2 69  ? -6.059  -12.384 11.000  1.00 17.49 ? 103 ALA B CB  1 
ATOM   1227 N N   . ILE B 2 70  ? -3.425  -11.950 12.631  1.00 16.58 ? 104 ILE B N   1 
ATOM   1228 C CA  . ILE B 2 70  ? -2.076  -11.351 12.823  1.00 17.07 ? 104 ILE B CA  1 
ATOM   1229 C C   . ILE B 2 70  ? -1.062  -12.401 13.286  1.00 16.37 ? 104 ILE B C   1 
ATOM   1230 O O   . ILE B 2 70  ? 0.100   -12.390 12.880  1.00 15.93 ? 104 ILE B O   1 
ATOM   1231 C CB  . ILE B 2 70  ? -2.164  -10.143 13.752  1.00 16.38 ? 104 ILE B CB  1 
ATOM   1232 C CG1 . ILE B 2 70  ? -2.947  -9.015  13.055  1.00 16.49 ? 104 ILE B CG1 1 
ATOM   1233 C CG2 . ILE B 2 70  ? -0.755  -9.638  14.223  1.00 17.27 ? 104 ILE B CG2 1 
ATOM   1234 C CD1 . ILE B 2 70  ? -3.258  -7.836  13.970  1.00 15.57 ? 104 ILE B CD1 1 
ATOM   1235 N N   . ASP B 2 71  ? -1.515  -13.342 14.107  1.00 16.15 ? 105 ASP B N   1 
ATOM   1236 C CA  . ASP B 2 71  ? -0.683  -14.465 14.507  1.00 17.57 ? 105 ASP B CA  1 
ATOM   1237 C C   . ASP B 2 71  ? -0.272  -15.295 13.278  1.00 17.00 ? 105 ASP B C   1 
ATOM   1238 O O   . ASP B 2 71  ? 0.875   -15.723 13.170  1.00 16.87 ? 105 ASP B O   1 
ATOM   1239 C CB  . ASP B 2 71  ? -1.446  -15.306 15.524  1.00 16.89 ? 105 ASP B CB  1 
ATOM   1240 C CG  . ASP B 2 71  ? -0.676  -16.528 15.982  1.00 22.87 ? 105 ASP B CG  1 
ATOM   1241 O OD1 . ASP B 2 71  ? 0.247   -16.383 16.814  1.00 27.24 ? 105 ASP B OD1 1 
ATOM   1242 O OD2 . ASP B 2 71  ? -1.034  -17.641 15.540  1.00 27.89 ? 105 ASP B OD2 1 
ATOM   1243 N N   . ILE B 2 72  ? -1.207  -15.520 12.356  1.00 17.77 ? 106 ILE B N   1 
ATOM   1244 C CA  . ILE B 2 72  ? -0.895  -16.270 11.128  1.00 18.21 ? 106 ILE B CA  1 
ATOM   1245 C C   . ILE B 2 72  ? 0.176   -15.505 10.352  1.00 17.76 ? 106 ILE B C   1 
ATOM   1246 O O   . ILE B 2 72  ? 1.156   -16.102 9.888   1.00 17.62 ? 106 ILE B O   1 
ATOM   1247 C CB  . ILE B 2 72  ? -2.154  -16.526 10.234  1.00 18.28 ? 106 ILE B CB  1 
ATOM   1248 C CG1 . ILE B 2 72  ? -3.068  -17.569 10.894  1.00 19.14 ? 106 ILE B CG1 1 
ATOM   1249 C CG2 . ILE B 2 72  ? -1.724  -16.936 8.823   1.00 21.17 ? 106 ILE B CG2 1 
ATOM   1250 C CD1 . ILE B 2 72  ? -4.555  -17.573 10.431  1.00 19.63 ? 106 ILE B CD1 1 
ATOM   1251 N N   . LEU B 2 73  ? -0.025  -14.191 10.222  1.00 18.14 ? 107 LEU B N   1 
ATOM   1252 C CA  . LEU B 2 73  ? 0.910   -13.316 9.527   1.00 18.19 ? 107 LEU B CA  1 
ATOM   1253 C C   . LEU B 2 73  ? 2.287   -13.409 10.176  1.00 18.01 ? 107 LEU B C   1 
ATOM   1254 O O   . LEU B 2 73  ? 3.290   -13.499 9.491   1.00 17.21 ? 107 LEU B O   1 
ATOM   1255 C CB  . LEU B 2 73  ? 0.435   -11.851 9.575   1.00 18.17 ? 107 LEU B CB  1 
ATOM   1256 C CG  . LEU B 2 73  ? 1.395   -10.762 9.035   1.00 19.25 ? 107 LEU B CG  1 
ATOM   1257 C CD1 . LEU B 2 73  ? 1.462   -10.816 7.477   1.00 21.64 ? 107 LEU B CD1 1 
ATOM   1258 C CD2 . LEU B 2 73  ? 0.972   -9.368  9.513   1.00 20.00 ? 107 LEU B CD2 1 
ATOM   1259 N N   . ASP B 2 74  ? 2.332   -13.350 11.501  1.00 18.63 ? 108 ASP B N   1 
ATOM   1260 C CA  . ASP B 2 74  ? 3.612   -13.307 12.224  1.00 19.56 ? 108 ASP B CA  1 
ATOM   1261 C C   . ASP B 2 74  ? 4.370   -14.638 12.208  1.00 20.26 ? 108 ASP B C   1 
ATOM   1262 O O   . ASP B 2 74  ? 5.597   -14.653 12.294  1.00 20.42 ? 108 ASP B O   1 
ATOM   1263 C CB  . ASP B 2 74  ? 3.402   -12.868 13.665  1.00 19.89 ? 108 ASP B CB  1 
ATOM   1264 C CG  . ASP B 2 74  ? 3.039   -11.389 13.788  1.00 20.72 ? 108 ASP B CG  1 
ATOM   1265 O OD1 . ASP B 2 74  ? 3.209   -10.610 12.817  1.00 20.96 ? 108 ASP B OD1 1 
ATOM   1266 O OD2 . ASP B 2 74  ? 2.558   -11.025 14.873  1.00 21.89 ? 108 ASP B OD2 1 
ATOM   1267 N N   . ARG B 2 75  ? 3.640   -15.745 12.107  1.00 21.19 ? 109 ARG B N   1 
ATOM   1268 C CA  . ARG B 2 75  ? 4.243   -17.079 12.054  1.00 22.49 ? 109 ARG B CA  1 
ATOM   1269 C C   . ARG B 2 75  ? 4.654   -17.469 10.644  1.00 23.24 ? 109 ARG B C   1 
ATOM   1270 O O   . ARG B 2 75  ? 5.375   -18.449 10.458  1.00 23.80 ? 109 ARG B O   1 
ATOM   1271 C CB  . ARG B 2 75  ? 3.266   -18.120 12.576  1.00 22.86 ? 109 ARG B CB  1 
ATOM   1272 C CG  . ARG B 2 75  ? 3.129   -18.110 14.078  1.00 24.45 ? 109 ARG B CG  1 
ATOM   1273 C CD  . ARG B 2 75  ? 2.004   -19.025 14.520  1.00 28.81 ? 109 ARG B CD  1 
ATOM   1274 N NE  . ARG B 2 75  ? 1.776   -18.910 15.963  1.00 31.29 ? 109 ARG B NE  1 
ATOM   1275 C CZ  . ARG B 2 75  ? 2.528   -19.488 16.901  1.00 33.49 ? 109 ARG B CZ  1 
ATOM   1276 N NH1 . ARG B 2 75  ? 3.566   -20.266 16.583  1.00 34.67 ? 109 ARG B NH1 1 
ATOM   1277 N NH2 . ARG B 2 75  ? 2.222   -19.301 18.182  1.00 33.97 ? 109 ARG B NH2 1 
ATOM   1278 N N   . SER B 2 76  ? 4.180   -16.714 9.664   1.00 24.65 ? 110 SER B N   1 
ATOM   1279 C CA  . SER B 2 76  ? 4.398   -17.007 8.265   1.00 25.68 ? 110 SER B CA  1 
ATOM   1280 C C   . SER B 2 76  ? 5.786   -16.533 7.842   1.00 27.09 ? 110 SER B C   1 
ATOM   1281 O O   . SER B 2 76  ? 6.200   -15.395 8.123   1.00 26.89 ? 110 SER B O   1 
ATOM   1282 C CB  . SER B 2 76  ? 3.319   -16.327 7.407   1.00 25.70 ? 110 SER B CB  1 
ATOM   1283 O OG  . SER B 2 76  ? 3.561   -16.540 6.034   1.00 25.37 ? 110 SER B OG  1 
ATOM   1284 N N   . SER B 2 77  ? 6.505   -17.423 7.171   1.00 28.63 ? 111 SER B N   1 
ATOM   1285 C CA  . SER B 2 77  ? 7.807   -17.105 6.614   1.00 29.59 ? 111 SER B CA  1 
ATOM   1286 C C   . SER B 2 77  ? 7.623   -16.331 5.306   1.00 30.30 ? 111 SER B C   1 
ATOM   1287 O O   . SER B 2 77  ? 8.558   -15.680 4.824   1.00 31.48 ? 111 SER B O   1 
ATOM   1288 C CB  . SER B 2 77  ? 8.574   -18.397 6.343   1.00 29.90 ? 111 SER B CB  1 
ATOM   1289 O OG  . SER B 2 77  ? 7.775   -19.273 5.560   1.00 30.19 ? 111 SER B OG  1 
ATOM   1290 N N   . SER B 2 78  ? 6.418   -16.412 4.743   1.00 30.36 ? 112 SER B N   1 
ATOM   1291 C CA  . SER B 2 78  ? 6.121   -15.857 3.425   1.00 30.42 ? 112 SER B CA  1 
ATOM   1292 C C   . SER B 2 78  ? 5.461   -14.469 3.482   1.00 29.75 ? 112 SER B C   1 
ATOM   1293 O O   . SER B 2 78  ? 5.998   -13.480 2.947   1.00 29.97 ? 112 SER B O   1 
ATOM   1294 C CB  . SER B 2 78  ? 5.169   -16.807 2.674   1.00 30.42 ? 112 SER B CB  1 
ATOM   1295 N N   . MET B 2 79  ? 4.296   -14.440 4.132   1.00 28.62 ? 113 MET B N   1 
ATOM   1296 C CA  . MET B 2 79  ? 3.361   -13.314 4.116   1.00 28.55 ? 113 MET B CA  1 
ATOM   1297 C C   . MET B 2 79  ? 3.932   -12.051 4.761   1.00 24.90 ? 113 MET B C   1 
ATOM   1298 O O   . MET B 2 79  ? 4.544   -12.120 5.827   1.00 23.54 ? 113 MET B O   1 
ATOM   1299 C CB  . MET B 2 79  ? 2.065   -13.680 4.866   1.00 28.75 ? 113 MET B CB  1 
ATOM   1300 C CG  . MET B 2 79  ? 1.090   -14.617 4.122   1.00 31.86 ? 113 MET B CG  1 
ATOM   1301 S SD  . MET B 2 79  ? -0.172  -15.263 5.276   1.00 36.40 ? 113 MET B SD  1 
ATOM   1302 C CE  . MET B 2 79  ? -0.638  -13.677 5.966   1.00 24.35 ? 113 MET B CE  1 
ATOM   1303 N N   . LYS B 2 80  ? 3.687   -10.898 4.126   1.00 21.98 ? 114 LYS B N   1 
ATOM   1304 C CA  . LYS B 2 80  ? 4.123   -9.596  4.637   1.00 19.68 ? 114 LYS B CA  1 
ATOM   1305 C C   . LYS B 2 80  ? 2.970   -8.581  4.824   1.00 18.14 ? 114 LYS B C   1 
ATOM   1306 O O   . LYS B 2 80  ? 3.198   -7.492  5.284   1.00 16.06 ? 114 LYS B O   1 
ATOM   1307 C CB  . LYS B 2 80  ? 5.187   -8.976  3.733   1.00 19.58 ? 114 LYS B CB  1 
ATOM   1308 C CG  . LYS B 2 80  ? 6.353   -9.901  3.374   1.00 21.36 ? 114 LYS B CG  1 
ATOM   1309 C CD  . LYS B 2 80  ? 7.485   -9.799  4.407   1.00 24.94 ? 114 LYS B CD  1 
ATOM   1310 C CE  . LYS B 2 80  ? 8.283   -11.096 4.603   1.00 26.46 ? 114 LYS B CE  1 
ATOM   1311 N NZ  . LYS B 2 80  ? 8.507   -11.940 3.385   1.00 27.93 ? 114 LYS B NZ  1 
ATOM   1312 N N   . SER B 2 81  ? 1.758   -8.960  4.455   1.00 17.46 ? 115 SER B N   1 
ATOM   1313 C CA  . SER B 2 81  ? 0.569   -8.177  4.697   1.00 16.96 ? 115 SER B CA  1 
ATOM   1314 C C   . SER B 2 81  ? -0.626  -9.123  4.932   1.00 17.73 ? 115 SER B C   1 
ATOM   1315 O O   . SER B 2 81  ? -0.570  -10.330 4.600   1.00 17.60 ? 115 SER B O   1 
ATOM   1316 C CB  . SER B 2 81  ? 0.295   -7.232  3.526   1.00 17.02 ? 115 SER B CB  1 
ATOM   1317 O OG  . SER B 2 81  ? -0.098  -7.968  2.362   1.00 17.18 ? 115 SER B OG  1 
ATOM   1318 N N   . LEU B 2 82  ? -1.662  -8.573  5.555   1.00 18.00 ? 116 LEU B N   1 
ATOM   1319 C CA  . LEU B 2 82  ? -2.954  -9.219  5.720   1.00 19.41 ? 116 LEU B CA  1 
ATOM   1320 C C   . LEU B 2 82  ? -3.860  -8.798  4.587   1.00 18.58 ? 116 LEU B C   1 
ATOM   1321 O O   . LEU B 2 82  ? -4.217  -7.611  4.486   1.00 18.71 ? 116 LEU B O   1 
ATOM   1322 C CB  . LEU B 2 82  ? -3.647  -8.738  6.989   1.00 20.76 ? 116 LEU B CB  1 
ATOM   1323 C CG  . LEU B 2 82  ? -3.383  -9.252  8.371   1.00 25.37 ? 116 LEU B CG  1 
ATOM   1324 C CD1 . LEU B 2 82  ? -4.514  -8.672  9.297   1.00 25.53 ? 116 LEU B CD1 1 
ATOM   1325 C CD2 . LEU B 2 82  ? -3.303  -10.764 8.346   1.00 26.12 ? 116 LEU B CD2 1 
ATOM   1326 N N   . ARG B 2 83  ? -4.299  -9.761  3.781   1.00 17.46 ? 117 ARG B N   1 
ATOM   1327 C CA  . ARG B 2 83  ? -5.156  -9.448  2.627   1.00 18.36 ? 117 ARG B CA  1 
ATOM   1328 C C   . ARG B 2 83  ? -6.598  -9.503  3.136   1.00 17.50 ? 117 ARG B C   1 
ATOM   1329 O O   . ARG B 2 83  ? -7.045  -10.548 3.631   1.00 17.49 ? 117 ARG B O   1 
ATOM   1330 C CB  . ARG B 2 83  ? -4.966  -10.456 1.498   1.00 18.99 ? 117 ARG B CB  1 
ATOM   1331 C CG  . ARG B 2 83  ? -5.699  -10.035 0.219   1.00 20.95 ? 117 ARG B CG  1 
ATOM   1332 C CD  . ARG B 2 83  ? -5.585  -11.064 -0.880  1.00 23.99 ? 117 ARG B CD  1 
ATOM   1333 N NE  . ARG B 2 83  ? -4.200  -11.387 -1.257  1.00 23.82 ? 117 ARG B NE  1 
ATOM   1334 C CZ  . ARG B 2 83  ? -3.574  -10.903 -2.339  1.00 25.00 ? 117 ARG B CZ  1 
ATOM   1335 N NH1 . ARG B 2 83  ? -4.189  -10.044 -3.145  1.00 26.45 ? 117 ARG B NH1 1 
ATOM   1336 N NH2 . ARG B 2 83  ? -2.325  -11.252 -2.607  1.00 22.98 ? 117 ARG B NH2 1 
ATOM   1337 N N   . ILE B 2 84  ? -7.292  -8.383  3.025   1.00 16.91 ? 118 ILE B N   1 
ATOM   1338 C CA  . ILE B 2 84  ? -8.639  -8.225  3.544   1.00 17.51 ? 118 ILE B CA  1 
ATOM   1339 C C   . ILE B 2 84  ? -9.536  -7.700  2.436   1.00 16.86 ? 118 ILE B C   1 
ATOM   1340 O O   . ILE B 2 84  ? -9.377  -6.554  1.990   1.00 17.54 ? 118 ILE B O   1 
ATOM   1341 C CB  . ILE B 2 84  ? -8.684  -7.295  4.760   1.00 18.11 ? 118 ILE B CB  1 
ATOM   1342 C CG1 . ILE B 2 84  ? -7.861  -7.938  5.907   1.00 20.17 ? 118 ILE B CG1 1 
ATOM   1343 C CG2 . ILE B 2 84  ? -10.159 -7.043  5.193   1.00 20.13 ? 118 ILE B CG2 1 
ATOM   1344 C CD1 . ILE B 2 84  ? -8.021  -7.265  7.223   1.00 24.20 ? 118 ILE B CD1 1 
ATOM   1345 N N   . LEU B 2 85  ? -10.473 -8.545  2.031   1.00 16.03 ? 119 LEU B N   1 
ATOM   1346 C CA  . LEU B 2 85  ? -11.521 -8.211  1.070   1.00 17.13 ? 119 LEU B CA  1 
ATOM   1347 C C   . LEU B 2 85  ? -12.660 -7.539  1.832   1.00 17.22 ? 119 LEU B C   1 
ATOM   1348 O O   . LEU B 2 85  ? -13.153 -8.079  2.829   1.00 17.21 ? 119 LEU B O   1 
ATOM   1349 C CB  . LEU B 2 85  ? -12.049 -9.449  0.376   1.00 17.57 ? 119 LEU B CB  1 
ATOM   1350 C CG  . LEU B 2 85  ? -13.287 -9.282  -0.534  1.00 17.74 ? 119 LEU B CG  1 
ATOM   1351 C CD1 . LEU B 2 85  ? -12.921 -8.309  -1.675  1.00 18.21 ? 119 LEU B CD1 1 
ATOM   1352 C CD2 . LEU B 2 85  ? -13.782 -10.597 -1.043  1.00 18.90 ? 119 LEU B CD2 1 
ATOM   1353 N N   . LEU B 2 86  ? -13.044 -6.354  1.350   1.00 16.91 ? 120 LEU B N   1 
ATOM   1354 C CA  . LEU B 2 86  ? -14.120 -5.567  1.945   1.00 16.71 ? 120 LEU B CA  1 
ATOM   1355 C C   . LEU B 2 86  ? -15.389 -5.732  1.158   1.00 17.34 ? 120 LEU B C   1 
ATOM   1356 O O   . LEU B 2 86  ? -15.407 -5.471  -0.056  1.00 15.51 ? 120 LEU B O   1 
ATOM   1357 C CB  . LEU B 2 86  ? -13.746 -4.068  1.986   1.00 16.34 ? 120 LEU B CB  1 
ATOM   1358 C CG  . LEU B 2 86  ? -12.485 -3.705  2.794   1.00 16.03 ? 120 LEU B CG  1 
ATOM   1359 C CD1 . LEU B 2 86  ? -12.091 -2.210  2.656   1.00 16.49 ? 120 LEU B CD1 1 
ATOM   1360 C CD2 . LEU B 2 86  ? -12.645 -4.084  4.320   1.00 16.15 ? 120 LEU B CD2 1 
ATOM   1361 N N   . LEU B 2 87  ? -16.445 -6.116  1.877   1.00 18.07 ? 121 LEU B N   1 
ATOM   1362 C CA  . LEU B 2 87  ? -17.782 -6.305  1.314   1.00 19.67 ? 121 LEU B CA  1 
ATOM   1363 C C   . LEU B 2 87  ? -18.833 -5.625  2.220   1.00 20.96 ? 121 LEU B C   1 
ATOM   1364 O O   . LEU B 2 87  ? -18.635 -5.503  3.439   1.00 20.90 ? 121 LEU B O   1 
ATOM   1365 C CB  . LEU B 2 87  ? -18.111 -7.800  1.187   1.00 19.25 ? 121 LEU B CB  1 
ATOM   1366 C CG  . LEU B 2 87  ? -17.262 -8.598  0.194   1.00 19.44 ? 121 LEU B CG  1 
ATOM   1367 C CD1 . LEU B 2 87  ? -17.492 -10.073 0.387   1.00 19.62 ? 121 LEU B CD1 1 
ATOM   1368 C CD2 . LEU B 2 87  ? -17.484 -8.161  -1.236  1.00 18.00 ? 121 LEU B CD2 1 
ATOM   1369 N N   . SER B 2 88  ? -19.920 -5.168  1.607   1.00 23.18 ? 122 SER B N   1 
ATOM   1370 C CA  . SER B 2 88  ? -21.034 -4.552  2.348   1.00 25.26 ? 122 SER B CA  1 
ATOM   1371 C C   . SER B 2 88  ? -21.693 -5.577  3.260   1.00 26.14 ? 122 SER B C   1 
ATOM   1372 O O   . SER B 2 88  ? -21.872 -6.729  2.858   1.00 26.14 ? 122 SER B O   1 
ATOM   1373 C CB  . SER B 2 88  ? -22.081 -3.970  1.382   1.00 25.48 ? 122 SER B CB  1 
ATOM   1374 O OG  . SER B 2 88  ? -21.504 -2.923  0.607   1.00 28.18 ? 122 SER B OG  1 
ATOM   1375 N N   . GLN B 2 89  ? -22.041 -5.165  4.485   1.00 27.44 ? 123 GLN B N   1 
ATOM   1376 C CA  . GLN B 2 89  ? -22.736 -6.051  5.416   1.00 28.23 ? 123 GLN B CA  1 
ATOM   1377 C C   . GLN B 2 89  ? -24.082 -6.446  4.830   1.00 28.85 ? 123 GLN B C   1 
ATOM   1378 O O   . GLN B 2 89  ? -24.553 -7.563  5.054   1.00 30.65 ? 123 GLN B O   1 
ATOM   1379 C CB  . GLN B 2 89  ? -22.942 -5.388  6.780   1.00 28.35 ? 123 GLN B CB  1 
HETATM 1380 O O   . HOH C 3 .   ? -2.587  2.209   -0.780  1.00 18.29 ? 109 HOH A O   1 
HETATM 1381 O O   . HOH C 3 .   ? -2.752  -6.245  -9.720  1.00 19.13 ? 110 HOH A O   1 
HETATM 1382 O O   . HOH C 3 .   ? -5.283  -1.162  -6.977  1.00 17.70 ? 111 HOH A O   1 
HETATM 1383 O O   . HOH C 3 .   ? -5.910  -1.426  -9.712  1.00 26.59 ? 112 HOH A O   1 
HETATM 1384 O O   . HOH C 3 .   ? 1.457   -13.049 -6.128  1.00 24.59 ? 113 HOH A O   1 
HETATM 1385 O O   . HOH C 3 .   ? 15.645  5.691   -4.990  1.00 26.97 ? 114 HOH A O   1 
HETATM 1386 O O   . HOH C 3 .   ? 0.004   3.746   6.330   1.00 24.10 ? 115 HOH A O   1 
HETATM 1387 O O   . HOH C 3 .   ? 3.199   -1.143  1.059   1.00 22.64 ? 116 HOH A O   1 
HETATM 1388 O O   . HOH C 3 .   ? 0.039   -10.152 -8.375  1.00 20.28 ? 117 HOH A O   1 
HETATM 1389 O O   . HOH C 3 .   ? 0.087   2.100   0.218   1.00 20.88 ? 118 HOH A O   1 
HETATM 1390 O O   . HOH C 3 .   ? -6.156  6.801   2.875   1.00 26.11 ? 119 HOH A O   1 
HETATM 1391 O O   . HOH C 3 .   ? 1.242   7.004   -17.428 1.00 24.44 ? 120 HOH A O   1 
HETATM 1392 O O   . HOH C 3 .   ? -3.643  -2.140  -12.862 1.00 25.53 ? 121 HOH A O   1 
HETATM 1393 O O   . HOH C 3 .   ? 0.262   4.926   -15.775 1.00 24.62 ? 122 HOH A O   1 
HETATM 1394 O O   . HOH C 3 .   ? -3.381  10.806  4.866   1.00 25.06 ? 123 HOH A O   1 
HETATM 1395 O O   . HOH C 3 .   ? -1.513  14.222  -15.173 1.00 29.03 ? 124 HOH A O   1 
HETATM 1396 O O   . HOH C 3 .   ? 5.947   -0.391  -8.545  1.00 24.13 ? 125 HOH A O   1 
HETATM 1397 O O   . HOH C 3 .   ? 13.760  6.724   -17.351 1.00 24.78 ? 126 HOH A O   1 
HETATM 1398 O O   . HOH C 3 .   ? 5.893   -6.774  -9.305  1.00 26.08 ? 127 HOH A O   1 
HETATM 1399 O O   . HOH C 3 .   ? 1.047   2.545   -27.261 1.00 30.58 ? 128 HOH A O   1 
HETATM 1400 O O   . HOH C 3 .   ? 6.909   -1.789  -10.699 1.00 30.47 ? 129 HOH A O   1 
HETATM 1401 O O   . HOH C 3 .   ? -0.794  15.673  0.226   1.00 27.64 ? 130 HOH A O   1 
HETATM 1402 O O   . HOH C 3 .   ? -2.908  9.440   -15.263 1.00 32.78 ? 131 HOH A O   1 
HETATM 1403 O O   . HOH C 3 .   ? -3.790  12.886  2.044   1.00 36.73 ? 132 HOH A O   1 
HETATM 1404 O O   . HOH C 3 .   ? -5.803  0.773   -13.239 1.00 36.68 ? 133 HOH A O   1 
HETATM 1405 O O   . HOH C 3 .   ? 3.138   12.651  3.293   1.00 35.30 ? 134 HOH A O   1 
HETATM 1406 O O   . HOH C 3 .   ? 4.624   -0.806  4.159   1.00 25.35 ? 135 HOH A O   1 
HETATM 1407 O O   . HOH C 3 .   ? 12.904  4.570   -18.521 1.00 35.09 ? 136 HOH A O   1 
HETATM 1408 O O   . HOH C 3 .   ? 6.958   -5.214  -12.719 1.00 32.77 ? 137 HOH A O   1 
HETATM 1409 O O   . HOH C 3 .   ? -3.010  15.976  -13.541 1.00 35.86 ? 138 HOH A O   1 
HETATM 1410 O O   . HOH C 3 .   ? 4.525   -0.320  6.718   1.00 32.36 ? 139 HOH A O   1 
HETATM 1411 O O   . HOH C 3 .   ? -8.408  8.323   2.109   1.00 37.34 ? 140 HOH A O   1 
HETATM 1412 O O   . HOH C 3 .   ? 6.965   -6.305  1.870   1.00 40.07 ? 141 HOH A O   1 
HETATM 1413 O O   . HOH C 3 .   ? -6.833  15.261  -22.561 1.00 33.19 ? 142 HOH A O   1 
HETATM 1414 O O   . HOH C 3 .   ? -1.227  8.350   -17.899 1.00 35.20 ? 143 HOH A O   1 
HETATM 1415 O O   . HOH C 3 .   ? -2.263  3.173   -13.597 1.00 39.00 ? 144 HOH A O   1 
HETATM 1416 O O   . HOH C 3 .   ? 17.312  4.597   -7.128  1.00 43.71 ? 145 HOH A O   1 
HETATM 1417 O O   . HOH C 3 .   ? 6.892   -7.065  -6.936  1.00 32.21 ? 146 HOH A O   1 
HETATM 1418 O O   . HOH C 3 .   ? 0.192   14.349  -21.154 1.00 31.68 ? 147 HOH A O   1 
HETATM 1419 O O   . HOH C 3 .   ? 4.961   9.430   -23.781 1.00 35.91 ? 148 HOH A O   1 
HETATM 1420 O O   . HOH C 3 .   ? -7.486  10.004  -5.450  1.00 34.36 ? 149 HOH A O   1 
HETATM 1421 O O   . HOH C 3 .   ? 7.136   -5.340  4.276   1.00 39.55 ? 150 HOH A O   1 
HETATM 1422 O O   . HOH C 3 .   ? 7.856   -0.524  -16.589 1.00 36.11 ? 151 HOH A O   1 
HETATM 1423 O O   . HOH C 3 .   ? -6.427  13.092  -5.717  1.00 40.75 ? 152 HOH A O   1 
HETATM 1424 O O   . HOH C 3 .   ? 17.699  3.760   -15.379 1.00 41.68 ? 153 HOH A O   1 
HETATM 1425 O O   . HOH C 3 .   ? -2.507  -11.590 -5.963  1.00 35.49 ? 154 HOH A O   1 
HETATM 1426 O O   . HOH C 3 .   ? -7.285  11.270  -3.138  1.00 36.66 ? 155 HOH A O   1 
HETATM 1427 O O   . HOH C 3 .   ? 14.429  -1.605  -5.869  1.00 54.68 ? 156 HOH A O   1 
HETATM 1428 O O   . HOH C 3 .   ? 9.176   0.059   -7.651  1.00 41.25 ? 157 HOH A O   1 
HETATM 1429 O O   . HOH C 3 .   ? 11.877  14.568  0.711   1.00 50.11 ? 158 HOH A O   1 
HETATM 1430 O O   . HOH C 3 .   ? 4.154   20.446  -5.317  1.00 50.38 ? 159 HOH A O   1 
HETATM 1431 O O   . HOH C 3 .   ? -6.952  11.766  -18.967 1.00 48.69 ? 160 HOH A O   1 
HETATM 1432 O O   . HOH C 3 .   ? -1.917  15.685  -11.273 1.00 44.84 ? 161 HOH A O   1 
HETATM 1433 O O   . HOH C 3 .   ? 11.539  0.280   -10.838 1.00 47.21 ? 162 HOH A O   1 
HETATM 1434 O O   . HOH C 3 .   ? 1.123   20.032  -11.945 1.00 42.95 ? 163 HOH A O   1 
HETATM 1435 O O   . HOH C 3 .   ? 7.244   -2.174  4.529   1.00 40.82 ? 164 HOH A O   1 
HETATM 1436 O O   . HOH C 3 .   ? -5.525  9.582   -16.177 1.00 46.26 ? 165 HOH A O   1 
HETATM 1437 O O   . HOH C 3 .   ? 6.683   1.809   -27.540 1.00 51.04 ? 166 HOH A O   1 
HETATM 1438 O O   . HOH C 3 .   ? 10.575  4.485   -26.089 1.00 54.71 ? 167 HOH A O   1 
HETATM 1439 O O   . HOH C 3 .   ? 7.600   -0.710  -5.601  1.00 62.04 ? 168 HOH A O   1 
HETATM 1440 O O   . HOH C 3 .   ? -5.918  6.755   -16.436 1.00 56.81 ? 169 HOH A O   1 
HETATM 1441 O O   . HOH C 3 .   ? 20.458  -9.498  -3.915  1.00 65.49 ? 170 HOH A O   1 
HETATM 1442 O O   . HOH C 3 .   ? -3.101  5.765   -16.892 1.00 43.15 ? 171 HOH A O   1 
HETATM 1443 O O   . HOH C 3 .   ? -1.799  17.718  -15.868 1.00 54.06 ? 172 HOH A O   1 
HETATM 1444 O O   . HOH C 3 .   ? 16.266  1.108   -16.119 1.00 47.42 ? 173 HOH A O   1 
HETATM 1445 O O   . HOH C 3 .   ? 8.951   1.974   -17.876 1.00 66.19 ? 174 HOH A O   1 
HETATM 1446 O O   . HOH C 3 .   ? 22.739  -12.063 3.545   1.00 61.98 ? 175 HOH A O   1 
HETATM 1447 O O   . HOH C 3 .   ? 6.293   -5.944  6.955   1.00 50.47 ? 176 HOH A O   1 
HETATM 1448 O O   . HOH C 3 .   ? 12.201  0.134   -13.284 1.00 53.02 ? 177 HOH A O   1 
HETATM 1449 O O   . HOH D 3 .   ? -15.153 -14.839 4.183   1.00 24.88 ? 125 HOH B O   1 
HETATM 1450 O O   . HOH D 3 .   ? 2.686   -6.627  7.908   1.00 24.19 ? 126 HOH B O   1 
HETATM 1451 O O   . HOH D 3 .   ? -13.456 -17.639 0.200   1.00 22.82 ? 127 HOH B O   1 
HETATM 1452 O O   . HOH D 3 .   ? -1.232  -6.418  16.975  1.00 25.84 ? 128 HOH B O   1 
HETATM 1453 O O   . HOH D 3 .   ? 1.114   -6.644  0.428   1.00 26.36 ? 129 HOH B O   1 
HETATM 1454 O O   . HOH D 3 .   ? -19.786 -9.316  4.024   1.00 34.36 ? 130 HOH B O   1 
HETATM 1455 O O   . HOH D 3 .   ? 4.060   -1.377  15.306  1.00 30.13 ? 131 HOH B O   1 
HETATM 1456 O O   . HOH D 3 .   ? -15.746 -15.733 11.414  1.00 29.66 ? 132 HOH B O   1 
HETATM 1457 O O   . HOH D 3 .   ? -15.827 -7.347  9.923   1.00 30.89 ? 133 HOH B O   1 
HETATM 1458 O O   . HOH D 3 .   ? -8.531  -0.372  -9.939  1.00 35.25 ? 134 HOH B O   1 
HETATM 1459 O O   . HOH D 3 .   ? -1.634  2.909   13.431  1.00 40.65 ? 135 HOH B O   1 
HETATM 1460 O O   . HOH D 3 .   ? -5.086  0.004   16.329  1.00 34.83 ? 136 HOH B O   1 
HETATM 1461 O O   . HOH D 3 .   ? 1.194   -7.464  17.686  1.00 30.23 ? 137 HOH B O   1 
HETATM 1462 O O   . HOH D 3 .   ? -12.883 -10.482 20.664  1.00 36.42 ? 138 HOH B O   1 
HETATM 1463 O O   . HOH D 3 .   ? -13.663 -6.841  19.670  1.00 36.16 ? 139 HOH B O   1 
HETATM 1464 O O   . HOH D 3 .   ? -3.358  3.439   10.351  1.00 34.25 ? 140 HOH B O   1 
HETATM 1465 O O   . HOH D 3 .   ? -4.638  -14.773 -1.575  1.00 36.64 ? 141 HOH B O   1 
HETATM 1466 O O   . HOH D 3 .   ? 5.376   -2.642  8.272   1.00 37.79 ? 142 HOH B O   1 
HETATM 1467 O O   . HOH D 3 .   ? -5.296  6.592   11.927  1.00 40.01 ? 143 HOH B O   1 
HETATM 1468 O O   . HOH D 3 .   ? -11.081 -3.014  19.219  1.00 36.64 ? 144 HOH B O   1 
HETATM 1469 O O   . HOH D 3 .   ? -8.917  7.140   9.868   1.00 45.76 ? 145 HOH B O   1 
HETATM 1470 O O   . HOH D 3 .   ? -3.935  -17.827 14.483  1.00 35.13 ? 146 HOH B O   1 
HETATM 1471 O O   . HOH D 3 .   ? -11.430 -16.698 -1.251  1.00 30.21 ? 147 HOH B O   1 
HETATM 1472 O O   . HOH D 3 .   ? -10.075 7.074   0.200   1.00 41.87 ? 148 HOH B O   1 
HETATM 1473 O O   . HOH D 3 .   ? -4.636  3.574   12.749  1.00 38.71 ? 149 HOH B O   1 
HETATM 1474 O O   . HOH D 3 .   ? -8.483  7.878   6.521   1.00 41.10 ? 150 HOH B O   1 
HETATM 1475 O O   . HOH D 3 .   ? -2.636  -12.107 3.662   1.00 35.19 ? 151 HOH B O   1 
HETATM 1476 O O   . HOH D 3 .   ? 1.090   -12.323 16.618  1.00 48.28 ? 152 HOH B O   1 
HETATM 1477 O O   . HOH D 3 .   ? -8.685  0.351   -12.530 1.00 35.77 ? 153 HOH B O   1 
HETATM 1478 O O   . HOH D 3 .   ? -3.908  -17.948 6.031   1.00 39.40 ? 154 HOH B O   1 
HETATM 1479 O O   . HOH D 3 .   ? -1.508  -17.090 -4.678  1.00 44.75 ? 155 HOH B O   1 
HETATM 1480 O O   . HOH D 3 .   ? -1.750  0.149   19.798  1.00 44.06 ? 156 HOH B O   1 
HETATM 1481 O O   . HOH D 3 .   ? -15.134 -5.638  -2.842  1.00 36.24 ? 157 HOH B O   1 
HETATM 1482 O O   . HOH D 3 .   ? -5.849  -4.110  -10.509 1.00 31.14 ? 158 HOH B O   1 
HETATM 1483 O O   . HOH D 3 .   ? -1.893  -11.486 17.218  1.00 36.65 ? 159 HOH B O   1 
HETATM 1484 O O   . HOH D 3 .   ? -5.460  -9.536  -9.712  1.00 43.57 ? 160 HOH B O   1 
HETATM 1485 O O   . HOH D 3 .   ? -3.152  -14.588 3.285   1.00 42.42 ? 161 HOH B O   1 
HETATM 1486 O O   . HOH D 3 .   ? -8.628  4.363   12.536  1.00 34.51 ? 162 HOH B O   1 
HETATM 1487 O O   . HOH D 3 .   ? -3.181  -20.783 -0.150  1.00 40.66 ? 163 HOH B O   1 
HETATM 1488 O O   . HOH D 3 .   ? -0.659  -19.248 -3.923  1.00 37.87 ? 164 HOH B O   1 
HETATM 1489 O O   . HOH D 3 .   ? 0.828   2.808   18.726  1.00 41.98 ? 165 HOH B O   1 
HETATM 1490 O O   . HOH D 3 .   ? -11.550 -0.559  -9.604  1.00 37.88 ? 166 HOH B O   1 
HETATM 1491 O O   . HOH D 3 .   ? -1.975  -15.158 -2.882  1.00 40.64 ? 167 HOH B O   1 
HETATM 1492 O O   . HOH D 3 .   ? -0.833  -10.244 1.091   1.00 40.57 ? 168 HOH B O   1 
HETATM 1493 O O   . HOH D 3 .   ? -0.823  -13.257 -4.630  1.00 46.06 ? 169 HOH B O   1 
HETATM 1494 O O   . HOH D 3 .   ? -0.843  4.402   8.728   1.00 39.61 ? 170 HOH B O   1 
HETATM 1495 O O   . HOH D 3 .   ? -5.724  -21.500 0.993   1.00 51.18 ? 171 HOH B O   1 
HETATM 1496 O O   . HOH D 3 .   ? -13.692 -15.460 19.571  1.00 49.37 ? 172 HOH B O   1 
HETATM 1497 O O   . HOH D 3 .   ? 4.354   -6.541  10.385  1.00 50.88 ? 173 HOH B O   1 
HETATM 1498 O O   . HOH D 3 .   ? -10.713 1.884   -9.280  1.00 39.20 ? 174 HOH B O   1 
HETATM 1499 O O   . HOH D 3 .   ? -7.395  3.903   14.858  1.00 46.66 ? 175 HOH B O   1 
HETATM 1500 O O   . HOH D 3 .   ? -2.082  1.881   18.188  1.00 48.31 ? 176 HOH B O   1 
HETATM 1501 O O   . HOH D 3 .   ? 1.018   -9.982  18.377  1.00 50.73 ? 177 HOH B O   1 
HETATM 1502 O O   . HOH D 3 .   ? -5.204  -20.531 3.514   1.00 54.54 ? 178 HOH B O   1 
HETATM 1503 O O   . HOH D 3 .   ? -10.486 8.702   -2.069  1.00 48.18 ? 179 HOH B O   1 
HETATM 1504 O O   . HOH D 3 .   ? -5.662  -8.279  21.659  1.00 44.35 ? 180 HOH B O   1 
HETATM 1505 O O   . HOH D 3 .   ? -11.285 -16.003 17.104  1.00 41.27 ? 181 HOH B O   1 
HETATM 1506 O O   . HOH D 3 .   ? -5.879  -9.303  -6.151  1.00 40.87 ? 182 HOH B O   1 
HETATM 1507 O O   . HOH D 3 .   ? -11.968 -15.786 -3.737  1.00 47.22 ? 183 HOH B O   1 
HETATM 1508 O O   . HOH D 3 .   ? -17.807 -4.603  -3.177  1.00 48.39 ? 184 HOH B O   1 
HETATM 1509 O O   . HOH D 3 .   ? -4.880  -12.760 -4.471  1.00 54.97 ? 185 HOH B O   1 
HETATM 1510 O O   . HOH D 3 .   ? -11.945 4.410   -5.690  1.00 45.68 ? 186 HOH B O   1 
HETATM 1511 O O   . HOH D 3 .   ? -12.439 1.290   -3.312  1.00 45.84 ? 187 HOH B O   1 
HETATM 1512 O O   . HOH D 3 .   ? -11.814 4.910   -1.396  1.00 39.50 ? 188 HOH B O   1 
HETATM 1513 O O   . HOH D 3 .   ? -9.040  -11.453 -2.675  1.00 47.79 ? 189 HOH B O   1 
HETATM 1514 O O   . HOH D 3 .   ? -9.480  1.669   19.101  1.00 47.17 ? 190 HOH B O   1 
HETATM 1515 O O   . HOH D 3 .   ? -8.708  -4.031  -10.816 1.00 39.26 ? 191 HOH B O   1 
HETATM 1516 O O   . HOH D 3 .   ? -18.506 -10.527 17.689  1.00 59.45 ? 192 HOH B O   1 
HETATM 1517 O O   . HOH D 3 .   ? -8.421  -15.330 -3.681  1.00 51.22 ? 193 HOH B O   1 
HETATM 1518 O O   . HOH D 3 .   ? -5.638  -19.728 13.949  1.00 43.83 ? 194 HOH B O   1 
HETATM 1519 O O   . HOH D 3 .   ? -10.379 -1.138  20.845  1.00 55.62 ? 195 HOH B O   1 
HETATM 1520 O O   . HOH D 3 .   ? 1.447   -18.629 9.642   1.00 43.38 ? 196 HOH B O   1 
# 
loop_
_pdbx_poly_seq_scheme.asym_id 
_pdbx_poly_seq_scheme.entity_id 
_pdbx_poly_seq_scheme.seq_id 
_pdbx_poly_seq_scheme.mon_id 
_pdbx_poly_seq_scheme.ndb_seq_num 
_pdbx_poly_seq_scheme.pdb_seq_num 
_pdbx_poly_seq_scheme.auth_seq_num 
_pdbx_poly_seq_scheme.pdb_mon_id 
_pdbx_poly_seq_scheme.auth_mon_id 
_pdbx_poly_seq_scheme.pdb_strand_id 
_pdbx_poly_seq_scheme.pdb_ins_code 
_pdbx_poly_seq_scheme.hetero 
A 1 1   SER 1   3   ?   ?   ?   A . n 
A 1 2   MET 2   4   ?   ?   ?   A . n 
A 1 3   ALA 3   5   ?   ?   ?   A . n 
A 1 4   LEU 4   6   ?   ?   ?   A . n 
A 1 5   GLY 5   7   ?   ?   ?   A . n 
A 1 6   PRO 6   8   ?   ?   ?   A . n 
A 1 7   PHE 7   9   ?   ?   ?   A . n 
A 1 8   PRO 8   10  ?   ?   ?   A . n 
A 1 9   ALA 9   11  ?   ?   ?   A . n 
A 1 10  MET 10  12  ?   ?   ?   A . n 
A 1 11  GLU 11  13  ?   ?   ?   A . n 
A 1 12  ASN 12  14  ?   ?   ?   A . n 
A 1 13  GLN 13  15  ?   ?   ?   A . n 
A 1 14  VAL 14  16  16  VAL VAL A . n 
A 1 15  LEU 15  17  17  LEU LEU A . n 
A 1 16  VAL 16  18  18  VAL VAL A . n 
A 1 17  ILE 17  19  19  ILE ILE A . n 
A 1 18  ARG 18  20  20  ARG ARG A . n 
A 1 19  ILE 19  21  21  ILE ILE A . n 
A 1 20  LYS 20  22  22  LYS LYS A . n 
A 1 21  ILE 21  23  23  ILE ILE A . n 
A 1 22  PRO 22  24  24  PRO PRO A . n 
A 1 23  ASN 23  25  25  ASN ASN A . n 
A 1 24  SER 24  26  26  SER SER A . n 
A 1 25  GLY 25  27  27  GLY GLY A . n 
A 1 26  ALA 26  28  28  ALA ALA A . n 
A 1 27  VAL 27  29  29  VAL VAL A . n 
A 1 28  ASP 28  30  30  ASP ASP A . n 
A 1 29  TRP 29  31  31  TRP TRP A . n 
A 1 30  THR 30  32  32  THR THR A . n 
A 1 31  VAL 31  33  33  VAL VAL A . n 
A 1 32  HIS 32  34  34  HIS HIS A . n 
A 1 33  SER 33  35  35  SER SER A . n 
A 1 34  GLY 34  36  ?   ?   ?   A . n 
A 1 35  PRO 35  37  37  PRO PRO A . n 
A 1 36  GLN 36  38  38  GLN GLN A . n 
A 1 37  LEU 37  39  39  LEU LEU A . n 
A 1 38  LEU 38  40  40  LEU LEU A . n 
A 1 39  PHE 39  41  41  PHE PHE A . n 
A 1 40  ARG 40  42  42  ARG ARG A . n 
A 1 41  ASP 41  43  43  ASP ASP A . n 
A 1 42  VAL 42  44  44  VAL VAL A . n 
A 1 43  LEU 43  45  45  LEU LEU A . n 
A 1 44  ASP 44  46  46  ASP ASP A . n 
A 1 45  VAL 45  47  47  VAL VAL A . n 
A 1 46  ILE 46  48  48  ILE ILE A . n 
A 1 47  GLY 47  49  49  GLY GLY A . n 
A 1 48  GLN 48  50  50  GLN GLN A . n 
A 1 49  VAL 49  51  51  VAL VAL A . n 
A 1 50  LEU 50  52  52  LEU LEU A . n 
A 1 51  PRO 51  53  53  PRO PRO A . n 
A 1 52  GLU 52  54  54  GLU GLU A . n 
A 1 53  ALA 53  55  55  ALA ALA A . n 
A 1 54  THR 54  56  56  THR THR A . n 
A 1 55  THR 55  57  57  THR THR A . n 
A 1 56  THR 56  58  58  THR THR A . n 
A 1 57  ALA 57  59  59  ALA ALA A . n 
A 1 58  PHE 58  60  60  PHE PHE A . n 
A 1 59  GLU 59  61  61  GLU GLU A . n 
A 1 60  TYR 60  62  62  TYR TYR A . n 
A 1 61  GLU 61  63  63  GLU GLU A . n 
A 1 62  ASP 62  64  64  ASP ASP A . n 
A 1 63  GLU 63  65  65  GLU GLU A . n 
A 1 64  ASP 64  66  66  ASP ASP A . n 
A 1 65  GLY 65  67  67  GLY GLY A . n 
A 1 66  ASP 66  68  68  ASP ASP A . n 
A 1 67  ARG 67  69  69  ARG ARG A . n 
A 1 68  ILE 68  70  70  ILE ILE A . n 
A 1 69  THR 69  71  71  THR THR A . n 
A 1 70  VAL 70  72  72  VAL VAL A . n 
A 1 71  ARG 71  73  73  ARG ARG A . n 
A 1 72  SER 72  74  74  SER SER A . n 
A 1 73  ASP 73  75  75  ASP ASP A . n 
A 1 74  GLU 74  76  76  GLU GLU A . n 
A 1 75  GLU 75  77  77  GLU GLU A . n 
A 1 76  MET 76  78  78  MET MET A . n 
A 1 77  LYS 77  79  79  LYS LYS A . n 
A 1 78  ALA 78  80  80  ALA ALA A . n 
A 1 79  MET 79  81  81  MET MET A . n 
A 1 80  LEU 80  82  82  LEU LEU A . n 
A 1 81  SER 81  83  83  SER SER A . n 
A 1 82  TYR 82  84  84  TYR TYR A . n 
A 1 83  TYR 83  85  85  TYR TYR A . n 
A 1 84  TYR 84  86  86  TYR TYR A . n 
A 1 85  SER 85  87  87  SER SER A . n 
A 1 86  THR 86  88  88  THR THR A . n 
A 1 87  VAL 87  89  89  VAL VAL A . n 
A 1 88  MET 88  90  90  MET MET A . n 
A 1 89  GLU 89  91  91  GLU GLU A . n 
A 1 90  GLN 90  92  92  GLN GLN A . n 
A 1 91  GLN 91  93  93  GLN GLN A . n 
A 1 92  VAL 92  94  94  VAL VAL A . n 
A 1 93  ASN 93  95  95  ASN ASN A . n 
A 1 94  GLY 94  96  96  GLY GLY A . n 
A 1 95  GLN 95  97  97  GLN GLN A . n 
A 1 96  LEU 96  98  98  LEU LEU A . n 
A 1 97  ILE 97  99  99  ILE ILE A . n 
A 1 98  GLU 98  100 100 GLU GLU A . n 
A 1 99  PRO 99  101 101 PRO PRO A . n 
A 1 100 LEU 100 102 102 LEU LEU A . n 
A 1 101 GLN 101 103 103 GLN GLN A . n 
A 1 102 ILE 102 104 104 ILE ILE A . n 
A 1 103 PHE 103 105 105 PHE PHE A . n 
A 1 104 PRO 104 106 106 PRO PRO A . n 
A 1 105 ARG 105 107 107 ARG ARG A . n 
A 1 106 ALA 106 108 108 ALA ALA A . n 
B 2 1   SER 1   35  ?   ?   ?   B . n 
B 2 2   MET 2   36  ?   ?   ?   B . n 
B 2 3   GLY 3   37  ?   ?   ?   B . n 
B 2 4   HIS 4   38  ?   ?   ?   B . n 
B 2 5   SER 5   39  ?   ?   ?   B . n 
B 2 6   ASN 6   40  ?   ?   ?   B . n 
B 2 7   ARG 7   41  ?   ?   ?   B . n 
B 2 8   GLN 8   42  42  GLN GLN B . n 
B 2 9   SER 9   43  43  SER SER B . n 
B 2 10  ASP 10  44  44  ASP ASP B . n 
B 2 11  VAL 11  45  45  VAL VAL B . n 
B 2 12  ARG 12  46  46  ARG ARG B . n 
B 2 13  ILE 13  47  47  ILE ILE B . n 
B 2 14  LYS 14  48  48  LYS LYS B . n 
B 2 15  PHE 15  49  49  PHE PHE B . n 
B 2 16  GLU 16  50  50  GLU GLU B . n 
B 2 17  HIS 17  51  51  HIS HIS B . n 
B 2 18  ASN 18  52  52  ASN ASN B . n 
B 2 19  GLY 19  53  53  GLY GLY B . n 
B 2 20  GLU 20  54  54  GLU GLU B . n 
B 2 21  ARG 21  55  55  ARG ARG B . n 
B 2 22  ARG 22  56  56  ARG ARG B . n 
B 2 23  ILE 23  57  57  ILE ILE B . n 
B 2 24  ILE 24  58  58  ILE ILE B . n 
B 2 25  ALA 25  59  59  ALA ALA B . n 
B 2 26  PHE 26  60  60  PHE PHE B . n 
B 2 27  SER 27  61  61  SER SER B . n 
B 2 28  ARG 28  62  62  ARG ARG B . n 
B 2 29  PRO 29  63  63  PRO PRO B . n 
B 2 30  VAL 30  64  64  VAL VAL B . n 
B 2 31  LYS 31  65  65  LYS LYS B . n 
B 2 32  TYR 32  66  66  TYR TYR B . n 
B 2 33  GLU 33  67  67  GLU GLU B . n 
B 2 34  ASP 34  68  68  ASP ASP B . n 
B 2 35  VAL 35  69  69  VAL VAL B . n 
B 2 36  GLU 36  70  70  GLU GLU B . n 
B 2 37  HIS 37  71  71  HIS HIS B . n 
B 2 38  LYS 38  72  72  LYS LYS B . n 
B 2 39  VAL 39  73  73  VAL VAL B . n 
B 2 40  THR 40  74  74  THR THR B . n 
B 2 41  THR 41  75  75  THR THR B . n 
B 2 42  VAL 42  76  76  VAL VAL B . n 
B 2 43  PHE 43  77  77  PHE PHE B . n 
B 2 44  GLY 44  78  78  GLY GLY B . n 
B 2 45  GLN 45  79  79  GLN GLN B . n 
B 2 46  PRO 46  80  80  PRO PRO B . n 
B 2 47  LEU 47  81  81  LEU LEU B . n 
B 2 48  ASP 48  82  82  ASP ASP B . n 
B 2 49  LEU 49  83  83  LEU LEU B . n 
B 2 50  HIS 50  84  84  HIS HIS B . n 
B 2 51  TYR 51  85  85  TYR TYR B . n 
B 2 52  MET 52  86  86  MET MET B . n 
B 2 53  ASN 53  87  87  ASN ASN B . n 
B 2 54  ASN 54  88  88  ASN ASN B . n 
B 2 55  GLU 55  89  89  GLU GLU B . n 
B 2 56  LEU 56  90  90  LEU LEU B . n 
B 2 57  SER 57  91  91  SER SER B . n 
B 2 58  ILE 58  92  92  ILE ILE B . n 
B 2 59  LEU 59  93  93  LEU LEU B . n 
B 2 60  LEU 60  94  94  LEU LEU B . n 
B 2 61  LYS 61  95  95  LYS LYS B . n 
B 2 62  ASN 62  96  96  ASN ASN B . n 
B 2 63  GLN 63  97  97  GLN GLN B . n 
B 2 64  ASP 64  98  98  ASP ASP B . n 
B 2 65  ASP 65  99  99  ASP ASP B . n 
B 2 66  LEU 66  100 100 LEU LEU B . n 
B 2 67  ASP 67  101 101 ASP ASP B . n 
B 2 68  LYS 68  102 102 LYS LYS B . n 
B 2 69  ALA 69  103 103 ALA ALA B . n 
B 2 70  ILE 70  104 104 ILE ILE B . n 
B 2 71  ASP 71  105 105 ASP ASP B . n 
B 2 72  ILE 72  106 106 ILE ILE B . n 
B 2 73  LEU 73  107 107 LEU LEU B . n 
B 2 74  ASP 74  108 108 ASP ASP B . n 
B 2 75  ARG 75  109 109 ARG ARG B . n 
B 2 76  SER 76  110 110 SER SER B . n 
B 2 77  SER 77  111 111 SER SER B . n 
B 2 78  SER 78  112 112 SER SER B . n 
B 2 79  MET 79  113 113 MET MET B . n 
B 2 80  LYS 80  114 114 LYS LYS B . n 
B 2 81  SER 81  115 115 SER SER B . n 
B 2 82  LEU 82  116 116 LEU LEU B . n 
B 2 83  ARG 83  117 117 ARG ARG B . n 
B 2 84  ILE 84  118 118 ILE ILE B . n 
B 2 85  LEU 85  119 119 LEU LEU B . n 
B 2 86  LEU 86  120 120 LEU LEU B . n 
B 2 87  LEU 87  121 121 LEU LEU B . n 
B 2 88  SER 88  122 122 SER SER B . n 
B 2 89  GLN 89  123 123 GLN GLN B . n 
B 2 90  ASP 90  124 ?   ?   ?   B . n 
# 
_pdbx_SG_project.id                    1 
_pdbx_SG_project.project_name          ? 
_pdbx_SG_project.full_name_of_center   'Structural Genomics Consortium' 
_pdbx_SG_project.initial_of_center     SGC 
# 
loop_
_pdbx_nonpoly_scheme.asym_id 
_pdbx_nonpoly_scheme.entity_id 
_pdbx_nonpoly_scheme.mon_id 
_pdbx_nonpoly_scheme.ndb_seq_num 
_pdbx_nonpoly_scheme.pdb_seq_num 
_pdbx_nonpoly_scheme.auth_seq_num 
_pdbx_nonpoly_scheme.pdb_mon_id 
_pdbx_nonpoly_scheme.auth_mon_id 
_pdbx_nonpoly_scheme.pdb_strand_id 
_pdbx_nonpoly_scheme.pdb_ins_code 
C 3 HOH 1  109 1   HOH HOH A . 
C 3 HOH 2  110 2   HOH HOH A . 
C 3 HOH 3  111 3   HOH HOH A . 
C 3 HOH 4  112 4   HOH HOH A . 
C 3 HOH 5  113 5   HOH HOH A . 
C 3 HOH 6  114 6   HOH HOH A . 
C 3 HOH 7  115 7   HOH HOH A . 
C 3 HOH 8  116 8   HOH HOH A . 
C 3 HOH 9  117 9   HOH HOH A . 
C 3 HOH 10 118 11  HOH HOH A . 
C 3 HOH 11 119 13  HOH HOH A . 
C 3 HOH 12 120 14  HOH HOH A . 
C 3 HOH 13 121 16  HOH HOH A . 
C 3 HOH 14 122 17  HOH HOH A . 
C 3 HOH 15 123 18  HOH HOH A . 
C 3 HOH 16 124 19  HOH HOH A . 
C 3 HOH 17 125 20  HOH HOH A . 
C 3 HOH 18 126 21  HOH HOH A . 
C 3 HOH 19 127 22  HOH HOH A . 
C 3 HOH 20 128 23  HOH HOH A . 
C 3 HOH 21 129 29  HOH HOH A . 
C 3 HOH 22 130 30  HOH HOH A . 
C 3 HOH 23 131 31  HOH HOH A . 
C 3 HOH 24 132 33  HOH HOH A . 
C 3 HOH 25 133 34  HOH HOH A . 
C 3 HOH 26 134 35  HOH HOH A . 
C 3 HOH 27 135 40  HOH HOH A . 
C 3 HOH 28 136 42  HOH HOH A . 
C 3 HOH 29 137 43  HOH HOH A . 
C 3 HOH 30 138 45  HOH HOH A . 
C 3 HOH 31 139 47  HOH HOH A . 
C 3 HOH 32 140 49  HOH HOH A . 
C 3 HOH 33 141 50  HOH HOH A . 
C 3 HOH 34 142 51  HOH HOH A . 
C 3 HOH 35 143 52  HOH HOH A . 
C 3 HOH 36 144 53  HOH HOH A . 
C 3 HOH 37 145 56  HOH HOH A . 
C 3 HOH 38 146 58  HOH HOH A . 
C 3 HOH 39 147 59  HOH HOH A . 
C 3 HOH 40 148 60  HOH HOH A . 
C 3 HOH 41 149 61  HOH HOH A . 
C 3 HOH 42 150 62  HOH HOH A . 
C 3 HOH 43 151 64  HOH HOH A . 
C 3 HOH 44 152 73  HOH HOH A . 
C 3 HOH 45 153 74  HOH HOH A . 
C 3 HOH 46 154 81  HOH HOH A . 
C 3 HOH 47 155 85  HOH HOH A . 
C 3 HOH 48 156 91  HOH HOH A . 
C 3 HOH 49 157 92  HOH HOH A . 
C 3 HOH 50 158 93  HOH HOH A . 
C 3 HOH 51 159 94  HOH HOH A . 
C 3 HOH 52 160 100 HOH HOH A . 
C 3 HOH 53 161 101 HOH HOH A . 
C 3 HOH 54 162 102 HOH HOH A . 
C 3 HOH 55 163 103 HOH HOH A . 
C 3 HOH 56 164 105 HOH HOH A . 
C 3 HOH 57 165 108 HOH HOH A . 
C 3 HOH 58 166 110 HOH HOH A . 
C 3 HOH 59 167 117 HOH HOH A . 
C 3 HOH 60 168 119 HOH HOH A . 
C 3 HOH 61 169 121 HOH HOH A . 
C 3 HOH 62 170 122 HOH HOH A . 
C 3 HOH 63 171 125 HOH HOH A . 
C 3 HOH 64 172 130 HOH HOH A . 
C 3 HOH 65 173 132 HOH HOH A . 
C 3 HOH 66 174 133 HOH HOH A . 
C 3 HOH 67 175 135 HOH HOH A . 
C 3 HOH 68 176 138 HOH HOH A . 
C 3 HOH 69 177 152 HOH HOH A . 
D 3 HOH 1  125 10  HOH HOH B . 
D 3 HOH 2  126 12  HOH HOH B . 
D 3 HOH 3  127 15  HOH HOH B . 
D 3 HOH 4  128 24  HOH HOH B . 
D 3 HOH 5  129 25  HOH HOH B . 
D 3 HOH 6  130 26  HOH HOH B . 
D 3 HOH 7  131 27  HOH HOH B . 
D 3 HOH 8  132 28  HOH HOH B . 
D 3 HOH 9  133 32  HOH HOH B . 
D 3 HOH 10 134 36  HOH HOH B . 
D 3 HOH 11 135 37  HOH HOH B . 
D 3 HOH 12 136 38  HOH HOH B . 
D 3 HOH 13 137 39  HOH HOH B . 
D 3 HOH 14 138 41  HOH HOH B . 
D 3 HOH 15 139 44  HOH HOH B . 
D 3 HOH 16 140 46  HOH HOH B . 
D 3 HOH 17 141 48  HOH HOH B . 
D 3 HOH 18 142 54  HOH HOH B . 
D 3 HOH 19 143 55  HOH HOH B . 
D 3 HOH 20 144 57  HOH HOH B . 
D 3 HOH 21 145 63  HOH HOH B . 
D 3 HOH 22 146 65  HOH HOH B . 
D 3 HOH 23 147 66  HOH HOH B . 
D 3 HOH 24 148 67  HOH HOH B . 
D 3 HOH 25 149 68  HOH HOH B . 
D 3 HOH 26 150 69  HOH HOH B . 
D 3 HOH 27 151 70  HOH HOH B . 
D 3 HOH 28 152 71  HOH HOH B . 
D 3 HOH 29 153 72  HOH HOH B . 
D 3 HOH 30 154 75  HOH HOH B . 
D 3 HOH 31 155 76  HOH HOH B . 
D 3 HOH 32 156 77  HOH HOH B . 
D 3 HOH 33 157 78  HOH HOH B . 
D 3 HOH 34 158 79  HOH HOH B . 
D 3 HOH 35 159 80  HOH HOH B . 
D 3 HOH 36 160 82  HOH HOH B . 
D 3 HOH 37 161 83  HOH HOH B . 
D 3 HOH 38 162 84  HOH HOH B . 
D 3 HOH 39 163 86  HOH HOH B . 
D 3 HOH 40 164 89  HOH HOH B . 
D 3 HOH 41 165 90  HOH HOH B . 
D 3 HOH 42 166 95  HOH HOH B . 
D 3 HOH 43 167 96  HOH HOH B . 
D 3 HOH 44 168 97  HOH HOH B . 
D 3 HOH 45 169 98  HOH HOH B . 
D 3 HOH 46 170 99  HOH HOH B . 
D 3 HOH 47 171 104 HOH HOH B . 
D 3 HOH 48 172 106 HOH HOH B . 
D 3 HOH 49 173 107 HOH HOH B . 
D 3 HOH 50 174 109 HOH HOH B . 
D 3 HOH 51 175 111 HOH HOH B . 
D 3 HOH 52 176 112 HOH HOH B . 
D 3 HOH 53 177 113 HOH HOH B . 
D 3 HOH 54 178 114 HOH HOH B . 
D 3 HOH 55 179 115 HOH HOH B . 
D 3 HOH 56 180 116 HOH HOH B . 
D 3 HOH 57 181 118 HOH HOH B . 
D 3 HOH 58 182 120 HOH HOH B . 
D 3 HOH 59 183 123 HOH HOH B . 
D 3 HOH 60 184 124 HOH HOH B . 
D 3 HOH 61 185 126 HOH HOH B . 
D 3 HOH 62 186 127 HOH HOH B . 
D 3 HOH 63 187 134 HOH HOH B . 
D 3 HOH 64 188 136 HOH HOH B . 
D 3 HOH 65 189 137 HOH HOH B . 
D 3 HOH 66 190 139 HOH HOH B . 
D 3 HOH 67 191 140 HOH HOH B . 
D 3 HOH 68 192 141 HOH HOH B . 
D 3 HOH 69 193 142 HOH HOH B . 
D 3 HOH 70 194 147 HOH HOH B . 
D 3 HOH 71 195 148 HOH HOH B . 
D 3 HOH 72 196 149 HOH HOH B . 
# 
_pdbx_struct_assembly.id                   1 
_pdbx_struct_assembly.details              author_defined_assembly 
_pdbx_struct_assembly.method_details       ? 
_pdbx_struct_assembly.oligomeric_details   dimeric 
_pdbx_struct_assembly.oligomeric_count     2 
# 
_pdbx_struct_assembly_gen.assembly_id       1 
_pdbx_struct_assembly_gen.oper_expression   1 
_pdbx_struct_assembly_gen.asym_id_list      A,B,C,D 
# 
_pdbx_struct_oper_list.id                   1 
_pdbx_struct_oper_list.type                 'identity operation' 
_pdbx_struct_oper_list.name                 1_555 
_pdbx_struct_oper_list.symmetry_operation   x,y,z 
_pdbx_struct_oper_list.matrix[1][1]         1.0000000000 
_pdbx_struct_oper_list.matrix[1][2]         0.0000000000 
_pdbx_struct_oper_list.matrix[1][3]         0.0000000000 
_pdbx_struct_oper_list.vector[1]            0.0000000000 
_pdbx_struct_oper_list.matrix[2][1]         0.0000000000 
_pdbx_struct_oper_list.matrix[2][2]         1.0000000000 
_pdbx_struct_oper_list.matrix[2][3]         0.0000000000 
_pdbx_struct_oper_list.vector[2]            0.0000000000 
_pdbx_struct_oper_list.matrix[3][1]         0.0000000000 
_pdbx_struct_oper_list.matrix[3][2]         0.0000000000 
_pdbx_struct_oper_list.matrix[3][3]         1.0000000000 
_pdbx_struct_oper_list.vector[3]            0.0000000000 
# 
loop_
_pdbx_audit_revision_history.ordinal 
_pdbx_audit_revision_history.data_content_type 
_pdbx_audit_revision_history.major_revision 
_pdbx_audit_revision_history.minor_revision 
_pdbx_audit_revision_history.revision_date 
1 'Structure model' 1 0 2006-12-12 
2 'Structure model' 1 1 2008-05-01 
3 'Structure model' 1 2 2011-07-13 
4 'Structure model' 1 3 2017-10-18 
5 'Structure model' 1 4 2023-08-30 
# 
_pdbx_audit_revision_details.ordinal             1 
_pdbx_audit_revision_details.revision_ordinal    1 
_pdbx_audit_revision_details.data_content_type   'Structure model' 
_pdbx_audit_revision_details.provider            repository 
_pdbx_audit_revision_details.type                'Initial release' 
_pdbx_audit_revision_details.description         ? 
_pdbx_audit_revision_details.details             ? 
# 
loop_
_pdbx_audit_revision_group.ordinal 
_pdbx_audit_revision_group.revision_ordinal 
_pdbx_audit_revision_group.data_content_type 
_pdbx_audit_revision_group.group 
1 2 'Structure model' 'Version format compliance' 
2 3 'Structure model' Advisory                    
3 3 'Structure model' 'Version format compliance' 
4 4 'Structure model' 'Refinement description'    
5 5 'Structure model' 'Data collection'           
6 5 'Structure model' 'Database references'       
7 5 'Structure model' 'Refinement description'    
# 
loop_
_pdbx_audit_revision_category.ordinal 
_pdbx_audit_revision_category.revision_ordinal 
_pdbx_audit_revision_category.data_content_type 
_pdbx_audit_revision_category.category 
1 4 'Structure model' software                      
2 5 'Structure model' chem_comp_atom                
3 5 'Structure model' chem_comp_bond                
4 5 'Structure model' database_2                    
5 5 'Structure model' pdbx_initial_refinement_model 
6 5 'Structure model' struct_ref_seq_dif            
# 
loop_
_pdbx_audit_revision_item.ordinal 
_pdbx_audit_revision_item.revision_ordinal 
_pdbx_audit_revision_item.data_content_type 
_pdbx_audit_revision_item.item 
1 5 'Structure model' '_database_2.pdbx_DOI'                
2 5 'Structure model' '_database_2.pdbx_database_accession' 
3 5 'Structure model' '_struct_ref_seq_dif.details'         
# 
_diffrn_reflns.diffrn_id                   1 
_diffrn_reflns.pdbx_d_res_high             1.830 
_diffrn_reflns.pdbx_d_res_low              50.000 
_diffrn_reflns.pdbx_number_obs             19523 
_diffrn_reflns.pdbx_Rmerge_I_obs           0.075 
_diffrn_reflns.pdbx_Rsym_value             ? 
_diffrn_reflns.pdbx_chi_squared            1.03 
_diffrn_reflns.av_sigmaI_over_netI         12.10 
_diffrn_reflns.pdbx_redundancy             6.10 
_diffrn_reflns.pdbx_percent_possible_obs   99.30 
_diffrn_reflns.number                      118834 
_diffrn_reflns.pdbx_observed_criterion     ? 
_diffrn_reflns.limit_h_max                 ? 
_diffrn_reflns.limit_h_min                 ? 
_diffrn_reflns.limit_k_max                 ? 
_diffrn_reflns.limit_k_min                 ? 
_diffrn_reflns.limit_l_max                 ? 
_diffrn_reflns.limit_l_min                 ? 
# 
loop_
_pdbx_diffrn_reflns_shell.diffrn_id 
_pdbx_diffrn_reflns_shell.d_res_high 
_pdbx_diffrn_reflns_shell.d_res_low 
_pdbx_diffrn_reflns_shell.number_obs 
_pdbx_diffrn_reflns_shell.rejects 
_pdbx_diffrn_reflns_shell.Rmerge_I_obs 
_pdbx_diffrn_reflns_shell.Rsym_value 
_pdbx_diffrn_reflns_shell.chi_squared 
_pdbx_diffrn_reflns_shell.redundancy 
_pdbx_diffrn_reflns_shell.percent_possible_obs 
1 3.94 50.00 ? ? 0.053 ? 1.004 6.00 98.50 
1 3.13 3.94  ? ? 0.058 ? 1.000 6.40 99.50 
1 2.73 3.13  ? ? 0.077 ? 1.031 6.50 99.40 
1 2.48 2.73  ? ? 0.105 ? 1.052 6.40 99.70 
1 2.31 2.48  ? ? 0.128 ? 1.074 6.50 99.90 
1 2.17 2.31  ? ? 0.170 ? 1.080 6.50 99.80 
1 2.06 2.17  ? ? 0.215 ? 1.073 6.40 99.80 
1 1.97 2.06  ? ? 0.321 ? 1.062 6.40 99.80 
1 1.90 1.97  ? ? 0.431 ? 0.936 6.00 99.80 
1 1.83 1.90  ? ? 0.578 ? 0.869 3.70 96.50 
# 
loop_
_pdbx_refine_tls.id 
_pdbx_refine_tls.details 
_pdbx_refine_tls.method 
_pdbx_refine_tls.origin_x 
_pdbx_refine_tls.origin_y 
_pdbx_refine_tls.origin_z 
_pdbx_refine_tls.T[1][1] 
_pdbx_refine_tls.T[2][2] 
_pdbx_refine_tls.T[3][3] 
_pdbx_refine_tls.T[1][2] 
_pdbx_refine_tls.T[1][3] 
_pdbx_refine_tls.T[2][3] 
_pdbx_refine_tls.L[1][1] 
_pdbx_refine_tls.L[2][2] 
_pdbx_refine_tls.L[3][3] 
_pdbx_refine_tls.L[1][2] 
_pdbx_refine_tls.L[1][3] 
_pdbx_refine_tls.L[2][3] 
_pdbx_refine_tls.S[1][1] 
_pdbx_refine_tls.S[2][2] 
_pdbx_refine_tls.S[3][3] 
_pdbx_refine_tls.S[1][2] 
_pdbx_refine_tls.S[1][3] 
_pdbx_refine_tls.S[2][3] 
_pdbx_refine_tls.S[2][1] 
_pdbx_refine_tls.S[3][1] 
_pdbx_refine_tls.S[3][2] 
_pdbx_refine_tls.pdbx_refine_id 
1  ? refined 8.2403   11.4863  -9.0709  0.0952  0.0529  0.0446 -0.0626 0.0211  -0.0108 4.9981  3.7353 2.5573  0.4651  -1.6743 -0.1408 0.0266  0.0147  -0.0413 -0.2974 0.1252  -0.1089 0.0729 -0.3790 0.3178  'X-RAY DIFFRACTION' 
2  ? refined 0.0114   10.1440  -12.4880 0.0786  0.0475  0.0669 -0.0262 0.0052  -0.0059 1.4637  4.3434 4.8449  0.1081  0.2543  -2.2819 -0.0114 -0.0272 0.0387  0.1723  0.1410  0.3026  0.0187 -0.4826 -0.0034 'X-RAY DIFFRACTION' 
3  ? refined 0.7735   1.8086   -1.6209  0.0684  0.0479  0.0466 -0.0356 0.0251  -0.0171 2.0572  1.2093 2.0889  0.3742  0.0701  0.6234  0.0931  -0.0734 -0.0197 -0.0753 0.1638  0.0532  0.0828 -0.0679 0.0720  'X-RAY DIFFRACTION' 
4  ? refined 14.9935  -1.4608  0.1948   -0.0138 -0.0668 0.0655 -0.0166 -0.0106 -0.0317 28.3201 4.0215 11.1415 -4.0325 2.1868  0.1618  -0.0210 0.1139  -0.0929 0.2132  -1.0608 -0.4818 0.1271 0.4006  0.3542  'X-RAY DIFFRACTION' 
5  ? refined 9.0508   1.3906   -8.9100  0.1007  0.0611  0.0484 0.0060  0.0507  -0.0282 3.5794  7.3087 9.1597  -1.2073 5.2894  -1.8821 0.2482  -0.1465 -0.1017 0.6110  -0.1784 -0.3292 0.0439 0.4613  0.6846  'X-RAY DIFFRACTION' 
6  ? refined 0.6333   -4.1240  7.1485   0.1147  0.0399  0.0498 -0.0140 0.0190  -0.0078 4.6087  8.6494 14.5640 -0.0267 -2.8930 2.2317  0.0391  0.1464  -0.1856 -0.3793 0.1193  -0.4386 0.5399 0.1750  0.5591  'X-RAY DIFFRACTION' 
7  ? refined -5.7135  -1.8212  3.2532   0.0844  0.0054  0.0496 -0.0068 0.0312  -0.0211 4.8084  2.2452 8.8468  1.2525  1.8818  0.2038  -0.0054 0.1470  -0.1415 0.0491  0.0907  0.1062  0.1822 -0.0886 -0.1887 'X-RAY DIFFRACTION' 
8  ? refined -10.2549 -0.9026  14.4386  0.1080  0.0256  0.0049 -0.0526 0.0684  -0.0248 8.2532  9.6059 11.8504 -6.2668 -1.7273 -1.9681 -0.1364 0.0825  0.0539  -0.0772 -0.1302 0.3609  0.6551 0.1090  -0.4407 'X-RAY DIFFRACTION' 
9  ? refined -11.9658 -8.1982  7.7817   0.0015  0.0475  0.0259 -0.0307 0.0675  0.0059  1.1859  4.6884 2.5630  1.3336  -0.2954 0.7416  0.0350  -0.0696 0.0347  -0.0553 -0.0383 0.2418  0.2882 0.0545  -0.1689 'X-RAY DIFFRACTION' 
10 ? refined -2.9185  -11.8088 7.1313   0.1482  0.0240  0.0722 -0.0080 0.0406  -0.0035 3.7347  4.6263 5.8853  0.0180  1.0719  -0.7277 0.0063  -0.0249 0.0185  -0.0795 -0.2906 -0.2188 0.2420 0.5087  0.3160  'X-RAY DIFFRACTION' 
# 
loop_
_pdbx_refine_tls_group.id 
_pdbx_refine_tls_group.refine_tls_id 
_pdbx_refine_tls_group.beg_label_asym_id 
_pdbx_refine_tls_group.beg_label_seq_id 
_pdbx_refine_tls_group.end_label_asym_id 
_pdbx_refine_tls_group.end_label_seq_id 
_pdbx_refine_tls_group.selection 
_pdbx_refine_tls_group.beg_auth_asym_id 
_pdbx_refine_tls_group.beg_auth_seq_id 
_pdbx_refine_tls_group.end_auth_asym_id 
_pdbx_refine_tls_group.end_auth_seq_id 
_pdbx_refine_tls_group.pdbx_refine_id 
_pdbx_refine_tls_group.selection_details 
1  1  A 14 A 43  ALL A 16  A 45  'X-RAY DIFFRACTION' ? 
2  2  A 44 A 59  ALL A 46  A 61  'X-RAY DIFFRACTION' ? 
3  3  A 60 A 79  ALL A 62  A 81  'X-RAY DIFFRACTION' ? 
4  4  A 80 A 90  ALL A 82  A 92  'X-RAY DIFFRACTION' ? 
5  5  A 91 A 104 ALL A 93  A 106 'X-RAY DIFFRACTION' ? 
6  6  B 8  B 14  ALL B 42  B 48  'X-RAY DIFFRACTION' ? 
7  7  B 15 B 29  ALL B 49  B 63  'X-RAY DIFFRACTION' ? 
8  8  B 30 B 37  ALL B 64  B 71  'X-RAY DIFFRACTION' ? 
9  9  B 38 B 67  ALL B 72  B 101 'X-RAY DIFFRACTION' ? 
10 10 B 68 B 89  ALL B 102 B 123 'X-RAY DIFFRACTION' ? 
# 
_pdbx_phasing_MR.entry_id                     2O2V 
_pdbx_phasing_MR.method_rotation              ? 
_pdbx_phasing_MR.method_translation           ? 
_pdbx_phasing_MR.model_details                ? 
_pdbx_phasing_MR.R_factor                     ? 
_pdbx_phasing_MR.R_rigid_body                 ? 
_pdbx_phasing_MR.correlation_coeff_Fo_to_Fc   ? 
_pdbx_phasing_MR.correlation_coeff_Io_to_Ic   ? 
_pdbx_phasing_MR.d_res_high_rotation          3.500 
_pdbx_phasing_MR.d_res_low_rotation           46.840 
_pdbx_phasing_MR.d_res_high_translation       3.500 
_pdbx_phasing_MR.d_res_low_translation        46.840 
_pdbx_phasing_MR.packing                      ? 
_pdbx_phasing_MR.reflns_percent_rotation      ? 
_pdbx_phasing_MR.reflns_percent_translation   ? 
_pdbx_phasing_MR.sigma_F_rotation             ? 
_pdbx_phasing_MR.sigma_F_translation          ? 
_pdbx_phasing_MR.sigma_I_rotation             ? 
_pdbx_phasing_MR.sigma_I_translation          ? 
# 
loop_
_software.name 
_software.version 
_software.date 
_software.type 
_software.contact_author 
_software.contact_author_email 
_software.classification 
_software.location 
_software.language 
_software.citation_id 
_software.pdbx_ordinal 
DENZO        .              ?                package 'Zbyszek Otwinowski' zbyszek@mix.swmed.edu       'data reduction'  
http://www.lnls.br/infra/linhasluz/denzo-hkl.htm ?          ? 1 
SCALEPACK    .              ?                package 'Zbyszek Otwinowski' zbyszek@mix.swmed.edu       'data scaling'    
http://www.lnls.br/infra/linhasluz/denzo-hkl.htm ?          ? 2 
PHASER       .              ?                other   'R. J. Read'         cimr-phaser@lists.cam.ac.uk phasing           
http://www-structmed.cimr.cam.ac.uk/phaser/      ?          ? 3 
REFMAC       .              ?                program 'Murshudov, G.N.'    ccp4@dl.ac.uk               refinement        
http://www.ccp4.ac.uk/main.html                  Fortran_77 ? 4 
PDB_EXTRACT  2.000          'April. 3, 2006' package PDB                  sw-help@rcsb.rutgers.edu    'data extraction' 
http://pdb.rutgers.edu/software/                 C++        ? 5 
CrystalClear '(MSC/RIGAKU)' ?                ?       ?                    ?                           'data collection' ? ? ? 6 
HKL-2000     .              ?                ?       ?                    ?                           'data reduction'  ? ? ? 7 
HKL-2000     .              ?                ?       ?                    ?                           'data scaling'    ? ? ? 8 
# 
loop_
_pdbx_validate_rmsd_angle.id 
_pdbx_validate_rmsd_angle.PDB_model_num 
_pdbx_validate_rmsd_angle.auth_atom_id_1 
_pdbx_validate_rmsd_angle.auth_asym_id_1 
_pdbx_validate_rmsd_angle.auth_comp_id_1 
_pdbx_validate_rmsd_angle.auth_seq_id_1 
_pdbx_validate_rmsd_angle.PDB_ins_code_1 
_pdbx_validate_rmsd_angle.label_alt_id_1 
_pdbx_validate_rmsd_angle.auth_atom_id_2 
_pdbx_validate_rmsd_angle.auth_asym_id_2 
_pdbx_validate_rmsd_angle.auth_comp_id_2 
_pdbx_validate_rmsd_angle.auth_seq_id_2 
_pdbx_validate_rmsd_angle.PDB_ins_code_2 
_pdbx_validate_rmsd_angle.label_alt_id_2 
_pdbx_validate_rmsd_angle.auth_atom_id_3 
_pdbx_validate_rmsd_angle.auth_asym_id_3 
_pdbx_validate_rmsd_angle.auth_comp_id_3 
_pdbx_validate_rmsd_angle.auth_seq_id_3 
_pdbx_validate_rmsd_angle.PDB_ins_code_3 
_pdbx_validate_rmsd_angle.label_alt_id_3 
_pdbx_validate_rmsd_angle.angle_value 
_pdbx_validate_rmsd_angle.angle_target_value 
_pdbx_validate_rmsd_angle.angle_deviation 
_pdbx_validate_rmsd_angle.angle_standard_deviation 
_pdbx_validate_rmsd_angle.linker_flag 
1 1 NE A ARG 69 ? ? CZ A ARG 69 ? ? NH1 A ARG 69 ? ? 127.28 120.30 6.98  0.50 N 
2 1 NE A ARG 69 ? ? CZ A ARG 69 ? ? NH2 A ARG 69 ? ? 112.50 120.30 -7.80 0.50 N 
3 1 NE B ARG 56 ? ? CZ B ARG 56 ? ? NH1 B ARG 56 ? ? 125.18 120.30 4.88  0.50 N 
4 1 NE B ARG 56 ? ? CZ B ARG 56 ? ? NH2 B ARG 56 ? ? 112.77 120.30 -7.53 0.50 N 
# 
loop_
_pdbx_validate_torsion.id 
_pdbx_validate_torsion.PDB_model_num 
_pdbx_validate_torsion.auth_comp_id 
_pdbx_validate_torsion.auth_asym_id 
_pdbx_validate_torsion.auth_seq_id 
_pdbx_validate_torsion.PDB_ins_code 
_pdbx_validate_torsion.label_alt_id 
_pdbx_validate_torsion.phi 
_pdbx_validate_torsion.psi 
1 1 ASN B 88  ? ? 54.42  -117.66 
2 1 SER B 112 ? ? -97.69 -60.05  
# 
loop_
_pdbx_unobs_or_zero_occ_atoms.id 
_pdbx_unobs_or_zero_occ_atoms.PDB_model_num 
_pdbx_unobs_or_zero_occ_atoms.polymer_flag 
_pdbx_unobs_or_zero_occ_atoms.occupancy_flag 
_pdbx_unobs_or_zero_occ_atoms.auth_asym_id 
_pdbx_unobs_or_zero_occ_atoms.auth_comp_id 
_pdbx_unobs_or_zero_occ_atoms.auth_seq_id 
_pdbx_unobs_or_zero_occ_atoms.PDB_ins_code 
_pdbx_unobs_or_zero_occ_atoms.auth_atom_id 
_pdbx_unobs_or_zero_occ_atoms.label_alt_id 
_pdbx_unobs_or_zero_occ_atoms.label_asym_id 
_pdbx_unobs_or_zero_occ_atoms.label_comp_id 
_pdbx_unobs_or_zero_occ_atoms.label_seq_id 
_pdbx_unobs_or_zero_occ_atoms.label_atom_id 
1  1 Y 1 A SER 35  ? OG  ? A SER 33 OG  
2  1 Y 1 A GLN 38  ? CG  ? A GLN 36 CG  
3  1 Y 1 A GLN 38  ? CD  ? A GLN 36 CD  
4  1 Y 1 A GLN 38  ? OE1 ? A GLN 36 OE1 
5  1 Y 1 A GLN 38  ? NE2 ? A GLN 36 NE2 
6  1 Y 1 A ARG 42  ? CZ  ? A ARG 40 CZ  
7  1 Y 1 A ARG 42  ? NH1 ? A ARG 40 NH1 
8  1 Y 1 A ARG 42  ? NH2 ? A ARG 40 NH2 
9  1 Y 1 A GLU 54  ? OE1 ? A GLU 52 OE1 
10 1 Y 1 A GLU 54  ? OE2 ? A GLU 52 OE2 
11 1 Y 1 A LYS 79  ? CE  ? A LYS 77 CE  
12 1 Y 1 A LYS 79  ? NZ  ? A LYS 77 NZ  
13 1 Y 1 A MET 90  ? SD  ? A MET 88 SD  
14 1 Y 1 A MET 90  ? CE  ? A MET 88 CE  
15 1 Y 1 A GLU 91  ? CG  ? A GLU 89 CG  
16 1 Y 1 A GLU 91  ? CD  ? A GLU 89 CD  
17 1 Y 1 A GLU 91  ? OE1 ? A GLU 89 OE1 
18 1 Y 1 A GLU 91  ? OE2 ? A GLU 89 OE2 
19 1 Y 1 A GLN 97  ? CG  ? A GLN 95 CG  
20 1 Y 1 A GLN 97  ? CD  ? A GLN 95 CD  
21 1 Y 1 A GLN 97  ? OE1 ? A GLN 95 OE1 
22 1 Y 1 A GLN 97  ? NE2 ? A GLN 95 NE2 
23 1 Y 1 A LEU 98  ? CG  ? A LEU 96 CG  
24 1 Y 1 A LEU 98  ? CD1 ? A LEU 96 CD1 
25 1 Y 1 A LEU 98  ? CD2 ? A LEU 96 CD2 
26 1 Y 1 A ILE 99  ? CD1 ? A ILE 97 CD1 
27 1 Y 1 A GLU 100 ? CD  ? A GLU 98 CD  
28 1 Y 1 A GLU 100 ? OE1 ? A GLU 98 OE1 
29 1 Y 1 A GLU 100 ? OE2 ? A GLU 98 OE2 
30 1 Y 1 B GLN 42  ? CG  ? B GLN 8  CG  
31 1 Y 1 B GLN 42  ? CD  ? B GLN 8  CD  
32 1 Y 1 B GLN 42  ? OE1 ? B GLN 8  OE1 
33 1 Y 1 B GLN 42  ? NE2 ? B GLN 8  NE2 
34 1 Y 1 B LYS 102 ? CE  ? B LYS 68 CE  
35 1 Y 1 B LYS 102 ? NZ  ? B LYS 68 NZ  
36 1 Y 1 B SER 112 ? OG  ? B SER 78 OG  
37 1 Y 1 B GLN 123 ? CG  ? B GLN 89 CG  
38 1 Y 1 B GLN 123 ? CD  ? B GLN 89 CD  
39 1 Y 1 B GLN 123 ? OE1 ? B GLN 89 OE1 
40 1 Y 1 B GLN 123 ? NE2 ? B GLN 89 NE2 
# 
loop_
_pdbx_unobs_or_zero_occ_residues.id 
_pdbx_unobs_or_zero_occ_residues.PDB_model_num 
_pdbx_unobs_or_zero_occ_residues.polymer_flag 
_pdbx_unobs_or_zero_occ_residues.occupancy_flag 
_pdbx_unobs_or_zero_occ_residues.auth_asym_id 
_pdbx_unobs_or_zero_occ_residues.auth_comp_id 
_pdbx_unobs_or_zero_occ_residues.auth_seq_id 
_pdbx_unobs_or_zero_occ_residues.PDB_ins_code 
_pdbx_unobs_or_zero_occ_residues.label_asym_id 
_pdbx_unobs_or_zero_occ_residues.label_comp_id 
_pdbx_unobs_or_zero_occ_residues.label_seq_id 
1  1 Y 1 A SER 3   ? A SER 1  
2  1 Y 1 A MET 4   ? A MET 2  
3  1 Y 1 A ALA 5   ? A ALA 3  
4  1 Y 1 A LEU 6   ? A LEU 4  
5  1 Y 1 A GLY 7   ? A GLY 5  
6  1 Y 1 A PRO 8   ? A PRO 6  
7  1 Y 1 A PHE 9   ? A PHE 7  
8  1 Y 1 A PRO 10  ? A PRO 8  
9  1 Y 1 A ALA 11  ? A ALA 9  
10 1 Y 1 A MET 12  ? A MET 10 
11 1 Y 1 A GLU 13  ? A GLU 11 
12 1 Y 1 A ASN 14  ? A ASN 12 
13 1 Y 1 A GLN 15  ? A GLN 13 
14 1 Y 1 A GLY 36  ? A GLY 34 
15 1 Y 1 B SER 35  ? B SER 1  
16 1 Y 1 B MET 36  ? B MET 2  
17 1 Y 1 B GLY 37  ? B GLY 3  
18 1 Y 1 B HIS 38  ? B HIS 4  
19 1 Y 1 B SER 39  ? B SER 5  
20 1 Y 1 B ASN 40  ? B ASN 6  
21 1 Y 1 B ARG 41  ? B ARG 7  
22 1 Y 1 B ASP 124 ? B ASP 90 
# 
loop_
_chem_comp_atom.comp_id 
_chem_comp_atom.atom_id 
_chem_comp_atom.type_symbol 
_chem_comp_atom.pdbx_aromatic_flag 
_chem_comp_atom.pdbx_stereo_config 
_chem_comp_atom.pdbx_ordinal 
ALA N    N N N 1   
ALA CA   C N S 2   
ALA C    C N N 3   
ALA O    O N N 4   
ALA CB   C N N 5   
ALA OXT  O N N 6   
ALA H    H N N 7   
ALA H2   H N N 8   
ALA HA   H N N 9   
ALA HB1  H N N 10  
ALA HB2  H N N 11  
ALA HB3  H N N 12  
ALA HXT  H N N 13  
ARG N    N N N 14  
ARG CA   C N S 15  
ARG C    C N N 16  
ARG O    O N N 17  
ARG CB   C N N 18  
ARG CG   C N N 19  
ARG CD   C N N 20  
ARG NE   N N N 21  
ARG CZ   C N N 22  
ARG NH1  N N N 23  
ARG NH2  N N N 24  
ARG OXT  O N N 25  
ARG H    H N N 26  
ARG H2   H N N 27  
ARG HA   H N N 28  
ARG HB2  H N N 29  
ARG HB3  H N N 30  
ARG HG2  H N N 31  
ARG HG3  H N N 32  
ARG HD2  H N N 33  
ARG HD3  H N N 34  
ARG HE   H N N 35  
ARG HH11 H N N 36  
ARG HH12 H N N 37  
ARG HH21 H N N 38  
ARG HH22 H N N 39  
ARG HXT  H N N 40  
ASN N    N N N 41  
ASN CA   C N S 42  
ASN C    C N N 43  
ASN O    O N N 44  
ASN CB   C N N 45  
ASN CG   C N N 46  
ASN OD1  O N N 47  
ASN ND2  N N N 48  
ASN OXT  O N N 49  
ASN H    H N N 50  
ASN H2   H N N 51  
ASN HA   H N N 52  
ASN HB2  H N N 53  
ASN HB3  H N N 54  
ASN HD21 H N N 55  
ASN HD22 H N N 56  
ASN HXT  H N N 57  
ASP N    N N N 58  
ASP CA   C N S 59  
ASP C    C N N 60  
ASP O    O N N 61  
ASP CB   C N N 62  
ASP CG   C N N 63  
ASP OD1  O N N 64  
ASP OD2  O N N 65  
ASP OXT  O N N 66  
ASP H    H N N 67  
ASP H2   H N N 68  
ASP HA   H N N 69  
ASP HB2  H N N 70  
ASP HB3  H N N 71  
ASP HD2  H N N 72  
ASP HXT  H N N 73  
GLN N    N N N 74  
GLN CA   C N S 75  
GLN C    C N N 76  
GLN O    O N N 77  
GLN CB   C N N 78  
GLN CG   C N N 79  
GLN CD   C N N 80  
GLN OE1  O N N 81  
GLN NE2  N N N 82  
GLN OXT  O N N 83  
GLN H    H N N 84  
GLN H2   H N N 85  
GLN HA   H N N 86  
GLN HB2  H N N 87  
GLN HB3  H N N 88  
GLN HG2  H N N 89  
GLN HG3  H N N 90  
GLN HE21 H N N 91  
GLN HE22 H N N 92  
GLN HXT  H N N 93  
GLU N    N N N 94  
GLU CA   C N S 95  
GLU C    C N N 96  
GLU O    O N N 97  
GLU CB   C N N 98  
GLU CG   C N N 99  
GLU CD   C N N 100 
GLU OE1  O N N 101 
GLU OE2  O N N 102 
GLU OXT  O N N 103 
GLU H    H N N 104 
GLU H2   H N N 105 
GLU HA   H N N 106 
GLU HB2  H N N 107 
GLU HB3  H N N 108 
GLU HG2  H N N 109 
GLU HG3  H N N 110 
GLU HE2  H N N 111 
GLU HXT  H N N 112 
GLY N    N N N 113 
GLY CA   C N N 114 
GLY C    C N N 115 
GLY O    O N N 116 
GLY OXT  O N N 117 
GLY H    H N N 118 
GLY H2   H N N 119 
GLY HA2  H N N 120 
GLY HA3  H N N 121 
GLY HXT  H N N 122 
HIS N    N N N 123 
HIS CA   C N S 124 
HIS C    C N N 125 
HIS O    O N N 126 
HIS CB   C N N 127 
HIS CG   C Y N 128 
HIS ND1  N Y N 129 
HIS CD2  C Y N 130 
HIS CE1  C Y N 131 
HIS NE2  N Y N 132 
HIS OXT  O N N 133 
HIS H    H N N 134 
HIS H2   H N N 135 
HIS HA   H N N 136 
HIS HB2  H N N 137 
HIS HB3  H N N 138 
HIS HD1  H N N 139 
HIS HD2  H N N 140 
HIS HE1  H N N 141 
HIS HE2  H N N 142 
HIS HXT  H N N 143 
HOH O    O N N 144 
HOH H1   H N N 145 
HOH H2   H N N 146 
ILE N    N N N 147 
ILE CA   C N S 148 
ILE C    C N N 149 
ILE O    O N N 150 
ILE CB   C N S 151 
ILE CG1  C N N 152 
ILE CG2  C N N 153 
ILE CD1  C N N 154 
ILE OXT  O N N 155 
ILE H    H N N 156 
ILE H2   H N N 157 
ILE HA   H N N 158 
ILE HB   H N N 159 
ILE HG12 H N N 160 
ILE HG13 H N N 161 
ILE HG21 H N N 162 
ILE HG22 H N N 163 
ILE HG23 H N N 164 
ILE HD11 H N N 165 
ILE HD12 H N N 166 
ILE HD13 H N N 167 
ILE HXT  H N N 168 
LEU N    N N N 169 
LEU CA   C N S 170 
LEU C    C N N 171 
LEU O    O N N 172 
LEU CB   C N N 173 
LEU CG   C N N 174 
LEU CD1  C N N 175 
LEU CD2  C N N 176 
LEU OXT  O N N 177 
LEU H    H N N 178 
LEU H2   H N N 179 
LEU HA   H N N 180 
LEU HB2  H N N 181 
LEU HB3  H N N 182 
LEU HG   H N N 183 
LEU HD11 H N N 184 
LEU HD12 H N N 185 
LEU HD13 H N N 186 
LEU HD21 H N N 187 
LEU HD22 H N N 188 
LEU HD23 H N N 189 
LEU HXT  H N N 190 
LYS N    N N N 191 
LYS CA   C N S 192 
LYS C    C N N 193 
LYS O    O N N 194 
LYS CB   C N N 195 
LYS CG   C N N 196 
LYS CD   C N N 197 
LYS CE   C N N 198 
LYS NZ   N N N 199 
LYS OXT  O N N 200 
LYS H    H N N 201 
LYS H2   H N N 202 
LYS HA   H N N 203 
LYS HB2  H N N 204 
LYS HB3  H N N 205 
LYS HG2  H N N 206 
LYS HG3  H N N 207 
LYS HD2  H N N 208 
LYS HD3  H N N 209 
LYS HE2  H N N 210 
LYS HE3  H N N 211 
LYS HZ1  H N N 212 
LYS HZ2  H N N 213 
LYS HZ3  H N N 214 
LYS HXT  H N N 215 
MET N    N N N 216 
MET CA   C N S 217 
MET C    C N N 218 
MET O    O N N 219 
MET CB   C N N 220 
MET CG   C N N 221 
MET SD   S N N 222 
MET CE   C N N 223 
MET OXT  O N N 224 
MET H    H N N 225 
MET H2   H N N 226 
MET HA   H N N 227 
MET HB2  H N N 228 
MET HB3  H N N 229 
MET HG2  H N N 230 
MET HG3  H N N 231 
MET HE1  H N N 232 
MET HE2  H N N 233 
MET HE3  H N N 234 
MET HXT  H N N 235 
PHE N    N N N 236 
PHE CA   C N S 237 
PHE C    C N N 238 
PHE O    O N N 239 
PHE CB   C N N 240 
PHE CG   C Y N 241 
PHE CD1  C Y N 242 
PHE CD2  C Y N 243 
PHE CE1  C Y N 244 
PHE CE2  C Y N 245 
PHE CZ   C Y N 246 
PHE OXT  O N N 247 
PHE H    H N N 248 
PHE H2   H N N 249 
PHE HA   H N N 250 
PHE HB2  H N N 251 
PHE HB3  H N N 252 
PHE HD1  H N N 253 
PHE HD2  H N N 254 
PHE HE1  H N N 255 
PHE HE2  H N N 256 
PHE HZ   H N N 257 
PHE HXT  H N N 258 
PRO N    N N N 259 
PRO CA   C N S 260 
PRO C    C N N 261 
PRO O    O N N 262 
PRO CB   C N N 263 
PRO CG   C N N 264 
PRO CD   C N N 265 
PRO OXT  O N N 266 
PRO H    H N N 267 
PRO HA   H N N 268 
PRO HB2  H N N 269 
PRO HB3  H N N 270 
PRO HG2  H N N 271 
PRO HG3  H N N 272 
PRO HD2  H N N 273 
PRO HD3  H N N 274 
PRO HXT  H N N 275 
SER N    N N N 276 
SER CA   C N S 277 
SER C    C N N 278 
SER O    O N N 279 
SER CB   C N N 280 
SER OG   O N N 281 
SER OXT  O N N 282 
SER H    H N N 283 
SER H2   H N N 284 
SER HA   H N N 285 
SER HB2  H N N 286 
SER HB3  H N N 287 
SER HG   H N N 288 
SER HXT  H N N 289 
THR N    N N N 290 
THR CA   C N S 291 
THR C    C N N 292 
THR O    O N N 293 
THR CB   C N R 294 
THR OG1  O N N 295 
THR CG2  C N N 296 
THR OXT  O N N 297 
THR H    H N N 298 
THR H2   H N N 299 
THR HA   H N N 300 
THR HB   H N N 301 
THR HG1  H N N 302 
THR HG21 H N N 303 
THR HG22 H N N 304 
THR HG23 H N N 305 
THR HXT  H N N 306 
TRP N    N N N 307 
TRP CA   C N S 308 
TRP C    C N N 309 
TRP O    O N N 310 
TRP CB   C N N 311 
TRP CG   C Y N 312 
TRP CD1  C Y N 313 
TRP CD2  C Y N 314 
TRP NE1  N Y N 315 
TRP CE2  C Y N 316 
TRP CE3  C Y N 317 
TRP CZ2  C Y N 318 
TRP CZ3  C Y N 319 
TRP CH2  C Y N 320 
TRP OXT  O N N 321 
TRP H    H N N 322 
TRP H2   H N N 323 
TRP HA   H N N 324 
TRP HB2  H N N 325 
TRP HB3  H N N 326 
TRP HD1  H N N 327 
TRP HE1  H N N 328 
TRP HE3  H N N 329 
TRP HZ2  H N N 330 
TRP HZ3  H N N 331 
TRP HH2  H N N 332 
TRP HXT  H N N 333 
TYR N    N N N 334 
TYR CA   C N S 335 
TYR C    C N N 336 
TYR O    O N N 337 
TYR CB   C N N 338 
TYR CG   C Y N 339 
TYR CD1  C Y N 340 
TYR CD2  C Y N 341 
TYR CE1  C Y N 342 
TYR CE2  C Y N 343 
TYR CZ   C Y N 344 
TYR OH   O N N 345 
TYR OXT  O N N 346 
TYR H    H N N 347 
TYR H2   H N N 348 
TYR HA   H N N 349 
TYR HB2  H N N 350 
TYR HB3  H N N 351 
TYR HD1  H N N 352 
TYR HD2  H N N 353 
TYR HE1  H N N 354 
TYR HE2  H N N 355 
TYR HH   H N N 356 
TYR HXT  H N N 357 
VAL N    N N N 358 
VAL CA   C N S 359 
VAL C    C N N 360 
VAL O    O N N 361 
VAL CB   C N N 362 
VAL CG1  C N N 363 
VAL CG2  C N N 364 
VAL OXT  O N N 365 
VAL H    H N N 366 
VAL H2   H N N 367 
VAL HA   H N N 368 
VAL HB   H N N 369 
VAL HG11 H N N 370 
VAL HG12 H N N 371 
VAL HG13 H N N 372 
VAL HG21 H N N 373 
VAL HG22 H N N 374 
VAL HG23 H N N 375 
VAL HXT  H N N 376 
# 
loop_
_chem_comp_bond.comp_id 
_chem_comp_bond.atom_id_1 
_chem_comp_bond.atom_id_2 
_chem_comp_bond.value_order 
_chem_comp_bond.pdbx_aromatic_flag 
_chem_comp_bond.pdbx_stereo_config 
_chem_comp_bond.pdbx_ordinal 
ALA N   CA   sing N N 1   
ALA N   H    sing N N 2   
ALA N   H2   sing N N 3   
ALA CA  C    sing N N 4   
ALA CA  CB   sing N N 5   
ALA CA  HA   sing N N 6   
ALA C   O    doub N N 7   
ALA C   OXT  sing N N 8   
ALA CB  HB1  sing N N 9   
ALA CB  HB2  sing N N 10  
ALA CB  HB3  sing N N 11  
ALA OXT HXT  sing N N 12  
ARG N   CA   sing N N 13  
ARG N   H    sing N N 14  
ARG N   H2   sing N N 15  
ARG CA  C    sing N N 16  
ARG CA  CB   sing N N 17  
ARG CA  HA   sing N N 18  
ARG C   O    doub N N 19  
ARG C   OXT  sing N N 20  
ARG CB  CG   sing N N 21  
ARG CB  HB2  sing N N 22  
ARG CB  HB3  sing N N 23  
ARG CG  CD   sing N N 24  
ARG CG  HG2  sing N N 25  
ARG CG  HG3  sing N N 26  
ARG CD  NE   sing N N 27  
ARG CD  HD2  sing N N 28  
ARG CD  HD3  sing N N 29  
ARG NE  CZ   sing N N 30  
ARG NE  HE   sing N N 31  
ARG CZ  NH1  sing N N 32  
ARG CZ  NH2  doub N N 33  
ARG NH1 HH11 sing N N 34  
ARG NH1 HH12 sing N N 35  
ARG NH2 HH21 sing N N 36  
ARG NH2 HH22 sing N N 37  
ARG OXT HXT  sing N N 38  
ASN N   CA   sing N N 39  
ASN N   H    sing N N 40  
ASN N   H2   sing N N 41  
ASN CA  C    sing N N 42  
ASN CA  CB   sing N N 43  
ASN CA  HA   sing N N 44  
ASN C   O    doub N N 45  
ASN C   OXT  sing N N 46  
ASN CB  CG   sing N N 47  
ASN CB  HB2  sing N N 48  
ASN CB  HB3  sing N N 49  
ASN CG  OD1  doub N N 50  
ASN CG  ND2  sing N N 51  
ASN ND2 HD21 sing N N 52  
ASN ND2 HD22 sing N N 53  
ASN OXT HXT  sing N N 54  
ASP N   CA   sing N N 55  
ASP N   H    sing N N 56  
ASP N   H2   sing N N 57  
ASP CA  C    sing N N 58  
ASP CA  CB   sing N N 59  
ASP CA  HA   sing N N 60  
ASP C   O    doub N N 61  
ASP C   OXT  sing N N 62  
ASP CB  CG   sing N N 63  
ASP CB  HB2  sing N N 64  
ASP CB  HB3  sing N N 65  
ASP CG  OD1  doub N N 66  
ASP CG  OD2  sing N N 67  
ASP OD2 HD2  sing N N 68  
ASP OXT HXT  sing N N 69  
GLN N   CA   sing N N 70  
GLN N   H    sing N N 71  
GLN N   H2   sing N N 72  
GLN CA  C    sing N N 73  
GLN CA  CB   sing N N 74  
GLN CA  HA   sing N N 75  
GLN C   O    doub N N 76  
GLN C   OXT  sing N N 77  
GLN CB  CG   sing N N 78  
GLN CB  HB2  sing N N 79  
GLN CB  HB3  sing N N 80  
GLN CG  CD   sing N N 81  
GLN CG  HG2  sing N N 82  
GLN CG  HG3  sing N N 83  
GLN CD  OE1  doub N N 84  
GLN CD  NE2  sing N N 85  
GLN NE2 HE21 sing N N 86  
GLN NE2 HE22 sing N N 87  
GLN OXT HXT  sing N N 88  
GLU N   CA   sing N N 89  
GLU N   H    sing N N 90  
GLU N   H2   sing N N 91  
GLU CA  C    sing N N 92  
GLU CA  CB   sing N N 93  
GLU CA  HA   sing N N 94  
GLU C   O    doub N N 95  
GLU C   OXT  sing N N 96  
GLU CB  CG   sing N N 97  
GLU CB  HB2  sing N N 98  
GLU CB  HB3  sing N N 99  
GLU CG  CD   sing N N 100 
GLU CG  HG2  sing N N 101 
GLU CG  HG3  sing N N 102 
GLU CD  OE1  doub N N 103 
GLU CD  OE2  sing N N 104 
GLU OE2 HE2  sing N N 105 
GLU OXT HXT  sing N N 106 
GLY N   CA   sing N N 107 
GLY N   H    sing N N 108 
GLY N   H2   sing N N 109 
GLY CA  C    sing N N 110 
GLY CA  HA2  sing N N 111 
GLY CA  HA3  sing N N 112 
GLY C   O    doub N N 113 
GLY C   OXT  sing N N 114 
GLY OXT HXT  sing N N 115 
HIS N   CA   sing N N 116 
HIS N   H    sing N N 117 
HIS N   H2   sing N N 118 
HIS CA  C    sing N N 119 
HIS CA  CB   sing N N 120 
HIS CA  HA   sing N N 121 
HIS C   O    doub N N 122 
HIS C   OXT  sing N N 123 
HIS CB  CG   sing N N 124 
HIS CB  HB2  sing N N 125 
HIS CB  HB3  sing N N 126 
HIS CG  ND1  sing Y N 127 
HIS CG  CD2  doub Y N 128 
HIS ND1 CE1  doub Y N 129 
HIS ND1 HD1  sing N N 130 
HIS CD2 NE2  sing Y N 131 
HIS CD2 HD2  sing N N 132 
HIS CE1 NE2  sing Y N 133 
HIS CE1 HE1  sing N N 134 
HIS NE2 HE2  sing N N 135 
HIS OXT HXT  sing N N 136 
HOH O   H1   sing N N 137 
HOH O   H2   sing N N 138 
ILE N   CA   sing N N 139 
ILE N   H    sing N N 140 
ILE N   H2   sing N N 141 
ILE CA  C    sing N N 142 
ILE CA  CB   sing N N 143 
ILE CA  HA   sing N N 144 
ILE C   O    doub N N 145 
ILE C   OXT  sing N N 146 
ILE CB  CG1  sing N N 147 
ILE CB  CG2  sing N N 148 
ILE CB  HB   sing N N 149 
ILE CG1 CD1  sing N N 150 
ILE CG1 HG12 sing N N 151 
ILE CG1 HG13 sing N N 152 
ILE CG2 HG21 sing N N 153 
ILE CG2 HG22 sing N N 154 
ILE CG2 HG23 sing N N 155 
ILE CD1 HD11 sing N N 156 
ILE CD1 HD12 sing N N 157 
ILE CD1 HD13 sing N N 158 
ILE OXT HXT  sing N N 159 
LEU N   CA   sing N N 160 
LEU N   H    sing N N 161 
LEU N   H2   sing N N 162 
LEU CA  C    sing N N 163 
LEU CA  CB   sing N N 164 
LEU CA  HA   sing N N 165 
LEU C   O    doub N N 166 
LEU C   OXT  sing N N 167 
LEU CB  CG   sing N N 168 
LEU CB  HB2  sing N N 169 
LEU CB  HB3  sing N N 170 
LEU CG  CD1  sing N N 171 
LEU CG  CD2  sing N N 172 
LEU CG  HG   sing N N 173 
LEU CD1 HD11 sing N N 174 
LEU CD1 HD12 sing N N 175 
LEU CD1 HD13 sing N N 176 
LEU CD2 HD21 sing N N 177 
LEU CD2 HD22 sing N N 178 
LEU CD2 HD23 sing N N 179 
LEU OXT HXT  sing N N 180 
LYS N   CA   sing N N 181 
LYS N   H    sing N N 182 
LYS N   H2   sing N N 183 
LYS CA  C    sing N N 184 
LYS CA  CB   sing N N 185 
LYS CA  HA   sing N N 186 
LYS C   O    doub N N 187 
LYS C   OXT  sing N N 188 
LYS CB  CG   sing N N 189 
LYS CB  HB2  sing N N 190 
LYS CB  HB3  sing N N 191 
LYS CG  CD   sing N N 192 
LYS CG  HG2  sing N N 193 
LYS CG  HG3  sing N N 194 
LYS CD  CE   sing N N 195 
LYS CD  HD2  sing N N 196 
LYS CD  HD3  sing N N 197 
LYS CE  NZ   sing N N 198 
LYS CE  HE2  sing N N 199 
LYS CE  HE3  sing N N 200 
LYS NZ  HZ1  sing N N 201 
LYS NZ  HZ2  sing N N 202 
LYS NZ  HZ3  sing N N 203 
LYS OXT HXT  sing N N 204 
MET N   CA   sing N N 205 
MET N   H    sing N N 206 
MET N   H2   sing N N 207 
MET CA  C    sing N N 208 
MET CA  CB   sing N N 209 
MET CA  HA   sing N N 210 
MET C   O    doub N N 211 
MET C   OXT  sing N N 212 
MET CB  CG   sing N N 213 
MET CB  HB2  sing N N 214 
MET CB  HB3  sing N N 215 
MET CG  SD   sing N N 216 
MET CG  HG2  sing N N 217 
MET CG  HG3  sing N N 218 
MET SD  CE   sing N N 219 
MET CE  HE1  sing N N 220 
MET CE  HE2  sing N N 221 
MET CE  HE3  sing N N 222 
MET OXT HXT  sing N N 223 
PHE N   CA   sing N N 224 
PHE N   H    sing N N 225 
PHE N   H2   sing N N 226 
PHE CA  C    sing N N 227 
PHE CA  CB   sing N N 228 
PHE CA  HA   sing N N 229 
PHE C   O    doub N N 230 
PHE C   OXT  sing N N 231 
PHE CB  CG   sing N N 232 
PHE CB  HB2  sing N N 233 
PHE CB  HB3  sing N N 234 
PHE CG  CD1  doub Y N 235 
PHE CG  CD2  sing Y N 236 
PHE CD1 CE1  sing Y N 237 
PHE CD1 HD1  sing N N 238 
PHE CD2 CE2  doub Y N 239 
PHE CD2 HD2  sing N N 240 
PHE CE1 CZ   doub Y N 241 
PHE CE1 HE1  sing N N 242 
PHE CE2 CZ   sing Y N 243 
PHE CE2 HE2  sing N N 244 
PHE CZ  HZ   sing N N 245 
PHE OXT HXT  sing N N 246 
PRO N   CA   sing N N 247 
PRO N   CD   sing N N 248 
PRO N   H    sing N N 249 
PRO CA  C    sing N N 250 
PRO CA  CB   sing N N 251 
PRO CA  HA   sing N N 252 
PRO C   O    doub N N 253 
PRO C   OXT  sing N N 254 
PRO CB  CG   sing N N 255 
PRO CB  HB2  sing N N 256 
PRO CB  HB3  sing N N 257 
PRO CG  CD   sing N N 258 
PRO CG  HG2  sing N N 259 
PRO CG  HG3  sing N N 260 
PRO CD  HD2  sing N N 261 
PRO CD  HD3  sing N N 262 
PRO OXT HXT  sing N N 263 
SER N   CA   sing N N 264 
SER N   H    sing N N 265 
SER N   H2   sing N N 266 
SER CA  C    sing N N 267 
SER CA  CB   sing N N 268 
SER CA  HA   sing N N 269 
SER C   O    doub N N 270 
SER C   OXT  sing N N 271 
SER CB  OG   sing N N 272 
SER CB  HB2  sing N N 273 
SER CB  HB3  sing N N 274 
SER OG  HG   sing N N 275 
SER OXT HXT  sing N N 276 
THR N   CA   sing N N 277 
THR N   H    sing N N 278 
THR N   H2   sing N N 279 
THR CA  C    sing N N 280 
THR CA  CB   sing N N 281 
THR CA  HA   sing N N 282 
THR C   O    doub N N 283 
THR C   OXT  sing N N 284 
THR CB  OG1  sing N N 285 
THR CB  CG2  sing N N 286 
THR CB  HB   sing N N 287 
THR OG1 HG1  sing N N 288 
THR CG2 HG21 sing N N 289 
THR CG2 HG22 sing N N 290 
THR CG2 HG23 sing N N 291 
THR OXT HXT  sing N N 292 
TRP N   CA   sing N N 293 
TRP N   H    sing N N 294 
TRP N   H2   sing N N 295 
TRP CA  C    sing N N 296 
TRP CA  CB   sing N N 297 
TRP CA  HA   sing N N 298 
TRP C   O    doub N N 299 
TRP C   OXT  sing N N 300 
TRP CB  CG   sing N N 301 
TRP CB  HB2  sing N N 302 
TRP CB  HB3  sing N N 303 
TRP CG  CD1  doub Y N 304 
TRP CG  CD2  sing Y N 305 
TRP CD1 NE1  sing Y N 306 
TRP CD1 HD1  sing N N 307 
TRP CD2 CE2  doub Y N 308 
TRP CD2 CE3  sing Y N 309 
TRP NE1 CE2  sing Y N 310 
TRP NE1 HE1  sing N N 311 
TRP CE2 CZ2  sing Y N 312 
TRP CE3 CZ3  doub Y N 313 
TRP CE3 HE3  sing N N 314 
TRP CZ2 CH2  doub Y N 315 
TRP CZ2 HZ2  sing N N 316 
TRP CZ3 CH2  sing Y N 317 
TRP CZ3 HZ3  sing N N 318 
TRP CH2 HH2  sing N N 319 
TRP OXT HXT  sing N N 320 
TYR N   CA   sing N N 321 
TYR N   H    sing N N 322 
TYR N   H2   sing N N 323 
TYR CA  C    sing N N 324 
TYR CA  CB   sing N N 325 
TYR CA  HA   sing N N 326 
TYR C   O    doub N N 327 
TYR C   OXT  sing N N 328 
TYR CB  CG   sing N N 329 
TYR CB  HB2  sing N N 330 
TYR CB  HB3  sing N N 331 
TYR CG  CD1  doub Y N 332 
TYR CG  CD2  sing Y N 333 
TYR CD1 CE1  sing Y N 334 
TYR CD1 HD1  sing N N 335 
TYR CD2 CE2  doub Y N 336 
TYR CD2 HD2  sing N N 337 
TYR CE1 CZ   doub Y N 338 
TYR CE1 HE1  sing N N 339 
TYR CE2 CZ   sing Y N 340 
TYR CE2 HE2  sing N N 341 
TYR CZ  OH   sing N N 342 
TYR OH  HH   sing N N 343 
TYR OXT HXT  sing N N 344 
VAL N   CA   sing N N 345 
VAL N   H    sing N N 346 
VAL N   H2   sing N N 347 
VAL CA  C    sing N N 348 
VAL CA  CB   sing N N 349 
VAL CA  HA   sing N N 350 
VAL C   O    doub N N 351 
VAL C   OXT  sing N N 352 
VAL CB  CG1  sing N N 353 
VAL CB  CG2  sing N N 354 
VAL CB  HB   sing N N 355 
VAL CG1 HG11 sing N N 356 
VAL CG1 HG12 sing N N 357 
VAL CG1 HG13 sing N N 358 
VAL CG2 HG21 sing N N 359 
VAL CG2 HG22 sing N N 360 
VAL CG2 HG23 sing N N 361 
VAL OXT HXT  sing N N 362 
# 
_pdbx_entity_nonpoly.entity_id   3 
_pdbx_entity_nonpoly.name        water 
_pdbx_entity_nonpoly.comp_id     HOH 
# 
loop_
_pdbx_initial_refinement_model.id 
_pdbx_initial_refinement_model.entity_id_list 
_pdbx_initial_refinement_model.type 
_pdbx_initial_refinement_model.source_name 
_pdbx_initial_refinement_model.accession_code 
_pdbx_initial_refinement_model.details 
1 ? 'experimental model' PDB 2C60 'pdb entries 2C60, 1WI0' 
2 ? 'experimental model' PDB 1WI0 'pdb entries 2C60, 1WI0' 
# 
